data_7KHF
#
_entry.id   7KHF
#
_cell.length_a   1.00
_cell.length_b   1.00
_cell.length_c   1.00
_cell.angle_alpha   90.00
_cell.angle_beta   90.00
_cell.angle_gamma   90.00
#
_symmetry.space_group_name_H-M   'P 1'
#
loop_
_entity.id
_entity.type
_entity.pdbx_description
1 polymer 'MDB1 Fab heavy chain'
2 polymer 'MDB1 Fab light chain'
3 polymer Rifin
4 branched 2-acetamido-2-deoxy-beta-D-glucopyranose-(1-4)-2-acetamido-2-deoxy-beta-D-glucopyranose
5 non-polymer 2-acetamido-2-deoxy-beta-D-glucopyranose
#
loop_
_entity_poly.entity_id
_entity_poly.type
_entity_poly.pdbx_seq_one_letter_code
_entity_poly.pdbx_strand_id
1 'polypeptide(L)'
;QITLKESGPTLVERTQTLTLTCTFSGFSLTTDGLGVGWIRQPPGKALEWLALIYYDDVRRYRPSLKSRLTITKDTSKNRV
VLTVTDMDPVDAGTYFCVHASLFNLGSRNVYFRYWGQGTLVSVSSGVSKKPSLSVQPGPIVAPEETLTLQCGSDAGYNRF
VLYKDGERDFLQLAGAQPQAGLSQANFTLGPVSRSYGGQYRCYGAHNLSSEWSAPSDPLDILIAGQFYDRVSLSVQPGPT
VASGENVTLLCQSQGWMQTFLLTKEGAADDPWRLRSTYQSQKYQAEFPMGPVTSAHAGTYRCYGSQSSKPYLLTHPSDPL
ELVVSASTKGPSVFPLAPCSRSTSESTAALGCLVKDYFPEPVTVSWNSGALTSGVHTFPAVLQSSGLYSLSSVVTVPSSS
LGTKTYTCNVDHKPSNTKVDKRVESKY
;
H,A
2 'polypeptide(L)'
;SYDLTQPPSVSVSPGQTARITCSGDSLARQFASWYQQKPGQSPVLLIYKNIERLSAIPERFSGSTSGTSVTLTISGVQAE
DEADYFCQSADDSGSYSLFGTGTRVSVLGQPKANPTVTLFPPSSEELQANKATLVCLISDFYPGAVTVAWKADGSPVKAG
VETTKPSKQSNNKYAASSYLSLTPEQWKSHRSYSCQVTHEGSTVEKTVAPTECS
;
L,B
3 'polypeptide(L)'
;KELAEKAGALAGEAARIPAAIDAVIEGIKSKFSIDTLGGEALKSVIDGTNYYDASYITTAIYNKFQVSSCLPSVPFLGGP
PVPGAGANKPICSAVDKLYLGSGNFLDKSSLPGSIQKDVAKIVAGAEQAAKAKAAMVASDKTLAVETAKKQ
;
D,C
#
loop_
_chem_comp.id
_chem_comp.type
_chem_comp.name
_chem_comp.formula
NAG D-saccharide, beta linking 2-acetamido-2-deoxy-beta-D-glucopyranose 'C8 H15 N O6'
#
# COMPACT_ATOMS: atom_id res chain seq x y z
N GLN A 1 20.45 10.96 31.96
CA GLN A 1 19.16 11.59 32.23
C GLN A 1 18.61 12.26 30.99
N ILE A 2 19.02 11.76 29.82
CA ILE A 2 18.59 12.35 28.56
C ILE A 2 17.10 12.10 28.37
N THR A 3 16.33 13.17 28.27
CA THR A 3 14.89 13.07 28.06
C THR A 3 14.48 13.96 26.90
N LEU A 4 13.44 13.54 26.19
CA LEU A 4 12.86 14.31 25.11
C LEU A 4 11.35 14.31 25.28
N LYS A 5 10.74 15.49 25.24
CA LYS A 5 9.31 15.65 25.48
C LYS A 5 8.69 16.33 24.28
N GLU A 6 8.05 15.55 23.42
CA GLU A 6 7.34 16.14 22.28
C GLU A 6 6.05 16.78 22.75
N SER A 7 5.60 17.77 21.97
CA SER A 7 4.36 18.48 22.30
C SER A 7 3.93 19.27 21.07
N GLY A 8 2.67 19.08 20.66
CA GLY A 8 2.16 19.76 19.51
C GLY A 8 0.70 19.46 19.25
N PRO A 9 0.14 20.01 18.18
CA PRO A 9 -1.26 19.76 17.85
C PRO A 9 -1.52 18.27 17.64
N THR A 10 -2.68 17.83 18.10
CA THR A 10 -3.10 16.44 17.96
C THR A 10 -4.17 16.25 16.89
N LEU A 11 -5.16 17.13 16.85
CA LEU A 11 -6.20 17.09 15.82
C LEU A 11 -5.95 18.19 14.81
N VAL A 12 -6.02 17.84 13.53
CA VAL A 12 -5.69 18.75 12.45
C VAL A 12 -6.50 18.39 11.21
N GLU A 13 -6.86 19.40 10.43
CA GLU A 13 -7.70 19.19 9.27
C GLU A 13 -6.94 18.48 8.16
N ARG A 14 -7.63 18.26 7.05
CA ARG A 14 -7.13 17.41 5.97
C ARG A 14 -6.20 18.12 5.00
N THR A 15 -6.07 19.45 5.07
CA THR A 15 -5.15 20.15 4.18
C THR A 15 -4.44 21.27 4.95
N GLN A 16 -3.99 20.96 6.16
CA GLN A 16 -3.28 21.93 6.98
C GLN A 16 -1.93 21.34 7.38
N THR A 17 -1.12 22.16 8.03
CA THR A 17 0.25 21.80 8.33
C THR A 17 0.40 21.46 9.81
N LEU A 18 1.03 20.33 10.10
CA LEU A 18 1.37 19.92 11.45
C LEU A 18 2.66 20.60 11.87
N THR A 19 2.73 21.01 13.14
CA THR A 19 3.95 21.64 13.67
C THR A 19 4.22 21.03 15.05
N LEU A 20 4.99 19.94 15.07
CA LEU A 20 5.44 19.41 16.34
C LEU A 20 6.64 20.22 16.85
N THR A 21 6.96 20.04 18.14
CA THR A 21 8.06 20.79 18.73
C THR A 21 8.70 19.91 19.80
N CYS A 22 9.81 19.28 19.45
CA CYS A 22 10.57 18.51 20.42
C CYS A 22 11.24 19.45 21.42
N THR A 23 11.57 18.90 22.59
CA THR A 23 12.26 19.68 23.62
C THR A 23 13.15 18.72 24.39
N PHE A 24 14.46 18.86 24.23
CA PHE A 24 15.43 17.92 24.78
C PHE A 24 16.29 18.60 25.82
N SER A 25 16.54 17.90 26.92
CA SER A 25 17.38 18.40 28.01
C SER A 25 18.40 17.34 28.37
N GLY A 26 19.66 17.75 28.52
CA GLY A 26 20.70 16.82 28.90
C GLY A 26 21.90 16.85 27.98
N PHE A 27 21.64 17.04 26.68
CA PHE A 27 22.69 17.12 25.68
C PHE A 27 22.45 18.33 24.80
N SER A 28 23.54 18.90 24.29
CA SER A 28 23.47 20.08 23.44
C SER A 28 23.91 19.74 22.03
N LEU A 29 23.18 20.28 21.04
CA LEU A 29 23.46 19.96 19.66
C LEU A 29 24.81 20.47 19.17
N THR A 30 25.47 21.33 19.94
CA THR A 30 26.79 21.80 19.56
C THR A 30 27.88 20.79 19.84
N THR A 31 27.53 19.61 20.33
CA THR A 31 28.49 18.55 20.60
C THR A 31 28.66 17.71 19.34
N ASP A 32 29.91 17.41 19.00
CA ASP A 32 30.19 16.72 17.75
C ASP A 32 29.62 15.31 17.74
N GLY A 33 29.08 14.91 16.60
CA GLY A 33 28.58 13.56 16.38
C GLY A 33 27.12 13.35 16.73
N LEU A 34 26.43 14.34 17.28
CA LEU A 34 25.06 14.15 17.71
C LEU A 34 24.09 14.47 16.58
N GLY A 35 22.80 14.41 16.91
CA GLY A 35 21.78 14.72 15.93
C GLY A 35 20.42 14.46 16.55
N VAL A 36 19.40 15.07 15.94
CA VAL A 36 18.03 14.96 16.39
C VAL A 36 17.14 14.72 15.17
N GLY A 37 16.19 13.80 15.29
CA GLY A 37 15.31 13.50 14.18
C GLY A 37 13.96 13.02 14.65
N TRP A 38 13.07 12.79 13.69
CA TRP A 38 11.70 12.37 13.96
C TRP A 38 11.42 11.04 13.28
N ILE A 39 10.74 10.15 14.00
CA ILE A 39 10.35 8.84 13.50
C ILE A 39 8.84 8.71 13.62
N ARG A 40 8.20 8.18 12.59
CA ARG A 40 6.76 8.04 12.52
C ARG A 40 6.37 6.58 12.55
N GLN A 41 5.31 6.26 13.26
CA GLN A 41 4.78 4.90 13.31
C GLN A 41 3.26 4.94 13.16
N PRO A 42 2.72 4.50 12.05
CA PRO A 42 1.27 4.38 11.93
C PRO A 42 0.73 3.36 12.91
N PRO A 43 -0.57 3.34 13.17
CA PRO A 43 -1.12 2.40 14.16
C PRO A 43 -0.87 0.95 13.75
N GLY A 44 -0.08 0.26 14.57
CA GLY A 44 0.20 -1.15 14.36
C GLY A 44 0.93 -1.48 13.08
N LYS A 45 1.98 -0.72 12.77
CA LYS A 45 2.78 -0.95 11.56
C LYS A 45 4.24 -0.69 11.87
N ALA A 46 5.07 -0.81 10.85
CA ALA A 46 6.51 -0.66 11.01
C ALA A 46 6.90 0.81 11.09
N LEU A 47 8.07 1.05 11.67
CA LEU A 47 8.57 2.41 11.82
C LEU A 47 9.00 2.97 10.47
N GLU A 48 8.87 4.29 10.34
CA GLU A 48 9.28 5.01 9.15
C GLU A 48 10.10 6.22 9.56
N TRP A 49 11.27 6.38 8.96
CA TRP A 49 12.12 7.52 9.24
C TRP A 49 11.61 8.74 8.48
N LEU A 50 11.61 9.90 9.14
CA LEU A 50 11.02 11.10 8.56
C LEU A 50 12.06 12.18 8.26
N ALA A 51 12.81 12.63 9.26
CA ALA A 51 13.76 13.71 9.06
C ALA A 51 14.83 13.63 10.14
N LEU A 52 15.93 14.34 9.90
CA LEU A 52 17.04 14.32 10.85
C LEU A 52 17.91 15.53 10.60
N ILE A 53 18.39 16.14 11.68
CA ILE A 53 19.30 17.27 11.61
C ILE A 53 20.50 16.99 12.51
N TYR A 54 21.70 17.15 11.96
CA TYR A 54 22.91 16.77 12.68
C TYR A 54 23.44 17.97 13.47
N TYR A 55 24.67 17.85 13.96
CA TYR A 55 25.31 18.92 14.71
C TYR A 55 25.85 19.95 13.74
N ASP A 56 25.01 20.39 12.81
CA ASP A 56 25.47 21.17 11.68
C ASP A 56 24.25 21.82 11.04
N ASP A 57 24.46 22.43 9.87
CA ASP A 57 23.37 23.01 9.10
C ASP A 57 22.86 22.05 8.04
N VAL A 58 23.08 20.75 8.22
CA VAL A 58 22.75 19.75 7.24
C VAL A 58 21.48 19.03 7.66
N ARG A 59 20.55 18.87 6.73
CA ARG A 59 19.28 18.21 6.98
C ARG A 59 19.11 17.10 5.98
N ARG A 60 18.65 15.94 6.45
CA ARG A 60 18.37 14.81 5.58
C ARG A 60 16.91 14.42 5.70
N TYR A 61 16.24 14.27 4.55
CA TYR A 61 14.83 13.97 4.52
C TYR A 61 14.60 12.61 3.87
N ARG A 62 13.44 12.04 4.16
CA ARG A 62 13.02 10.84 3.47
C ARG A 62 12.88 11.15 1.99
N PRO A 63 13.43 10.33 1.09
CA PRO A 63 13.44 10.69 -0.33
C PRO A 63 12.06 10.90 -0.92
N SER A 64 11.07 10.12 -0.51
CA SER A 64 9.73 10.21 -1.07
C SER A 64 8.87 11.27 -0.40
N LEU A 65 9.34 11.86 0.70
CA LEU A 65 8.61 12.92 1.39
C LEU A 65 9.41 14.21 1.47
N LYS A 66 10.44 14.35 0.65
CA LYS A 66 11.30 15.52 0.73
C LYS A 66 10.55 16.79 0.36
N SER A 67 9.48 16.68 -0.41
CA SER A 67 8.79 17.85 -0.92
C SER A 67 7.88 18.51 0.11
N ARG A 68 7.54 17.83 1.19
CA ARG A 68 6.55 18.31 2.17
C ARG A 68 7.07 18.13 3.59
N LEU A 69 8.31 18.54 3.83
CA LEU A 69 8.89 18.47 5.17
C LEU A 69 9.81 19.66 5.36
N THR A 70 9.96 20.09 6.61
CA THR A 70 10.87 21.18 6.92
C THR A 70 11.28 21.03 8.39
N ILE A 71 12.52 20.66 8.63
CA ILE A 71 13.05 20.52 9.98
C ILE A 71 13.97 21.69 10.27
N THR A 72 13.84 22.26 11.46
CA THR A 72 14.66 23.39 11.85
C THR A 72 15.07 23.23 13.31
N LYS A 73 16.15 23.91 13.67
CA LYS A 73 16.71 23.79 15.00
C LYS A 73 16.84 25.18 15.62
N ASP A 74 16.93 25.21 16.94
CA ASP A 74 17.22 26.43 17.68
C ASP A 74 18.12 26.03 18.85
N THR A 75 19.43 26.16 18.65
CA THR A 75 20.36 25.65 19.65
C THR A 75 20.37 26.49 20.93
N SER A 76 20.05 27.78 20.82
CA SER A 76 20.04 28.63 22.01
C SER A 76 18.99 28.16 23.01
N LYS A 77 17.79 27.85 22.52
CA LYS A 77 16.70 27.32 23.33
C LYS A 77 16.36 25.96 22.75
N ASN A 78 16.90 24.91 23.38
CA ASN A 78 16.86 23.56 22.83
C ASN A 78 15.46 23.17 22.37
N ARG A 79 15.29 22.98 21.06
CA ARG A 79 14.02 22.55 20.49
C ARG A 79 14.21 22.31 19.00
N VAL A 80 13.35 21.46 18.45
CA VAL A 80 13.36 21.13 17.04
C VAL A 80 11.92 21.15 16.54
N VAL A 81 11.71 21.77 15.37
CA VAL A 81 10.36 21.97 14.84
C VAL A 81 10.26 21.21 13.51
N LEU A 82 9.27 20.34 13.42
CA LEU A 82 8.97 19.61 12.19
C LEU A 82 7.63 20.05 11.64
N THR A 83 7.57 20.28 10.33
CA THR A 83 6.35 20.79 9.70
C THR A 83 6.01 19.94 8.48
N VAL A 84 4.98 19.11 8.60
CA VAL A 84 4.43 18.40 7.45
C VAL A 84 3.33 19.28 6.84
N THR A 85 3.28 19.36 5.51
CA THR A 85 2.51 20.41 4.86
C THR A 85 1.18 19.95 4.26
N ASP A 86 1.03 18.70 3.87
CA ASP A 86 -0.13 18.27 3.09
C ASP A 86 -0.70 16.97 3.63
N MET A 87 -0.94 16.91 4.94
CA MET A 87 -1.34 15.67 5.58
C MET A 87 -2.65 15.12 5.02
N ASP A 88 -2.72 13.80 4.95
CA ASP A 88 -3.87 13.03 4.50
C ASP A 88 -4.28 12.10 5.64
N PRO A 89 -5.47 11.48 5.58
CA PRO A 89 -5.86 10.58 6.67
C PRO A 89 -5.00 9.33 6.79
N VAL A 90 -4.01 9.17 5.91
CA VAL A 90 -3.06 8.07 6.02
C VAL A 90 -1.78 8.47 6.75
N ASP A 91 -1.53 9.76 6.93
CA ASP A 91 -0.36 10.23 7.66
C ASP A 91 -0.68 10.48 9.13
N ALA A 92 -1.26 9.49 9.77
CA ALA A 92 -1.63 9.56 11.18
C ALA A 92 -0.94 8.42 11.93
N GLY A 93 -0.41 8.74 13.10
CA GLY A 93 0.30 7.73 13.87
C GLY A 93 0.77 8.23 15.22
N THR A 94 2.01 7.88 15.57
CA THR A 94 2.57 8.22 16.89
C THR A 94 3.98 8.74 16.65
N TYR A 95 4.12 10.04 16.40
CA TYR A 95 5.42 10.57 16.01
C TYR A 95 6.36 10.60 17.20
N PHE A 96 7.59 10.17 16.97
CA PHE A 96 8.62 10.11 18.00
C PHE A 96 9.69 11.16 17.72
N CYS A 97 10.23 11.74 18.78
CA CYS A 97 11.43 12.56 18.69
C CYS A 97 12.57 11.77 19.30
N VAL A 98 13.65 11.60 18.55
CA VAL A 98 14.71 10.68 18.95
C VAL A 98 16.06 11.37 18.94
N HIS A 99 16.93 10.88 19.81
CA HIS A 99 18.35 11.22 19.78
C HIS A 99 19.00 10.58 18.56
N ALA A 100 20.28 10.89 18.35
CA ALA A 100 21.02 10.29 17.25
C ALA A 100 22.49 10.29 17.60
N SER A 101 23.28 9.56 16.80
CA SER A 101 24.73 9.55 16.97
C SER A 101 25.39 8.93 15.76
N LEU A 102 26.42 9.59 15.23
CA LEU A 102 27.12 9.06 14.07
C LEU A 102 27.98 7.87 14.48
N PHE A 103 27.98 6.83 13.65
CA PHE A 103 28.88 5.71 13.87
C PHE A 103 30.32 6.16 13.75
N ASN A 104 30.65 6.81 12.64
CA ASN A 104 31.99 7.25 12.32
C ASN A 104 31.90 8.14 11.09
N LEU A 105 32.82 9.09 10.98
CA LEU A 105 32.78 9.99 9.85
C LEU A 105 33.08 9.24 8.56
N GLY A 106 32.52 9.73 7.46
CA GLY A 106 32.64 9.08 6.17
C GLY A 106 31.37 8.39 5.72
N SER A 107 30.37 8.27 6.58
CA SER A 107 29.06 7.75 6.19
C SER A 107 28.05 8.21 7.22
N ARG A 108 27.08 9.01 6.79
CA ARG A 108 26.09 9.57 7.71
C ARG A 108 25.02 8.53 8.07
N ASN A 109 25.49 7.45 8.69
CA ASN A 109 24.64 6.44 9.27
C ASN A 109 24.63 6.59 10.78
N VAL A 110 23.45 6.58 11.38
CA VAL A 110 23.30 6.85 12.79
C VAL A 110 22.47 5.77 13.44
N TYR A 111 22.56 5.70 14.78
CA TYR A 111 21.73 4.82 15.57
C TYR A 111 21.02 5.62 16.65
N PHE A 112 19.70 5.52 16.69
CA PHE A 112 18.91 6.33 17.61
C PHE A 112 18.86 5.65 18.96
N ARG A 113 19.40 6.31 19.98
CA ARG A 113 19.56 5.69 21.29
C ARG A 113 18.48 6.09 22.29
N TYR A 114 18.36 7.38 22.60
CA TYR A 114 17.42 7.86 23.60
C TYR A 114 16.14 8.32 22.91
N TRP A 115 15.12 7.47 22.93
CA TRP A 115 13.86 7.81 22.28
C TRP A 115 13.00 8.65 23.20
N GLY A 116 11.90 9.15 22.64
CA GLY A 116 10.94 9.93 23.39
C GLY A 116 9.62 9.19 23.51
N GLN A 117 8.74 9.73 24.33
CA GLN A 117 7.44 9.12 24.50
C GLN A 117 6.58 9.36 23.27
N GLY A 118 5.44 8.66 23.22
CA GLY A 118 4.57 8.78 22.07
C GLY A 118 3.97 10.17 21.94
N THR A 119 3.47 10.45 20.73
CA THR A 119 2.78 11.71 20.46
C THR A 119 1.71 11.42 19.41
N LEU A 120 0.51 11.10 19.88
CA LEU A 120 -0.55 10.67 18.98
C LEU A 120 -1.02 11.84 18.12
N VAL A 121 -1.13 11.59 16.81
CA VAL A 121 -1.59 12.60 15.87
C VAL A 121 -2.70 12.00 15.02
N SER A 122 -3.84 12.68 14.96
CA SER A 122 -4.98 12.21 14.20
C SER A 122 -5.44 13.31 13.24
N VAL A 123 -5.86 12.90 12.06
CA VAL A 123 -6.30 13.81 11.01
C VAL A 123 -7.77 13.54 10.71
N SER A 124 -8.58 14.59 10.74
CA SER A 124 -10.01 14.46 10.49
C SER A 124 -10.26 14.29 9.00
N SER A 125 -11.08 13.30 8.65
CA SER A 125 -11.42 13.07 7.26
C SER A 125 -12.28 14.22 6.74
N GLY A 126 -11.98 14.66 5.52
CA GLY A 126 -12.74 15.72 4.90
C GLY A 126 -14.10 15.23 4.42
N VAL A 127 -14.91 16.19 3.96
CA VAL A 127 -16.27 15.88 3.53
C VAL A 127 -16.19 15.48 2.06
N SER A 128 -15.82 14.23 1.85
CA SER A 128 -15.81 13.62 0.53
C SER A 128 -16.49 12.26 0.52
N LYS A 129 -16.32 11.48 1.57
CA LYS A 129 -16.97 10.17 1.64
C LYS A 129 -18.47 10.34 1.85
N LYS A 130 -19.22 9.54 1.20
CA LYS A 130 -20.65 9.68 1.31
C LYS A 130 -21.22 8.65 2.29
N PRO A 131 -22.27 9.01 3.02
CA PRO A 131 -22.91 8.04 3.91
C PRO A 131 -23.62 6.95 3.12
N SER A 132 -23.82 5.82 3.77
CA SER A 132 -24.55 4.70 3.19
C SER A 132 -25.89 4.57 3.89
N LEU A 133 -26.97 4.57 3.11
CA LEU A 133 -28.31 4.50 3.65
C LEU A 133 -28.88 3.11 3.43
N SER A 134 -29.30 2.47 4.51
CA SER A 134 -29.88 1.14 4.43
C SER A 134 -31.11 1.08 5.32
N VAL A 135 -32.07 0.23 4.94
CA VAL A 135 -33.37 0.14 5.60
C VAL A 135 -33.60 -1.30 6.04
N GLN A 136 -34.22 -1.45 7.20
CA GLN A 136 -34.64 -2.75 7.70
C GLN A 136 -36.10 -2.66 8.15
N PRO A 137 -36.87 -3.76 8.01
CA PRO A 137 -36.50 -5.08 7.51
C PRO A 137 -36.34 -5.15 6.00
N GLY A 138 -37.18 -4.42 5.28
CA GLY A 138 -37.13 -4.44 3.84
C GLY A 138 -37.70 -3.18 3.23
N PRO A 139 -37.33 -2.88 1.98
CA PRO A 139 -37.76 -1.62 1.37
C PRO A 139 -39.26 -1.50 1.21
N ILE A 140 -40.01 -2.60 1.22
CA ILE A 140 -41.45 -2.58 1.03
C ILE A 140 -42.12 -2.96 2.33
N VAL A 141 -43.11 -2.16 2.75
CA VAL A 141 -43.78 -2.34 4.02
C VAL A 141 -45.28 -2.23 3.84
N ALA A 142 -46.02 -2.91 4.72
CA ALA A 142 -47.46 -2.75 4.76
C ALA A 142 -47.79 -1.38 5.34
N PRO A 143 -48.96 -0.83 5.03
CA PRO A 143 -49.23 0.54 5.47
C PRO A 143 -49.67 0.61 6.92
N GLU A 144 -48.98 -0.12 7.80
CA GLU A 144 -49.28 -0.03 9.23
C GLU A 144 -48.06 -0.01 10.12
N GLU A 145 -46.88 -0.39 9.64
CA GLU A 145 -45.71 -0.55 10.49
C GLU A 145 -44.88 0.73 10.50
N THR A 146 -43.69 0.65 11.09
CA THR A 146 -42.76 1.76 11.16
C THR A 146 -41.40 1.30 10.66
N LEU A 147 -40.66 2.21 10.05
CA LEU A 147 -39.37 1.90 9.46
C LEU A 147 -38.26 2.64 10.18
N THR A 148 -37.06 2.07 10.14
CA THR A 148 -35.89 2.64 10.79
C THR A 148 -34.75 2.68 9.78
N LEU A 149 -34.65 3.76 9.02
CA LEU A 149 -33.54 3.93 8.10
C LEU A 149 -32.26 4.11 8.87
N GLN A 150 -31.19 3.47 8.40
CA GLN A 150 -29.89 3.54 9.06
C GLN A 150 -28.91 4.23 8.13
N CYS A 151 -28.36 5.36 8.56
CA CYS A 151 -27.30 6.04 7.82
C CYS A 151 -25.99 5.80 8.54
N GLY A 152 -25.04 5.18 7.83
CA GLY A 152 -23.74 4.92 8.41
C GLY A 152 -22.63 5.56 7.60
N SER A 153 -21.48 5.78 8.21
CA SER A 153 -20.37 6.40 7.50
C SER A 153 -19.07 5.88 8.07
N ASP A 154 -18.01 5.99 7.26
CA ASP A 154 -16.70 5.53 7.67
C ASP A 154 -15.74 6.72 7.66
N ALA A 155 -16.21 7.86 8.16
CA ALA A 155 -15.37 9.04 8.24
C ALA A 155 -15.52 9.81 9.56
N GLY A 156 -16.38 9.36 10.46
CA GLY A 156 -16.55 10.03 11.73
C GLY A 156 -17.46 11.25 11.67
N TYR A 157 -18.62 11.10 11.05
CA TYR A 157 -19.60 12.18 11.02
C TYR A 157 -20.35 12.23 12.34
N ASN A 158 -20.58 13.44 12.83
CA ASN A 158 -21.29 13.63 14.09
C ASN A 158 -22.78 13.88 13.93
N ARG A 159 -23.20 14.49 12.82
CA ARG A 159 -24.60 14.81 12.61
C ARG A 159 -25.04 14.33 11.25
N PHE A 160 -26.23 13.74 11.20
CA PHE A 160 -26.82 13.22 9.98
C PHE A 160 -28.17 13.88 9.75
N VAL A 161 -28.48 14.19 8.49
CA VAL A 161 -29.75 14.78 8.12
C VAL A 161 -30.36 13.98 6.99
N LEU A 162 -31.66 13.70 7.10
CA LEU A 162 -32.38 12.86 6.16
C LEU A 162 -33.27 13.73 5.27
N TYR A 163 -33.19 13.53 3.97
CA TYR A 163 -33.95 14.32 3.01
C TYR A 163 -34.80 13.39 2.15
N LYS A 164 -36.07 13.72 2.01
CA LYS A 164 -36.95 13.01 1.10
C LYS A 164 -37.19 13.91 -0.11
N ASP A 165 -36.91 13.40 -1.30
CA ASP A 165 -37.11 14.20 -2.49
C ASP A 165 -38.59 14.47 -2.71
N GLY A 166 -38.90 15.64 -3.25
CA GLY A 166 -40.25 16.11 -3.37
C GLY A 166 -40.65 17.11 -2.31
N GLU A 167 -39.88 17.20 -1.22
CA GLU A 167 -40.13 18.16 -0.16
C GLU A 167 -39.01 19.18 -0.11
N ARG A 168 -39.37 20.38 0.33
CA ARG A 168 -38.45 21.52 0.31
C ARG A 168 -37.44 21.50 1.45
N ASP A 169 -37.86 21.10 2.64
CA ASP A 169 -37.00 21.16 3.82
C ASP A 169 -36.66 19.76 4.30
N PHE A 170 -35.69 19.69 5.20
CA PHE A 170 -35.21 18.42 5.71
C PHE A 170 -36.27 17.71 6.54
N LEU A 171 -36.39 16.41 6.34
CA LEU A 171 -37.43 15.65 7.03
C LEU A 171 -37.08 15.43 8.49
N GLN A 172 -35.82 15.16 8.78
CA GLN A 172 -35.41 14.83 10.15
C GLN A 172 -33.92 15.09 10.28
N LEU A 173 -33.48 15.28 11.51
CA LEU A 173 -32.07 15.53 11.79
C LEU A 173 -31.70 14.83 13.08
N ALA A 174 -30.53 14.22 13.11
CA ALA A 174 -30.11 13.45 14.27
C ALA A 174 -28.59 13.41 14.33
N GLY A 175 -28.07 13.04 15.49
CA GLY A 175 -26.64 12.95 15.69
C GLY A 175 -26.28 11.68 16.41
N ALA A 176 -25.07 11.19 16.14
CA ALA A 176 -24.56 9.99 16.76
C ALA A 176 -23.10 10.19 17.12
N GLN A 177 -22.71 9.70 18.30
CA GLN A 177 -21.34 9.88 18.74
C GLN A 177 -20.38 9.08 17.87
N PRO A 178 -19.26 9.66 17.46
CA PRO A 178 -18.35 8.98 16.55
C PRO A 178 -17.56 7.88 17.24
N GLN A 179 -18.12 6.67 17.30
CA GLN A 179 -17.40 5.51 17.83
C GLN A 179 -16.08 5.32 17.08
N ALA A 180 -15.21 4.47 17.63
CA ALA A 180 -13.82 4.35 17.17
C ALA A 180 -13.64 4.50 15.67
N GLY A 181 -14.42 3.76 14.88
CA GLY A 181 -14.32 3.87 13.45
C GLY A 181 -15.58 4.27 12.73
N LEU A 182 -16.74 3.93 13.28
CA LEU A 182 -18.00 4.08 12.59
C LEU A 182 -18.99 4.84 13.45
N SER A 183 -19.90 5.54 12.78
CA SER A 183 -21.01 6.22 13.42
C SER A 183 -22.28 5.92 12.65
N GLN A 184 -23.40 5.86 13.36
CA GLN A 184 -24.64 5.42 12.73
C GLN A 184 -25.83 6.08 13.40
N ALA A 185 -26.70 6.68 12.59
CA ALA A 185 -27.95 7.25 13.07
C ALA A 185 -29.10 6.28 12.78
N ASN A 186 -30.22 6.50 13.46
CA ASN A 186 -31.32 5.55 13.45
C ASN A 186 -32.65 6.27 13.25
N PHE A 187 -32.73 7.11 12.22
CA PHE A 187 -33.99 7.79 11.89
C PHE A 187 -35.17 6.82 11.91
N THR A 188 -36.19 7.16 12.67
CA THR A 188 -37.38 6.33 12.80
C THR A 188 -38.55 7.05 12.14
N LEU A 189 -39.08 6.47 11.08
CA LEU A 189 -40.28 6.99 10.46
C LEU A 189 -41.49 6.70 11.36
N GLY A 190 -42.54 7.49 11.19
CA GLY A 190 -43.76 7.28 11.92
C GLY A 190 -44.56 6.15 11.33
N PRO A 191 -45.80 5.99 11.78
CA PRO A 191 -46.68 5.00 11.14
C PRO A 191 -46.92 5.34 9.69
N VAL A 192 -46.51 4.44 8.79
CA VAL A 192 -46.48 4.76 7.38
C VAL A 192 -47.90 4.91 6.83
N SER A 193 -47.99 5.59 5.70
CA SER A 193 -49.26 5.79 5.00
C SER A 193 -48.96 5.81 3.51
N ARG A 194 -49.93 6.28 2.72
CA ARG A 194 -49.74 6.30 1.27
C ARG A 194 -48.59 7.22 0.88
N SER A 195 -48.49 8.38 1.51
CA SER A 195 -47.54 9.40 1.06
C SER A 195 -46.20 9.32 1.80
N TYR A 196 -45.61 8.12 1.85
CA TYR A 196 -44.20 7.96 2.23
C TYR A 196 -43.39 7.28 1.14
N GLY A 197 -43.92 7.20 -0.07
CA GLY A 197 -43.13 6.71 -1.19
C GLY A 197 -42.22 7.79 -1.72
N GLY A 198 -41.07 7.38 -2.22
CA GLY A 198 -40.13 8.31 -2.80
C GLY A 198 -38.71 7.85 -2.56
N GLN A 199 -37.78 8.76 -2.86
CA GLN A 199 -36.35 8.49 -2.77
C GLN A 199 -35.78 9.27 -1.60
N TYR A 200 -35.54 8.57 -0.49
CA TYR A 200 -34.90 9.18 0.66
C TYR A 200 -33.39 9.17 0.48
N ARG A 201 -32.74 10.23 0.96
CA ARG A 201 -31.29 10.30 0.95
C ARG A 201 -30.85 11.08 2.18
N CYS A 202 -29.65 10.79 2.67
CA CYS A 202 -29.13 11.46 3.86
C CYS A 202 -27.71 11.90 3.65
N TYR A 203 -27.38 13.07 4.19
CA TYR A 203 -26.06 13.69 4.09
C TYR A 203 -25.32 13.52 5.42
N GLY A 204 -24.16 14.14 5.54
CA GLY A 204 -23.41 14.08 6.78
C GLY A 204 -22.51 15.28 6.94
N ALA A 205 -22.18 15.57 8.19
CA ALA A 205 -21.30 16.69 8.51
C ALA A 205 -20.70 16.49 9.88
N HIS A 206 -19.57 17.17 10.11
CA HIS A 206 -18.87 17.04 11.39
C HIS A 206 -19.52 17.84 12.49
N ASN A 207 -20.24 18.91 12.15
CA ASN A 207 -21.07 19.63 13.10
C ASN A 207 -22.12 20.39 12.29
N LEU A 208 -23.08 20.99 12.97
CA LEU A 208 -24.19 21.62 12.28
C LEU A 208 -23.83 23.00 11.72
N SER A 209 -22.53 23.28 11.57
CA SER A 209 -22.08 24.55 11.01
C SER A 209 -20.97 24.37 9.99
N SER A 210 -20.94 23.24 9.30
CA SER A 210 -19.89 22.94 8.33
C SER A 210 -20.51 22.44 7.03
N GLU A 211 -19.67 22.31 6.01
CA GLU A 211 -20.14 21.88 4.71
C GLU A 211 -20.56 20.41 4.76
N TRP A 212 -21.75 20.12 4.24
CA TRP A 212 -22.26 18.77 4.22
C TRP A 212 -21.59 17.96 3.12
N SER A 213 -21.54 16.65 3.32
CA SER A 213 -20.85 15.76 2.41
C SER A 213 -21.67 15.52 1.15
N ALA A 214 -21.17 14.64 0.29
CA ALA A 214 -21.88 14.29 -0.91
C ALA A 214 -23.13 13.48 -0.55
N PRO A 215 -24.18 13.57 -1.36
CA PRO A 215 -25.43 12.90 -1.02
C PRO A 215 -25.25 11.38 -1.02
N SER A 216 -26.00 10.73 -0.13
CA SER A 216 -26.06 9.28 -0.17
C SER A 216 -26.85 8.81 -1.38
N ASP A 217 -26.63 7.57 -1.77
CA ASP A 217 -27.38 7.02 -2.89
C ASP A 217 -28.86 6.90 -2.53
N PRO A 218 -29.76 7.25 -3.44
CA PRO A 218 -31.19 7.22 -3.12
C PRO A 218 -31.63 5.82 -2.71
N LEU A 219 -32.53 5.78 -1.75
CA LEU A 219 -33.15 4.55 -1.28
C LEU A 219 -34.64 4.59 -1.60
N ASP A 220 -35.12 3.55 -2.27
CA ASP A 220 -36.51 3.49 -2.69
C ASP A 220 -37.33 2.80 -1.61
N ILE A 221 -38.31 3.51 -1.06
CA ILE A 221 -39.26 2.95 -0.11
C ILE A 221 -40.58 2.81 -0.82
N LEU A 222 -41.08 1.58 -0.92
CA LEU A 222 -42.35 1.29 -1.55
C LEU A 222 -43.36 0.86 -0.51
N ILE A 223 -44.59 1.34 -0.64
CA ILE A 223 -45.66 1.03 0.30
C ILE A 223 -46.71 0.22 -0.42
N ALA A 224 -47.07 -0.93 0.16
CA ALA A 224 -48.00 -1.87 -0.45
C ALA A 224 -49.40 -1.67 0.08
N GLY A 225 -50.37 -2.23 -0.64
CA GLY A 225 -51.74 -2.22 -0.18
C GLY A 225 -52.62 -1.09 -0.66
N GLN A 226 -52.21 -0.38 -1.71
CA GLN A 226 -53.00 0.73 -2.24
C GLN A 226 -53.57 0.44 -3.62
N PHE A 227 -53.76 -0.83 -3.96
CA PHE A 227 -54.41 -1.22 -5.19
C PHE A 227 -55.44 -2.29 -4.87
N TYR A 228 -56.51 -2.33 -5.67
CA TYR A 228 -57.64 -3.19 -5.35
C TYR A 228 -57.38 -4.65 -5.74
N ASP A 229 -57.00 -4.90 -6.99
CA ASP A 229 -56.82 -6.26 -7.47
C ASP A 229 -55.63 -6.93 -6.80
N ARG A 230 -55.64 -8.26 -6.80
CA ARG A 230 -54.62 -9.05 -6.14
C ARG A 230 -53.83 -9.89 -7.13
N VAL A 231 -52.69 -10.41 -6.67
CA VAL A 231 -51.81 -11.24 -7.48
C VAL A 231 -51.58 -12.57 -6.76
N SER A 232 -51.19 -13.57 -7.53
CA SER A 232 -50.95 -14.91 -6.99
C SER A 232 -49.64 -15.45 -7.54
N LEU A 233 -48.99 -16.29 -6.74
CA LEU A 233 -47.68 -16.83 -7.07
C LEU A 233 -47.72 -18.35 -7.04
N SER A 234 -46.98 -18.97 -7.95
CA SER A 234 -46.90 -20.42 -8.03
C SER A 234 -45.63 -20.79 -8.77
N VAL A 235 -45.11 -21.98 -8.47
CA VAL A 235 -43.86 -22.46 -9.05
C VAL A 235 -44.16 -23.59 -10.02
N GLN A 236 -43.46 -23.58 -11.17
CA GLN A 236 -43.72 -24.58 -12.20
C GLN A 236 -43.37 -26.00 -11.75
N PRO A 237 -42.20 -26.29 -11.19
CA PRO A 237 -41.97 -27.61 -10.60
C PRO A 237 -42.65 -27.69 -9.24
N GLY A 238 -42.46 -28.82 -8.57
CA GLY A 238 -42.99 -28.98 -7.23
C GLY A 238 -42.22 -28.09 -6.25
N PRO A 239 -42.88 -27.64 -5.18
CA PRO A 239 -42.17 -26.79 -4.21
C PRO A 239 -40.93 -27.43 -3.64
N THR A 240 -40.93 -28.74 -3.40
CA THR A 240 -39.73 -29.43 -2.97
C THR A 240 -38.87 -29.77 -4.18
N VAL A 241 -37.59 -29.46 -4.10
CA VAL A 241 -36.67 -29.65 -5.21
C VAL A 241 -35.40 -30.32 -4.71
N ALA A 242 -34.68 -30.95 -5.62
CA ALA A 242 -33.53 -31.79 -5.28
C ALA A 242 -32.20 -31.07 -5.47
N SER A 243 -32.16 -29.75 -5.26
CA SER A 243 -30.94 -28.97 -5.21
C SER A 243 -30.17 -28.94 -6.53
N GLY A 244 -30.76 -29.41 -7.62
CA GLY A 244 -30.08 -29.34 -8.90
C GLY A 244 -31.00 -29.15 -10.10
N GLU A 245 -32.23 -28.68 -9.86
CA GLU A 245 -33.25 -28.66 -10.90
C GLU A 245 -33.62 -27.24 -11.26
N ASN A 246 -34.00 -27.06 -12.53
CA ASN A 246 -34.58 -25.82 -13.01
C ASN A 246 -35.80 -25.47 -12.17
N VAL A 247 -35.83 -24.26 -11.62
CA VAL A 247 -36.99 -23.78 -10.89
C VAL A 247 -37.38 -22.42 -11.45
N THR A 248 -38.66 -22.23 -11.69
CA THR A 248 -39.14 -21.02 -12.39
C THR A 248 -40.39 -20.52 -11.69
N LEU A 249 -40.22 -19.53 -10.81
CA LEU A 249 -41.35 -18.92 -10.14
C LEU A 249 -42.18 -18.13 -11.15
N LEU A 250 -43.49 -18.15 -10.93
CA LEU A 250 -44.44 -17.48 -11.82
C LEU A 250 -45.33 -16.55 -11.03
N CYS A 251 -45.59 -15.38 -11.58
CA CYS A 251 -46.54 -14.43 -11.00
C CYS A 251 -47.64 -14.17 -12.02
N GLN A 252 -48.88 -14.43 -11.62
CA GLN A 252 -50.01 -14.35 -12.53
C GLN A 252 -51.17 -13.66 -11.81
N SER A 253 -51.88 -12.80 -12.54
CA SER A 253 -52.98 -12.06 -11.96
C SER A 253 -53.81 -11.42 -13.06
N GLN A 254 -55.00 -10.98 -12.70
CA GLN A 254 -55.78 -10.09 -13.56
C GLN A 254 -55.24 -8.67 -13.38
N GLY A 255 -55.99 -7.69 -13.87
CA GLY A 255 -55.61 -6.30 -13.70
C GLY A 255 -54.47 -5.90 -14.60
N TRP A 256 -54.32 -4.59 -14.76
CA TRP A 256 -53.29 -4.03 -15.65
C TRP A 256 -52.11 -3.55 -14.83
N MET A 257 -51.25 -4.49 -14.45
CA MET A 257 -49.98 -4.20 -13.81
C MET A 257 -48.86 -4.48 -14.79
N GLN A 258 -47.98 -3.48 -14.98
CA GLN A 258 -46.90 -3.58 -15.94
C GLN A 258 -45.54 -3.81 -15.27
N THR A 259 -45.54 -4.23 -14.01
CA THR A 259 -44.28 -4.42 -13.30
C THR A 259 -44.53 -5.31 -12.09
N PHE A 260 -43.76 -6.38 -11.97
CA PHE A 260 -43.91 -7.34 -10.89
C PHE A 260 -42.66 -7.38 -10.04
N LEU A 261 -42.84 -7.67 -8.75
CA LEU A 261 -41.73 -7.79 -7.82
C LEU A 261 -41.79 -9.14 -7.12
N LEU A 262 -40.61 -9.65 -6.78
CA LEU A 262 -40.47 -10.94 -6.12
C LEU A 262 -39.50 -10.76 -4.96
N THR A 263 -39.96 -10.99 -3.74
CA THR A 263 -39.16 -10.75 -2.55
C THR A 263 -39.06 -12.03 -1.73
N LYS A 264 -37.90 -12.23 -1.12
CA LYS A 264 -37.64 -13.37 -0.25
C LYS A 264 -37.52 -12.89 1.17
N GLU A 265 -38.32 -13.45 2.07
CA GLU A 265 -38.30 -13.02 3.46
C GLU A 265 -36.96 -13.36 4.11
N GLY A 266 -36.51 -12.46 4.98
CA GLY A 266 -35.26 -12.65 5.69
C GLY A 266 -34.05 -12.05 5.02
N ALA A 267 -34.18 -11.58 3.78
CA ALA A 267 -33.07 -10.97 3.06
C ALA A 267 -33.39 -9.50 2.80
N ALA A 268 -32.39 -8.66 3.00
CA ALA A 268 -32.51 -7.22 2.76
C ALA A 268 -32.14 -6.84 1.34
N ASP A 269 -31.84 -7.81 0.48
CA ASP A 269 -31.43 -7.53 -0.88
C ASP A 269 -32.57 -6.89 -1.66
N ASP A 270 -32.20 -6.19 -2.72
CA ASP A 270 -33.18 -5.46 -3.51
C ASP A 270 -34.14 -6.44 -4.17
N PRO A 271 -35.41 -6.08 -4.29
CA PRO A 271 -36.37 -6.98 -4.96
C PRO A 271 -36.10 -7.06 -6.45
N TRP A 272 -36.45 -8.21 -7.02
CA TRP A 272 -36.40 -8.36 -8.46
C TRP A 272 -37.60 -7.68 -9.09
N ARG A 273 -37.39 -7.13 -10.28
CA ARG A 273 -38.45 -6.42 -10.99
C ARG A 273 -38.45 -6.84 -12.45
N LEU A 274 -39.64 -7.14 -12.98
CA LEU A 274 -39.78 -7.54 -14.37
C LEU A 274 -41.06 -6.96 -14.95
N ARG A 275 -41.11 -6.86 -16.26
CA ARG A 275 -42.30 -6.42 -16.96
C ARG A 275 -43.22 -7.61 -17.24
N SER A 276 -44.43 -7.30 -17.69
CA SER A 276 -45.47 -8.30 -17.86
C SER A 276 -45.88 -8.41 -19.32
N THR A 277 -46.30 -9.61 -19.71
CA THR A 277 -46.75 -9.89 -21.06
C THR A 277 -48.15 -10.50 -21.02
N TYR A 278 -49.00 -10.07 -21.94
CA TYR A 278 -50.42 -10.45 -21.92
C TYR A 278 -50.55 -11.81 -22.60
N GLN A 279 -50.74 -12.86 -21.79
CA GLN A 279 -50.89 -14.21 -22.30
C GLN A 279 -52.14 -14.84 -21.72
N SER A 280 -53.03 -15.32 -22.60
CA SER A 280 -54.22 -16.07 -22.20
C SER A 280 -55.09 -15.28 -21.21
N GLN A 281 -55.36 -14.02 -21.55
CA GLN A 281 -56.19 -13.13 -20.74
C GLN A 281 -55.66 -12.95 -19.32
N LYS A 282 -54.35 -13.14 -19.13
CA LYS A 282 -53.74 -13.01 -17.81
C LYS A 282 -52.42 -12.26 -17.95
N TYR A 283 -52.20 -11.30 -17.07
CA TYR A 283 -50.92 -10.60 -17.01
C TYR A 283 -49.95 -11.43 -16.17
N GLN A 284 -48.82 -11.82 -16.74
CA GLN A 284 -47.88 -12.66 -16.03
C GLN A 284 -46.45 -12.25 -16.33
N ALA A 285 -45.57 -12.55 -15.39
CA ALA A 285 -44.13 -12.42 -15.55
C ALA A 285 -43.48 -13.70 -15.04
N GLU A 286 -42.39 -14.12 -15.70
CA GLU A 286 -41.77 -15.39 -15.43
C GLU A 286 -40.35 -15.17 -14.91
N PHE A 287 -40.04 -15.77 -13.77
CA PHE A 287 -38.77 -15.54 -13.09
C PHE A 287 -37.91 -16.79 -13.15
N PRO A 288 -36.95 -16.88 -14.07
CA PRO A 288 -36.08 -18.06 -14.14
C PRO A 288 -35.00 -18.00 -13.08
N MET A 289 -35.13 -18.85 -12.06
CA MET A 289 -34.10 -18.92 -11.02
C MET A 289 -32.89 -19.73 -11.44
N GLY A 290 -32.96 -20.47 -12.53
CA GLY A 290 -31.86 -21.29 -12.97
C GLY A 290 -31.62 -22.42 -11.99
N PRO A 291 -30.40 -22.96 -11.97
CA PRO A 291 -30.07 -23.96 -10.96
C PRO A 291 -30.25 -23.40 -9.57
N VAL A 292 -30.73 -24.24 -8.67
CA VAL A 292 -31.06 -23.82 -7.30
C VAL A 292 -30.26 -24.66 -6.33
N THR A 293 -29.76 -24.03 -5.28
CA THR A 293 -29.04 -24.70 -4.21
C THR A 293 -29.72 -24.35 -2.89
N SER A 294 -29.08 -24.73 -1.78
CA SER A 294 -29.68 -24.52 -0.47
C SER A 294 -29.86 -23.05 -0.14
N ALA A 295 -29.12 -22.16 -0.81
CA ALA A 295 -29.23 -20.73 -0.50
C ALA A 295 -30.61 -20.20 -0.85
N HIS A 296 -31.17 -20.60 -1.99
CA HIS A 296 -32.48 -20.11 -2.43
C HIS A 296 -33.59 -20.82 -1.66
N ALA A 297 -33.55 -20.68 -0.34
CA ALA A 297 -34.54 -21.30 0.53
C ALA A 297 -35.26 -20.22 1.33
N GLY A 298 -36.53 -20.44 1.57
CA GLY A 298 -37.35 -19.50 2.30
C GLY A 298 -38.71 -19.38 1.66
N THR A 299 -39.37 -18.27 1.94
CA THR A 299 -40.71 -18.00 1.41
C THR A 299 -40.64 -16.81 0.47
N TYR A 300 -41.25 -16.96 -0.71
CA TYR A 300 -41.26 -15.93 -1.73
C TYR A 300 -42.68 -15.42 -1.91
N ARG A 301 -42.84 -14.10 -1.98
CA ARG A 301 -44.14 -13.49 -2.17
C ARG A 301 -44.07 -12.46 -3.30
N CYS A 302 -45.12 -12.41 -4.11
CA CYS A 302 -45.16 -11.55 -5.28
C CYS A 302 -45.83 -10.23 -4.97
N TYR A 303 -45.62 -9.26 -5.87
CA TYR A 303 -46.20 -7.93 -5.73
C TYR A 303 -46.48 -7.37 -7.12
N GLY A 304 -47.58 -6.64 -7.24
CA GLY A 304 -47.90 -5.94 -8.48
C GLY A 304 -47.44 -4.49 -8.41
N SER A 305 -47.49 -3.83 -9.57
CA SER A 305 -47.11 -2.42 -9.62
C SER A 305 -47.72 -1.77 -10.84
N GLN A 306 -47.73 -0.44 -10.83
CA GLN A 306 -48.15 0.35 -11.98
C GLN A 306 -47.19 1.51 -12.15
N SER A 307 -47.12 2.04 -13.37
CA SER A 307 -46.21 3.12 -13.66
C SER A 307 -46.77 4.51 -13.32
N SER A 308 -48.09 4.66 -13.31
CA SER A 308 -48.66 5.96 -12.97
C SER A 308 -48.28 6.36 -11.55
N LYS A 309 -48.33 5.42 -10.61
CA LYS A 309 -47.86 5.64 -9.26
C LYS A 309 -46.58 4.84 -9.06
N PRO A 310 -45.40 5.46 -9.12
CA PRO A 310 -44.16 4.67 -9.14
C PRO A 310 -43.90 3.90 -7.86
N TYR A 311 -44.36 4.40 -6.72
CA TYR A 311 -44.00 3.83 -5.42
C TYR A 311 -45.21 3.27 -4.68
N LEU A 312 -46.09 2.57 -5.39
CA LEU A 312 -47.25 1.94 -4.78
C LEU A 312 -47.36 0.51 -5.32
N LEU A 313 -47.52 -0.45 -4.42
CA LEU A 313 -47.58 -1.86 -4.78
C LEU A 313 -48.93 -2.44 -4.38
N THR A 314 -49.37 -3.45 -5.13
CA THR A 314 -50.61 -4.13 -4.81
C THR A 314 -50.46 -4.92 -3.52
N HIS A 315 -51.55 -5.53 -3.09
CA HIS A 315 -51.55 -6.21 -1.81
C HIS A 315 -50.69 -7.48 -1.93
N PRO A 316 -49.93 -7.82 -0.88
CA PRO A 316 -49.01 -8.95 -0.98
C PRO A 316 -49.72 -10.26 -1.29
N SER A 317 -49.05 -11.11 -2.05
CA SER A 317 -49.61 -12.37 -2.46
C SER A 317 -49.38 -13.45 -1.41
N ASP A 318 -50.00 -14.61 -1.63
CA ASP A 318 -49.86 -15.72 -0.70
C ASP A 318 -48.42 -16.24 -0.72
N PRO A 319 -47.84 -16.50 0.44
CA PRO A 319 -46.48 -17.06 0.48
C PRO A 319 -46.45 -18.43 -0.17
N LEU A 320 -45.30 -18.77 -0.75
CA LEU A 320 -45.08 -20.10 -1.33
C LEU A 320 -43.68 -20.55 -0.93
N GLU A 321 -43.60 -21.23 0.21
CA GLU A 321 -42.30 -21.61 0.77
C GLU A 321 -41.61 -22.61 -0.14
N LEU A 322 -40.32 -22.38 -0.37
CA LEU A 322 -39.50 -23.25 -1.20
C LEU A 322 -38.46 -23.94 -0.32
N VAL A 323 -38.42 -25.27 -0.38
CA VAL A 323 -37.51 -26.07 0.43
C VAL A 323 -36.55 -26.78 -0.49
N VAL A 324 -35.25 -26.54 -0.30
CA VAL A 324 -34.20 -27.09 -1.13
C VAL A 324 -33.23 -27.85 -0.24
N SER A 325 -33.00 -29.12 -0.55
CA SER A 325 -32.07 -29.94 0.20
C SER A 325 -31.67 -31.14 -0.65
N ALA A 326 -30.41 -31.53 -0.55
CA ALA A 326 -29.92 -32.66 -1.32
C ALA A 326 -30.52 -33.96 -0.78
N SER A 327 -30.52 -34.97 -1.63
CA SER A 327 -31.10 -36.27 -1.31
C SER A 327 -30.05 -37.18 -0.70
N THR A 328 -30.50 -38.05 0.21
CA THR A 328 -29.59 -38.99 0.85
C THR A 328 -28.99 -39.92 -0.19
N LYS A 329 -27.68 -40.16 -0.08
CA LYS A 329 -26.96 -40.94 -1.06
C LYS A 329 -26.35 -42.23 -0.52
N GLY A 330 -25.93 -42.25 0.73
CA GLY A 330 -25.34 -43.44 1.29
C GLY A 330 -23.86 -43.53 0.96
N PRO A 331 -23.00 -44.07 1.85
CA PRO A 331 -21.60 -44.03 1.57
C PRO A 331 -21.13 -45.04 0.55
N SER A 332 -19.97 -44.79 -0.04
CA SER A 332 -19.34 -45.78 -0.94
C SER A 332 -17.94 -45.99 -0.34
N VAL A 333 -17.64 -47.12 0.30
CA VAL A 333 -16.32 -47.24 1.00
C VAL A 333 -15.27 -47.62 -0.01
N PHE A 334 -14.00 -47.35 0.25
CA PHE A 334 -12.90 -47.66 -0.69
C PHE A 334 -11.65 -47.94 0.12
N PRO A 335 -10.91 -49.03 -0.10
CA PRO A 335 -9.72 -49.33 0.65
C PRO A 335 -8.56 -48.45 0.26
N LEU A 336 -7.61 -48.24 1.18
CA LEU A 336 -6.38 -47.45 0.87
C LEU A 336 -5.18 -48.06 1.60
N ALA A 337 -4.07 -48.27 0.91
CA ALA A 337 -2.87 -48.83 1.55
C ALA A 337 -1.67 -48.11 0.99
N PRO A 338 -0.58 -47.99 1.74
CA PRO A 338 0.52 -47.17 1.30
C PRO A 338 1.21 -47.73 0.06
N CYS A 339 1.15 -49.05 -0.19
CA CYS A 339 1.70 -49.77 -1.37
C CYS A 339 3.22 -49.67 -1.40
N SER A 340 3.81 -49.08 -0.37
CA SER A 340 5.29 -49.05 -0.22
C SER A 340 5.63 -49.39 1.22
N ARG A 341 5.68 -50.70 1.53
CA ARG A 341 5.94 -51.13 2.93
C ARG A 341 7.45 -51.13 3.15
N SER A 342 8.01 -49.93 3.40
CA SER A 342 9.46 -49.85 3.70
C SER A 342 9.74 -50.64 4.97
N THR A 343 10.78 -51.47 4.93
CA THR A 343 11.14 -52.31 6.10
C THR A 343 11.70 -51.45 7.22
N SER A 344 12.13 -50.21 6.90
CA SER A 344 12.74 -49.32 7.92
C SER A 344 11.64 -48.51 8.64
N GLU A 345 10.59 -49.19 9.09
CA GLU A 345 9.53 -48.50 9.87
C GLU A 345 8.78 -49.55 10.69
N SER A 346 8.30 -49.16 11.87
CA SER A 346 7.66 -50.14 12.77
C SER A 346 6.15 -50.10 12.61
N THR A 347 5.58 -48.98 12.18
CA THR A 347 4.11 -48.87 12.16
C THR A 347 3.61 -48.53 10.76
N ALA A 348 2.60 -49.26 10.30
CA ALA A 348 2.02 -48.98 8.97
C ALA A 348 0.88 -47.97 9.12
N ALA A 349 0.22 -47.65 8.01
CA ALA A 349 -0.84 -46.65 8.07
C ALA A 349 -2.08 -47.16 7.34
N LEU A 350 -2.58 -48.31 7.72
CA LEU A 350 -3.75 -48.87 7.04
C LEU A 350 -4.94 -48.00 7.37
N GLY A 351 -5.83 -47.87 6.40
CA GLY A 351 -7.04 -47.07 6.59
C GLY A 351 -8.07 -47.26 5.52
N CYS A 352 -9.28 -46.77 5.69
CA CYS A 352 -10.36 -46.76 4.84
C CYS A 352 -11.01 -45.54 4.61
N LEU A 353 -11.53 -45.26 3.40
CA LEU A 353 -12.07 -43.92 3.03
C LEU A 353 -13.55 -43.98 2.73
N VAL A 354 -14.33 -43.04 3.20
CA VAL A 354 -15.78 -43.00 2.93
C VAL A 354 -15.95 -41.84 1.96
N LYS A 355 -16.49 -42.08 0.79
CA LYS A 355 -16.40 -41.02 -0.23
C LYS A 355 -17.59 -40.09 -0.34
N ASP A 356 -18.79 -40.59 -0.54
CA ASP A 356 -19.92 -39.65 -0.73
C ASP A 356 -21.09 -40.02 0.16
N TYR A 357 -21.58 -39.08 0.95
CA TYR A 357 -22.81 -39.32 1.73
C TYR A 357 -23.38 -38.01 2.23
N PHE A 358 -24.69 -37.78 2.17
CA PHE A 358 -25.19 -36.44 2.57
C PHE A 358 -25.56 -36.39 4.03
N PRO A 359 -26.34 -37.31 4.60
CA PRO A 359 -26.68 -37.16 5.99
C PRO A 359 -25.43 -37.14 6.86
N GLU A 360 -25.34 -36.18 7.76
CA GLU A 360 -24.07 -35.97 8.48
C GLU A 360 -23.55 -37.08 9.37
N PRO A 361 -24.24 -37.79 10.28
CA PRO A 361 -23.56 -38.82 11.07
C PRO A 361 -23.14 -40.12 10.37
N VAL A 362 -21.85 -40.50 10.37
CA VAL A 362 -21.38 -41.82 9.84
C VAL A 362 -20.32 -42.26 10.82
N THR A 363 -20.21 -43.55 11.09
CA THR A 363 -19.25 -43.98 12.14
C THR A 363 -18.37 -45.07 11.58
N VAL A 364 -17.07 -45.04 11.85
CA VAL A 364 -16.27 -46.18 11.36
C VAL A 364 -15.77 -46.92 12.58
N SER A 365 -15.92 -48.23 12.61
CA SER A 365 -15.32 -49.01 13.71
C SER A 365 -14.58 -50.20 13.13
N TRP A 366 -13.40 -50.51 13.64
CA TRP A 366 -12.55 -51.56 13.04
C TRP A 366 -12.71 -52.93 13.70
N ASN A 367 -12.60 -54.03 12.94
CA ASN A 367 -12.73 -55.41 13.48
C ASN A 367 -13.97 -55.48 14.37
N SER A 368 -15.05 -54.82 13.98
CA SER A 368 -16.32 -54.90 14.73
C SER A 368 -16.16 -54.47 16.18
N GLY A 369 -15.70 -53.25 16.42
CA GLY A 369 -15.70 -52.70 17.77
C GLY A 369 -14.42 -52.93 18.52
N ALA A 370 -13.54 -53.74 17.96
CA ALA A 370 -12.24 -53.99 18.62
C ALA A 370 -11.18 -52.96 18.17
N LEU A 371 -9.94 -53.13 18.60
CA LEU A 371 -8.83 -52.23 18.17
C LEU A 371 -9.22 -50.77 18.47
N THR A 372 -9.68 -50.50 19.68
CA THR A 372 -10.07 -49.14 20.07
C THR A 372 -8.86 -48.21 20.13
N SER A 373 -7.66 -48.77 20.23
CA SER A 373 -6.45 -47.93 20.37
C SER A 373 -5.74 -47.82 19.03
N GLY A 374 -5.17 -46.65 18.73
CA GLY A 374 -4.41 -46.47 17.49
C GLY A 374 -5.31 -46.11 16.33
N VAL A 375 -6.59 -45.87 16.58
CA VAL A 375 -7.52 -45.54 15.48
C VAL A 375 -7.81 -44.05 15.52
N HIS A 376 -7.77 -43.40 14.35
CA HIS A 376 -8.07 -41.96 14.29
C HIS A 376 -9.13 -41.74 13.24
N THR A 377 -10.09 -40.87 13.52
CA THR A 377 -11.16 -40.58 12.53
C THR A 377 -11.20 -39.07 12.31
N PHE A 378 -10.83 -38.62 11.13
CA PHE A 378 -10.75 -37.18 10.84
C PHE A 378 -12.14 -36.63 10.58
N PRO A 379 -12.34 -35.33 10.77
CA PRO A 379 -13.65 -34.78 10.64
C PRO A 379 -14.14 -34.79 9.21
N ALA A 380 -15.43 -34.66 9.05
CA ALA A 380 -16.02 -34.76 7.71
C ALA A 380 -15.59 -33.61 6.82
N VAL A 381 -15.52 -33.86 5.53
CA VAL A 381 -15.11 -32.81 4.58
C VAL A 381 -16.29 -32.49 3.68
N LEU A 382 -16.68 -31.23 3.62
CA LEU A 382 -17.86 -30.85 2.81
C LEU A 382 -17.38 -30.56 1.41
N GLN A 383 -17.71 -31.45 0.50
CA GLN A 383 -17.25 -31.28 -0.89
C GLN A 383 -18.03 -30.17 -1.54
N SER A 384 -17.55 -29.66 -2.67
CA SER A 384 -18.24 -28.58 -3.39
C SER A 384 -19.59 -29.06 -3.85
N SER A 385 -19.71 -30.33 -4.22
CA SER A 385 -20.99 -30.83 -4.76
C SER A 385 -22.05 -31.01 -3.67
N GLY A 386 -21.68 -30.87 -2.41
CA GLY A 386 -22.65 -30.96 -1.32
C GLY A 386 -22.71 -32.31 -0.65
N LEU A 387 -21.77 -33.19 -0.93
CA LEU A 387 -21.73 -34.52 -0.28
C LEU A 387 -20.50 -34.65 0.62
N TYR A 388 -20.69 -35.12 1.84
CA TYR A 388 -19.57 -35.16 2.80
C TYR A 388 -18.57 -36.27 2.47
N SER A 389 -17.38 -36.25 3.08
CA SER A 389 -16.39 -37.33 2.92
C SER A 389 -15.69 -37.49 4.25
N LEU A 390 -15.11 -38.63 4.49
CA LEU A 390 -14.53 -39.01 5.78
C LEU A 390 -13.22 -39.76 5.53
N SER A 391 -12.48 -40.01 6.60
CA SER A 391 -11.33 -40.91 6.52
C SER A 391 -10.99 -41.40 7.90
N SER A 392 -10.49 -42.64 7.97
CA SER A 392 -10.04 -43.21 9.23
C SER A 392 -8.86 -44.12 8.97
N VAL A 393 -7.81 -43.96 9.77
CA VAL A 393 -6.61 -44.76 9.64
C VAL A 393 -6.25 -45.35 11.00
N VAL A 394 -5.58 -46.49 10.97
CA VAL A 394 -5.10 -47.17 12.16
C VAL A 394 -3.62 -47.44 11.99
N THR A 395 -2.85 -47.18 13.04
CA THR A 395 -1.40 -47.42 13.02
C THR A 395 -1.14 -48.76 13.69
N VAL A 396 -0.78 -49.75 12.89
CA VAL A 396 -0.55 -51.10 13.40
C VAL A 396 0.93 -51.45 13.26
N PRO A 397 1.49 -52.29 14.12
CA PRO A 397 2.92 -52.59 14.04
C PRO A 397 3.29 -53.33 12.76
N SER A 398 4.56 -53.19 12.38
CA SER A 398 5.06 -53.84 11.17
C SER A 398 4.97 -55.35 11.28
N SER A 399 5.27 -55.90 12.45
CA SER A 399 5.13 -57.34 12.65
C SER A 399 3.67 -57.77 12.52
N SER A 400 2.75 -56.95 13.03
CA SER A 400 1.33 -57.29 12.93
C SER A 400 0.88 -57.35 11.48
N LEU A 401 1.51 -56.59 10.61
CA LEU A 401 1.22 -56.71 9.18
C LEU A 401 1.66 -58.10 8.73
N GLY A 402 0.72 -58.86 8.19
CA GLY A 402 0.95 -60.25 7.86
C GLY A 402 -0.33 -61.04 7.98
N THR A 403 -0.32 -62.13 8.73
CA THR A 403 -1.53 -62.91 8.92
C THR A 403 -2.36 -62.37 10.09
N LYS A 404 -2.70 -61.09 10.00
CA LYS A 404 -3.57 -60.42 10.98
C LYS A 404 -4.60 -59.62 10.20
N THR A 405 -5.84 -60.12 10.17
CA THR A 405 -6.88 -59.49 9.39
C THR A 405 -7.24 -58.12 9.95
N TYR A 406 -7.37 -57.14 9.05
CA TYR A 406 -7.82 -55.81 9.41
C TYR A 406 -8.97 -55.41 8.50
N THR A 407 -10.06 -54.97 9.10
CA THR A 407 -11.25 -54.63 8.31
C THR A 407 -12.05 -53.54 9.01
N CYS A 408 -12.60 -52.57 8.27
CA CYS A 408 -13.29 -51.41 8.88
C CYS A 408 -14.76 -51.47 8.55
N ASN A 409 -15.62 -51.33 9.55
CA ASN A 409 -17.07 -51.47 9.32
C ASN A 409 -17.71 -50.11 9.47
N VAL A 410 -18.56 -49.67 8.54
CA VAL A 410 -19.11 -48.29 8.59
C VAL A 410 -20.62 -48.37 8.58
N ASP A 411 -21.30 -47.28 8.92
CA ASP A 411 -22.78 -47.27 8.99
C ASP A 411 -23.30 -45.86 8.71
N HIS A 412 -24.56 -45.71 8.27
CA HIS A 412 -25.16 -44.40 7.93
C HIS A 412 -26.67 -44.53 8.13
N LYS A 413 -27.12 -44.57 9.38
CA LYS A 413 -28.52 -44.82 9.73
C LYS A 413 -29.51 -44.18 8.77
N PRO A 414 -29.38 -42.92 8.36
CA PRO A 414 -30.40 -42.34 7.47
C PRO A 414 -30.54 -43.04 6.13
N SER A 415 -29.57 -43.84 5.72
CA SER A 415 -29.67 -44.60 4.49
C SER A 415 -29.83 -46.10 4.72
N ASN A 416 -29.74 -46.52 5.98
CA ASN A 416 -29.86 -47.96 6.32
C ASN A 416 -28.78 -48.76 5.58
N THR A 417 -27.52 -48.32 5.65
CA THR A 417 -26.42 -49.01 4.93
C THR A 417 -25.26 -49.38 5.84
N LYS A 418 -24.91 -50.67 5.92
CA LYS A 418 -23.71 -51.09 6.66
C LYS A 418 -22.83 -51.78 5.61
N VAL A 419 -21.59 -51.34 5.45
CA VAL A 419 -20.68 -51.95 4.46
C VAL A 419 -19.36 -52.26 5.14
N ASP A 420 -18.78 -53.42 4.87
CA ASP A 420 -17.53 -53.81 5.52
C ASP A 420 -16.48 -54.06 4.44
N LYS A 421 -15.33 -53.42 4.52
CA LYS A 421 -14.29 -53.54 3.47
C LYS A 421 -13.00 -53.95 4.17
N ARG A 422 -12.29 -54.94 3.63
CA ARG A 422 -11.06 -55.41 4.28
C ARG A 422 -9.85 -54.77 3.61
N VAL A 423 -9.02 -54.07 4.37
CA VAL A 423 -7.91 -53.32 3.76
C VAL A 423 -6.69 -54.22 3.74
N GLU A 424 -6.57 -55.01 2.68
CA GLU A 424 -5.42 -55.88 2.52
C GLU A 424 -4.21 -55.08 2.08
N SER A 425 -3.08 -55.28 2.76
CA SER A 425 -1.87 -54.57 2.41
C SER A 425 -1.27 -55.12 1.11
N LYS A 426 -0.87 -54.22 0.23
CA LYS A 426 -0.31 -54.61 -1.06
C LYS A 426 1.17 -54.95 -0.94
N SER B 1 -12.73 -15.34 -0.14
CA SER B 1 -13.17 -15.51 -1.52
C SER B 1 -12.88 -14.27 -2.35
N TYR B 2 -12.39 -13.22 -1.70
CA TYR B 2 -12.16 -11.95 -2.37
C TYR B 2 -11.04 -12.02 -3.40
N ASP B 3 -10.27 -13.10 -3.43
CA ASP B 3 -9.20 -13.27 -4.38
C ASP B 3 -9.48 -14.48 -5.26
N LEU B 4 -9.32 -14.32 -6.57
CA LEU B 4 -9.34 -15.42 -7.52
C LEU B 4 -7.93 -15.55 -8.06
N THR B 5 -7.25 -16.64 -7.71
CA THR B 5 -5.84 -16.80 -8.02
C THR B 5 -5.64 -17.50 -9.36
N GLN B 6 -4.62 -17.08 -10.07
CA GLN B 6 -4.21 -17.66 -11.34
C GLN B 6 -2.70 -17.79 -11.36
N PRO B 7 -2.16 -18.66 -12.19
CA PRO B 7 -0.72 -18.70 -12.38
C PRO B 7 -0.20 -17.36 -12.87
N PRO B 8 0.98 -16.94 -12.42
CA PRO B 8 1.51 -15.66 -12.90
C PRO B 8 1.86 -15.69 -14.37
N SER B 9 2.27 -16.82 -14.91
CA SER B 9 2.65 -16.91 -16.32
C SER B 9 2.65 -18.36 -16.76
N VAL B 10 2.29 -18.57 -18.02
CA VAL B 10 2.31 -19.88 -18.66
C VAL B 10 2.90 -19.72 -20.05
N SER B 11 3.90 -20.51 -20.37
CA SER B 11 4.54 -20.49 -21.67
C SER B 11 4.52 -21.89 -22.27
N VAL B 12 4.27 -21.97 -23.58
CA VAL B 12 4.13 -23.25 -24.24
C VAL B 12 4.59 -23.12 -25.69
N SER B 13 5.29 -24.15 -26.17
CA SER B 13 5.72 -24.19 -27.56
C SER B 13 4.53 -24.47 -28.47
N PRO B 14 4.63 -24.09 -29.75
CA PRO B 14 3.48 -24.24 -30.65
C PRO B 14 3.03 -25.69 -30.78
N GLY B 15 1.72 -25.86 -30.91
CA GLY B 15 1.13 -27.17 -31.10
C GLY B 15 0.73 -27.89 -29.83
N GLN B 16 1.05 -27.37 -28.66
CA GLN B 16 0.74 -28.02 -27.41
C GLN B 16 -0.31 -27.23 -26.65
N THR B 17 -1.30 -27.93 -26.09
CA THR B 17 -2.36 -27.27 -25.36
C THR B 17 -1.83 -26.64 -24.09
N ALA B 18 -2.32 -25.45 -23.78
CA ALA B 18 -1.96 -24.74 -22.56
C ALA B 18 -3.20 -24.67 -21.66
N ARG B 19 -3.01 -24.97 -20.38
CA ARG B 19 -4.12 -25.03 -19.44
C ARG B 19 -3.97 -23.93 -18.41
N ILE B 20 -5.01 -23.14 -18.25
CA ILE B 20 -5.05 -22.01 -17.33
C ILE B 20 -6.17 -22.27 -16.33
N THR B 21 -5.84 -22.19 -15.05
CA THR B 21 -6.79 -22.52 -13.99
C THR B 21 -7.11 -21.27 -13.17
N CYS B 22 -8.36 -21.19 -12.71
CA CYS B 22 -8.87 -20.06 -11.93
C CYS B 22 -9.52 -20.64 -10.68
N SER B 23 -8.80 -20.65 -9.57
CA SER B 23 -9.26 -21.31 -8.36
C SER B 23 -9.70 -20.26 -7.35
N GLY B 24 -10.86 -20.47 -6.76
CA GLY B 24 -11.38 -19.59 -5.73
C GLY B 24 -12.52 -20.26 -5.00
N ASP B 25 -12.75 -19.80 -3.77
CA ASP B 25 -13.78 -20.42 -2.95
C ASP B 25 -15.17 -20.15 -3.51
N SER B 26 -15.39 -18.99 -4.13
CA SER B 26 -16.71 -18.61 -4.60
C SER B 26 -17.10 -19.29 -5.90
N LEU B 27 -16.18 -19.99 -6.57
CA LEU B 27 -16.50 -20.66 -7.82
C LEU B 27 -17.43 -21.85 -7.64
N ALA B 28 -17.68 -22.27 -6.40
CA ALA B 28 -18.51 -23.44 -6.17
C ALA B 28 -19.95 -23.20 -6.60
N ARG B 29 -20.49 -22.01 -6.29
CA ARG B 29 -21.91 -21.74 -6.48
C ARG B 29 -22.17 -20.54 -7.39
N GLN B 30 -21.19 -20.09 -8.15
CA GLN B 30 -21.38 -19.00 -9.09
C GLN B 30 -20.73 -19.35 -10.42
N PHE B 31 -21.24 -18.74 -11.48
CA PHE B 31 -20.71 -19.02 -12.81
C PHE B 31 -19.43 -18.23 -13.05
N ALA B 32 -18.77 -18.54 -14.15
CA ALA B 32 -17.51 -17.91 -14.50
C ALA B 32 -17.46 -17.64 -15.99
N SER B 33 -16.58 -16.72 -16.38
CA SER B 33 -16.37 -16.42 -17.79
C SER B 33 -14.91 -16.08 -18.00
N TRP B 34 -14.44 -16.25 -19.23
CA TRP B 34 -13.02 -16.09 -19.56
C TRP B 34 -12.83 -14.99 -20.59
N TYR B 35 -11.90 -14.09 -20.32
CA TYR B 35 -11.64 -12.95 -21.18
C TYR B 35 -10.23 -12.99 -21.72
N GLN B 36 -10.05 -12.51 -22.94
CA GLN B 36 -8.76 -12.39 -23.58
C GLN B 36 -8.49 -10.93 -23.90
N GLN B 37 -7.33 -10.42 -23.49
CA GLN B 37 -6.96 -9.04 -23.75
C GLN B 37 -5.61 -9.03 -24.47
N LYS B 38 -5.65 -8.90 -25.78
CA LYS B 38 -4.42 -8.74 -26.54
C LYS B 38 -3.78 -7.39 -26.18
N PRO B 39 -2.47 -7.27 -26.30
CA PRO B 39 -1.82 -6.01 -25.93
C PRO B 39 -2.35 -4.85 -26.75
N GLY B 40 -2.61 -3.73 -26.08
CA GLY B 40 -3.11 -2.55 -26.75
C GLY B 40 -4.45 -2.72 -27.42
N GLN B 41 -5.41 -3.35 -26.73
CA GLN B 41 -6.73 -3.56 -27.27
C GLN B 41 -7.73 -3.56 -26.12
N SER B 42 -8.97 -3.94 -26.42
CA SER B 42 -10.01 -4.12 -25.44
C SER B 42 -10.29 -5.60 -25.24
N PRO B 43 -10.53 -6.04 -24.01
CA PRO B 43 -10.74 -7.47 -23.77
C PRO B 43 -11.93 -8.00 -24.54
N VAL B 44 -11.81 -9.25 -24.99
CA VAL B 44 -12.83 -9.91 -25.79
C VAL B 44 -13.31 -11.13 -25.02
N LEU B 45 -14.62 -11.27 -24.88
CA LEU B 45 -15.16 -12.43 -24.18
C LEU B 45 -14.89 -13.69 -24.98
N LEU B 46 -14.62 -14.80 -24.28
CA LEU B 46 -14.37 -16.07 -24.92
C LEU B 46 -15.46 -17.10 -24.62
N ILE B 47 -15.71 -17.40 -23.35
CA ILE B 47 -16.74 -18.36 -22.97
C ILE B 47 -17.51 -17.78 -21.79
N TYR B 48 -18.84 -17.74 -21.90
CA TYR B 48 -19.68 -17.10 -20.89
C TYR B 48 -20.61 -18.13 -20.27
N LYS B 49 -20.00 -19.01 -19.49
CA LYS B 49 -20.60 -19.90 -18.49
C LYS B 49 -19.44 -20.78 -18.07
N ASN B 50 -19.70 -21.77 -17.24
CA ASN B 50 -18.64 -22.73 -16.99
C ASN B 50 -18.14 -23.35 -18.28
N ILE B 51 -19.03 -23.69 -19.21
CA ILE B 51 -18.61 -24.50 -20.35
C ILE B 51 -18.92 -23.91 -21.73
N GLU B 52 -19.98 -23.13 -21.86
CA GLU B 52 -20.45 -22.75 -23.20
C GLU B 52 -19.67 -21.57 -23.76
N ARG B 53 -19.60 -21.51 -25.08
CA ARG B 53 -18.72 -20.61 -25.81
C ARG B 53 -19.50 -19.76 -26.80
N LEU B 54 -18.99 -18.56 -27.07
CA LEU B 54 -19.59 -17.68 -28.07
C LEU B 54 -19.48 -18.32 -29.45
N SER B 55 -20.23 -17.76 -30.40
CA SER B 55 -20.24 -18.31 -31.75
C SER B 55 -18.97 -17.97 -32.52
N ALA B 56 -18.50 -16.72 -32.43
CA ALA B 56 -17.42 -16.27 -33.31
C ALA B 56 -16.07 -16.82 -32.89
N ILE B 57 -15.89 -17.15 -31.62
CA ILE B 57 -14.59 -17.61 -31.12
C ILE B 57 -14.25 -18.94 -31.76
N PRO B 58 -13.00 -19.16 -32.17
CA PRO B 58 -12.64 -20.42 -32.84
C PRO B 58 -12.87 -21.63 -31.94
N GLU B 59 -12.69 -22.81 -32.55
CA GLU B 59 -12.92 -24.07 -31.86
C GLU B 59 -11.82 -24.44 -30.89
N ARG B 60 -10.71 -23.70 -30.86
CA ARG B 60 -9.62 -24.05 -29.97
C ARG B 60 -10.01 -23.86 -28.51
N PHE B 61 -10.63 -22.72 -28.19
CA PHE B 61 -10.90 -22.36 -26.81
C PHE B 61 -12.09 -23.15 -26.29
N SER B 62 -11.85 -24.03 -25.32
CA SER B 62 -12.92 -24.77 -24.67
C SER B 62 -12.68 -24.76 -23.17
N GLY B 63 -13.74 -24.59 -22.40
CA GLY B 63 -13.61 -24.48 -20.96
C GLY B 63 -14.14 -25.68 -20.21
N SER B 64 -13.70 -25.86 -18.97
CA SER B 64 -14.16 -26.98 -18.15
C SER B 64 -14.21 -26.54 -16.71
N THR B 65 -14.99 -27.27 -15.91
CA THR B 65 -15.16 -26.98 -14.50
C THR B 65 -14.86 -28.22 -13.69
N SER B 66 -14.37 -28.00 -12.47
CA SER B 66 -14.06 -29.11 -11.57
C SER B 66 -13.99 -28.56 -10.15
N GLY B 67 -14.97 -28.89 -9.32
CA GLY B 67 -14.93 -28.47 -7.93
C GLY B 67 -14.96 -26.96 -7.80
N THR B 68 -13.98 -26.43 -7.06
CA THR B 68 -13.88 -25.00 -6.83
C THR B 68 -12.87 -24.32 -7.75
N SER B 69 -12.73 -24.81 -8.98
CA SER B 69 -11.83 -24.18 -9.93
C SER B 69 -12.31 -24.47 -11.34
N VAL B 70 -12.15 -23.49 -12.22
CA VAL B 70 -12.50 -23.63 -13.63
C VAL B 70 -11.22 -23.45 -14.44
N THR B 71 -11.13 -24.16 -15.57
CA THR B 71 -9.91 -24.16 -16.35
C THR B 71 -10.20 -24.01 -17.83
N LEU B 72 -9.27 -23.36 -18.53
CA LEU B 72 -9.33 -23.11 -19.96
C LEU B 72 -8.28 -23.96 -20.66
N THR B 73 -8.60 -24.42 -21.87
CA THR B 73 -7.70 -25.25 -22.65
C THR B 73 -7.55 -24.64 -24.05
N ILE B 74 -6.44 -23.94 -24.28
CA ILE B 74 -6.17 -23.34 -25.58
C ILE B 74 -5.52 -24.43 -26.43
N SER B 75 -6.36 -25.24 -27.07
CA SER B 75 -5.85 -26.34 -27.87
C SER B 75 -5.14 -25.82 -29.11
N GLY B 76 -3.92 -26.33 -29.35
CA GLY B 76 -3.15 -25.90 -30.50
C GLY B 76 -2.79 -24.43 -30.47
N VAL B 77 -1.93 -24.04 -29.52
CA VAL B 77 -1.53 -22.64 -29.40
C VAL B 77 -0.83 -22.20 -30.67
N GLN B 78 -1.24 -21.05 -31.20
CA GLN B 78 -0.60 -20.44 -32.36
C GLN B 78 0.03 -19.12 -31.95
N ALA B 79 0.76 -18.52 -32.90
CA ALA B 79 1.49 -17.30 -32.59
C ALA B 79 0.57 -16.13 -32.29
N GLU B 80 -0.70 -16.19 -32.68
CA GLU B 80 -1.65 -15.11 -32.46
C GLU B 80 -2.46 -15.31 -31.19
N ASP B 81 -2.03 -16.19 -30.29
CA ASP B 81 -2.71 -16.42 -29.02
C ASP B 81 -1.87 -15.92 -27.85
N GLU B 82 -1.00 -14.95 -28.09
CA GLU B 82 -0.17 -14.35 -27.05
C GLU B 82 -0.92 -13.15 -26.50
N ALA B 83 -1.44 -13.28 -25.28
CA ALA B 83 -2.24 -12.24 -24.67
C ALA B 83 -2.35 -12.54 -23.18
N ASP B 84 -3.22 -11.79 -22.50
CA ASP B 84 -3.53 -12.02 -21.09
C ASP B 84 -4.94 -12.59 -21.00
N TYR B 85 -5.11 -13.64 -20.20
CA TYR B 85 -6.39 -14.32 -20.07
C TYR B 85 -6.91 -14.13 -18.65
N PHE B 86 -8.11 -13.57 -18.53
CA PHE B 86 -8.68 -13.21 -17.24
C PHE B 86 -9.87 -14.10 -16.93
N CYS B 87 -10.28 -14.07 -15.66
CA CYS B 87 -11.33 -14.90 -15.12
C CYS B 87 -12.30 -14.01 -14.35
N GLN B 88 -13.58 -14.38 -14.36
CA GLN B 88 -14.59 -13.62 -13.66
C GLN B 88 -15.49 -14.53 -12.86
N SER B 89 -15.98 -14.03 -11.74
CA SER B 89 -16.95 -14.71 -10.90
C SER B 89 -17.65 -13.66 -10.06
N ALA B 90 -18.33 -14.10 -9.01
CA ALA B 90 -18.97 -13.18 -8.08
C ALA B 90 -18.61 -13.57 -6.66
N ASP B 91 -19.19 -12.86 -5.70
CA ASP B 91 -19.03 -13.23 -4.31
C ASP B 91 -19.85 -14.49 -4.00
N ASP B 92 -19.73 -14.97 -2.76
CA ASP B 92 -20.44 -16.18 -2.37
C ASP B 92 -21.95 -15.99 -2.47
N SER B 93 -22.45 -14.86 -1.98
CA SER B 93 -23.89 -14.66 -1.90
C SER B 93 -24.53 -14.30 -3.22
N GLY B 94 -23.74 -13.85 -4.19
CA GLY B 94 -24.28 -13.33 -5.44
C GLY B 94 -24.30 -11.83 -5.32
N SER B 95 -23.27 -11.19 -5.81
CA SER B 95 -22.97 -9.83 -5.39
C SER B 95 -21.92 -9.18 -6.27
N TYR B 96 -21.27 -8.18 -5.71
CA TYR B 96 -20.09 -7.54 -6.26
C TYR B 96 -19.22 -8.54 -7.02
N SER B 97 -18.89 -8.21 -8.26
CA SER B 97 -18.14 -9.14 -9.11
C SER B 97 -16.64 -9.08 -8.81
N LEU B 98 -15.91 -10.05 -9.36
CA LEU B 98 -14.49 -10.19 -9.12
C LEU B 98 -13.77 -10.50 -10.42
N PHE B 99 -12.50 -10.11 -10.49
CA PHE B 99 -11.64 -10.41 -11.62
C PHE B 99 -10.35 -11.05 -11.12
N GLY B 100 -9.88 -12.06 -11.84
CA GLY B 100 -8.67 -12.75 -11.43
C GLY B 100 -7.42 -11.97 -11.73
N THR B 101 -6.29 -12.51 -11.28
CA THR B 101 -5.01 -11.85 -11.54
C THR B 101 -4.63 -11.94 -13.01
N GLY B 102 -4.93 -13.06 -13.65
CA GLY B 102 -4.72 -13.18 -15.08
C GLY B 102 -3.35 -13.65 -15.50
N THR B 103 -3.31 -14.73 -16.28
CA THR B 103 -2.05 -15.31 -16.73
C THR B 103 -1.53 -14.52 -17.93
N ARG B 104 -0.52 -15.06 -18.60
CA ARG B 104 -0.01 -14.46 -19.83
C ARG B 104 0.56 -15.58 -20.68
N VAL B 105 -0.25 -16.10 -21.60
CA VAL B 105 0.23 -17.15 -22.49
C VAL B 105 1.24 -16.57 -23.45
N SER B 106 2.41 -17.19 -23.53
CA SER B 106 3.47 -16.74 -24.43
C SER B 106 4.00 -17.94 -25.21
N VAL B 107 4.16 -17.77 -26.51
CA VAL B 107 4.68 -18.83 -27.36
C VAL B 107 6.20 -18.78 -27.34
N LEU B 108 6.82 -19.96 -27.25
CA LEU B 108 8.27 -20.06 -27.15
C LEU B 108 8.92 -20.32 -28.50
N GLY B 109 10.25 -20.33 -28.49
CA GLY B 109 11.05 -20.65 -29.65
C GLY B 109 11.56 -22.08 -29.57
N GLN B 110 12.78 -22.24 -29.09
CA GLN B 110 13.29 -23.59 -28.83
C GLN B 110 12.40 -24.27 -27.79
N PRO B 111 12.24 -25.58 -27.88
CA PRO B 111 11.38 -26.27 -26.92
C PRO B 111 11.90 -26.13 -25.50
N LYS B 112 10.98 -26.13 -24.55
CA LYS B 112 11.33 -25.98 -23.15
C LYS B 112 12.19 -27.16 -22.68
N ALA B 113 13.19 -26.87 -21.86
CA ALA B 113 14.05 -27.90 -21.29
C ALA B 113 14.15 -27.71 -19.79
N ASN B 114 13.91 -28.76 -19.04
CA ASN B 114 13.93 -28.70 -17.59
C ASN B 114 15.36 -28.68 -17.07
N PRO B 115 15.60 -28.03 -15.93
CA PRO B 115 16.96 -27.96 -15.38
C PRO B 115 17.42 -29.32 -14.87
N THR B 116 18.74 -29.45 -14.76
CA THR B 116 19.37 -30.61 -14.13
C THR B 116 20.25 -30.09 -13.00
N VAL B 117 19.73 -30.15 -11.77
CA VAL B 117 20.43 -29.59 -10.62
C VAL B 117 21.19 -30.69 -9.91
N THR B 118 22.46 -30.43 -9.60
CA THR B 118 23.30 -31.33 -8.83
C THR B 118 23.79 -30.60 -7.59
N LEU B 119 23.61 -31.21 -6.43
CA LEU B 119 23.96 -30.60 -5.15
C LEU B 119 25.16 -31.30 -4.56
N PHE B 120 26.16 -30.53 -4.13
CA PHE B 120 27.38 -31.07 -3.59
C PHE B 120 27.55 -30.66 -2.14
N PRO B 121 27.69 -31.60 -1.21
CA PRO B 121 27.91 -31.24 0.18
C PRO B 121 29.31 -30.71 0.38
N PRO B 122 29.56 -29.98 1.46
CA PRO B 122 30.94 -29.57 1.76
C PRO B 122 31.83 -30.77 1.98
N SER B 123 33.06 -30.67 1.51
CA SER B 123 34.00 -31.77 1.67
C SER B 123 34.45 -31.89 3.12
N SER B 124 35.09 -33.02 3.43
CA SER B 124 35.71 -33.17 4.73
C SER B 124 36.84 -32.17 4.94
N GLU B 125 37.46 -31.71 3.85
CA GLU B 125 38.53 -30.73 3.94
C GLU B 125 37.99 -29.33 4.26
N GLU B 126 36.72 -29.07 3.98
CA GLU B 126 36.12 -27.79 4.34
C GLU B 126 36.27 -27.51 5.83
N LEU B 127 35.88 -28.47 6.66
CA LEU B 127 35.70 -28.23 8.08
C LEU B 127 37.01 -27.96 8.79
N GLN B 128 38.14 -28.45 8.26
CA GLN B 128 39.42 -28.13 8.86
C GLN B 128 39.72 -26.64 8.77
N ALA B 129 39.39 -26.03 7.65
CA ALA B 129 39.58 -24.59 7.47
C ALA B 129 38.47 -23.77 8.11
N ASN B 130 37.65 -24.39 8.96
CA ASN B 130 36.56 -23.70 9.67
C ASN B 130 35.63 -23.02 8.68
N LYS B 131 35.33 -23.70 7.59
CA LYS B 131 34.43 -23.18 6.58
C LYS B 131 33.56 -24.33 6.06
N ALA B 132 32.40 -23.98 5.53
CA ALA B 132 31.49 -24.97 4.97
C ALA B 132 30.58 -24.28 3.97
N THR B 133 30.61 -24.74 2.72
CA THR B 133 29.80 -24.17 1.66
C THR B 133 29.08 -25.27 0.89
N LEU B 134 27.80 -25.05 0.62
CA LEU B 134 27.02 -25.93 -0.24
C LEU B 134 26.89 -25.28 -1.60
N VAL B 135 27.13 -26.05 -2.65
CA VAL B 135 27.12 -25.54 -4.02
C VAL B 135 26.01 -26.23 -4.79
N CYS B 136 25.17 -25.44 -5.44
CA CYS B 136 24.05 -25.93 -6.24
C CYS B 136 24.28 -25.48 -7.68
N LEU B 137 24.34 -26.43 -8.60
CA LEU B 137 24.68 -26.16 -9.99
C LEU B 137 23.49 -26.48 -10.89
N ILE B 138 23.09 -25.50 -11.69
CA ILE B 138 21.95 -25.62 -12.59
C ILE B 138 22.45 -25.41 -14.01
N SER B 139 22.17 -26.38 -14.88
CA SER B 139 22.66 -26.31 -16.25
C SER B 139 21.63 -26.92 -17.20
N ASP B 140 21.72 -26.48 -18.46
CA ASP B 140 20.89 -27.00 -19.55
C ASP B 140 19.40 -26.76 -19.28
N PHE B 141 19.03 -25.49 -19.21
CA PHE B 141 17.63 -25.10 -19.10
C PHE B 141 17.35 -23.92 -20.00
N TYR B 142 16.08 -23.77 -20.38
CA TYR B 142 15.67 -22.69 -21.26
C TYR B 142 14.18 -22.43 -21.05
N PRO B 143 13.74 -21.16 -20.97
CA PRO B 143 14.51 -19.92 -21.04
C PRO B 143 15.23 -19.59 -19.74
N GLY B 144 15.99 -18.49 -19.75
CA GLY B 144 16.79 -18.12 -18.61
C GLY B 144 16.05 -17.38 -17.52
N ALA B 145 15.27 -18.09 -16.72
CA ALA B 145 14.56 -17.49 -15.59
C ALA B 145 14.44 -18.56 -14.50
N VAL B 146 15.27 -18.45 -13.47
CA VAL B 146 15.26 -19.38 -12.36
C VAL B 146 15.22 -18.60 -11.06
N THR B 147 14.83 -19.30 -9.99
CA THR B 147 14.81 -18.72 -8.65
C THR B 147 15.12 -19.83 -7.67
N VAL B 148 16.32 -19.82 -7.11
CA VAL B 148 16.74 -20.85 -6.17
C VAL B 148 16.26 -20.47 -4.78
N ALA B 149 15.83 -21.47 -4.01
CA ALA B 149 15.37 -21.27 -2.65
C ALA B 149 16.04 -22.31 -1.77
N TRP B 150 16.86 -21.85 -0.83
CA TRP B 150 17.60 -22.74 0.05
C TRP B 150 16.80 -22.96 1.32
N LYS B 151 16.54 -24.23 1.65
CA LYS B 151 15.78 -24.57 2.83
C LYS B 151 16.58 -25.53 3.69
N ALA B 152 16.55 -25.30 5.00
CA ALA B 152 17.17 -26.18 5.98
C ALA B 152 16.06 -26.76 6.85
N ASP B 153 15.83 -28.06 6.74
CA ASP B 153 14.71 -28.71 7.42
C ASP B 153 13.38 -28.05 7.06
N GLY B 154 13.25 -27.65 5.81
CA GLY B 154 12.03 -27.02 5.35
C GLY B 154 11.98 -25.53 5.57
N SER B 155 12.43 -25.08 6.73
CA SER B 155 12.37 -23.65 7.03
C SER B 155 13.28 -22.87 6.09
N PRO B 156 12.82 -21.77 5.53
CA PRO B 156 13.63 -21.04 4.56
C PRO B 156 14.88 -20.46 5.19
N VAL B 157 15.93 -20.37 4.38
CA VAL B 157 17.21 -19.80 4.80
C VAL B 157 17.57 -18.69 3.82
N LYS B 158 17.87 -17.51 4.35
CA LYS B 158 18.22 -16.36 3.52
C LYS B 158 19.45 -15.65 4.08
N ALA B 159 20.29 -16.37 4.80
CA ALA B 159 21.48 -15.80 5.43
C ALA B 159 22.71 -16.47 4.83
N GLY B 160 23.25 -15.85 3.79
CA GLY B 160 24.45 -16.36 3.13
C GLY B 160 24.24 -16.84 1.72
N VAL B 161 23.00 -16.95 1.24
CA VAL B 161 22.76 -17.41 -0.12
C VAL B 161 23.28 -16.37 -1.10
N GLU B 162 24.01 -16.82 -2.11
CA GLU B 162 24.52 -15.96 -3.16
C GLU B 162 24.26 -16.62 -4.50
N THR B 163 23.57 -15.93 -5.40
CA THR B 163 23.13 -16.50 -6.66
C THR B 163 23.64 -15.66 -7.81
N THR B 164 24.19 -16.32 -8.84
CA THR B 164 24.57 -15.63 -10.05
C THR B 164 23.39 -15.53 -11.00
N LYS B 165 23.50 -14.59 -11.94
CA LYS B 165 22.50 -14.48 -12.98
C LYS B 165 22.69 -15.57 -14.02
N PRO B 166 21.64 -15.95 -14.74
CA PRO B 166 21.80 -16.93 -15.82
C PRO B 166 22.73 -16.40 -16.90
N SER B 167 23.49 -17.30 -17.51
CA SER B 167 24.43 -16.95 -18.56
C SER B 167 24.29 -17.92 -19.71
N LYS B 168 24.65 -17.46 -20.90
CA LYS B 168 24.54 -18.28 -22.10
C LYS B 168 25.61 -19.36 -22.12
N GLN B 169 25.26 -20.52 -22.66
CA GLN B 169 26.20 -21.59 -22.90
C GLN B 169 26.56 -21.64 -24.39
N SER B 170 27.28 -22.68 -24.79
CA SER B 170 27.54 -22.90 -26.20
C SER B 170 26.36 -23.53 -26.93
N ASN B 171 25.39 -24.07 -26.19
CA ASN B 171 24.25 -24.75 -26.76
C ASN B 171 23.01 -23.88 -26.81
N ASN B 172 23.14 -22.59 -26.49
CA ASN B 172 22.02 -21.66 -26.37
C ASN B 172 21.04 -22.05 -25.27
N LYS B 173 21.51 -22.82 -24.28
CA LYS B 173 20.73 -23.12 -23.08
C LYS B 173 21.46 -22.55 -21.88
N TYR B 174 20.75 -21.78 -21.06
CA TYR B 174 21.37 -21.03 -19.98
C TYR B 174 21.85 -21.95 -18.87
N ALA B 175 22.63 -21.38 -17.94
CA ALA B 175 23.14 -22.12 -16.80
C ALA B 175 23.48 -21.13 -15.69
N ALA B 176 23.23 -21.52 -14.44
CA ALA B 176 23.49 -20.65 -13.30
C ALA B 176 23.75 -21.50 -12.06
N SER B 177 24.38 -20.89 -11.07
CA SER B 177 24.81 -21.58 -9.86
C SER B 177 24.41 -20.79 -8.63
N SER B 178 24.47 -21.45 -7.48
CA SER B 178 24.12 -20.81 -6.21
C SER B 178 24.96 -21.41 -5.10
N TYR B 179 25.48 -20.56 -4.23
CA TYR B 179 26.40 -20.97 -3.17
C TYR B 179 25.85 -20.53 -1.82
N LEU B 180 25.92 -21.42 -0.83
CA LEU B 180 25.49 -21.12 0.52
C LEU B 180 26.69 -21.20 1.47
N SER B 181 26.82 -20.21 2.33
CA SER B 181 27.94 -20.11 3.26
C SER B 181 27.48 -20.53 4.65
N LEU B 182 28.17 -21.48 5.24
CA LEU B 182 27.78 -22.06 6.52
C LEU B 182 28.97 -22.21 7.45
N THR B 183 28.77 -21.90 8.72
CA THR B 183 29.75 -22.25 9.73
C THR B 183 29.68 -23.75 10.02
N PRO B 184 30.81 -24.37 10.35
CA PRO B 184 30.79 -25.83 10.55
C PRO B 184 29.86 -26.29 11.64
N GLU B 185 29.53 -25.43 12.60
CA GLU B 185 28.60 -25.83 13.65
C GLU B 185 27.18 -25.97 13.11
N GLN B 186 26.76 -25.06 12.23
CA GLN B 186 25.41 -25.13 11.68
C GLN B 186 25.24 -26.40 10.84
N TRP B 187 26.23 -26.74 10.02
CA TRP B 187 26.08 -27.88 9.12
C TRP B 187 25.98 -29.21 9.86
N LYS B 188 26.40 -29.27 11.12
CA LYS B 188 26.33 -30.49 11.90
C LYS B 188 25.14 -30.49 12.85
N SER B 189 24.18 -29.59 12.66
CA SER B 189 23.02 -29.49 13.53
C SER B 189 21.73 -29.88 12.83
N HIS B 190 21.40 -29.23 11.72
CA HIS B 190 20.15 -29.52 11.03
C HIS B 190 20.21 -30.89 10.36
N ARG B 191 19.03 -31.47 10.14
CA ARG B 191 18.97 -32.83 9.61
C ARG B 191 19.33 -32.87 8.13
N SER B 192 18.80 -31.96 7.32
CA SER B 192 19.03 -32.02 5.89
C SER B 192 18.82 -30.64 5.27
N TYR B 193 19.60 -30.34 4.24
CA TYR B 193 19.48 -29.10 3.49
C TYR B 193 19.04 -29.43 2.06
N SER B 194 18.23 -28.55 1.49
CA SER B 194 17.65 -28.77 0.18
C SER B 194 17.79 -27.50 -0.67
N CYS B 195 18.18 -27.68 -1.92
CA CYS B 195 18.30 -26.58 -2.88
C CYS B 195 17.15 -26.71 -3.88
N GLN B 196 16.16 -25.84 -3.75
CA GLN B 196 14.98 -25.89 -4.60
C GLN B 196 15.10 -24.86 -5.72
N VAL B 197 14.94 -25.33 -6.95
CA VAL B 197 14.96 -24.48 -8.13
C VAL B 197 13.55 -24.47 -8.72
N THR B 198 13.07 -23.28 -9.07
CA THR B 198 11.75 -23.11 -9.67
C THR B 198 11.93 -22.52 -11.06
N HIS B 199 11.62 -23.32 -12.08
CA HIS B 199 11.68 -22.86 -13.46
C HIS B 199 10.41 -22.04 -13.73
N GLU B 200 10.07 -21.80 -14.99
CA GLU B 200 8.87 -21.01 -15.29
C GLU B 200 7.65 -21.61 -14.60
N GLY B 201 7.41 -22.91 -14.76
CA GLY B 201 6.62 -23.63 -13.78
C GLY B 201 7.25 -24.98 -13.49
N SER B 202 7.76 -25.16 -12.28
CA SER B 202 8.38 -26.41 -11.87
C SER B 202 8.90 -26.22 -10.45
N THR B 203 9.27 -27.32 -9.82
CA THR B 203 10.01 -27.27 -8.55
C THR B 203 10.85 -28.53 -8.49
N VAL B 204 12.12 -28.42 -8.87
CA VAL B 204 13.05 -29.54 -8.84
C VAL B 204 13.89 -29.41 -7.58
N GLU B 205 13.91 -30.48 -6.78
CA GLU B 205 14.50 -30.45 -5.45
C GLU B 205 15.61 -31.49 -5.34
N LYS B 206 16.70 -31.11 -4.68
CA LYS B 206 17.77 -32.03 -4.34
C LYS B 206 18.11 -31.89 -2.87
N THR B 207 18.35 -33.03 -2.22
CA THR B 207 18.53 -33.08 -0.77
C THR B 207 19.89 -33.68 -0.44
N VAL B 208 20.56 -33.11 0.56
CA VAL B 208 21.80 -33.65 1.09
C VAL B 208 21.71 -33.69 2.60
N ALA B 209 22.14 -34.81 3.20
CA ALA B 209 22.04 -35.01 4.63
C ALA B 209 23.43 -35.09 5.24
N PRO B 210 23.79 -34.18 6.15
CA PRO B 210 25.15 -34.21 6.71
C PRO B 210 25.48 -35.50 7.46
N THR B 211 24.51 -36.08 8.16
CA THR B 211 24.81 -37.25 8.96
C THR B 211 24.78 -38.54 8.16
N GLU B 212 24.04 -38.58 7.05
CA GLU B 212 23.85 -39.83 6.34
C GLU B 212 25.02 -40.15 5.42
N CYS B 213 25.23 -39.32 4.41
CA CYS B 213 26.17 -39.63 3.33
C CYS B 213 27.26 -38.55 3.39
N SER B 214 28.27 -38.79 4.23
CA SER B 214 29.36 -37.83 4.40
C SER B 214 30.70 -38.54 4.45
N GLN C 1 -24.97 -4.03 -33.70
CA GLN C 1 -24.05 -2.90 -33.80
C GLN C 1 -23.88 -2.23 -32.45
N ILE C 2 -23.96 -3.03 -31.39
CA ILE C 2 -23.85 -2.49 -30.04
C ILE C 2 -22.45 -1.95 -29.83
N THR C 3 -22.36 -0.67 -29.49
CA THR C 3 -21.07 -0.03 -29.29
C THR C 3 -21.14 0.87 -28.06
N LEU C 4 -19.99 1.08 -27.44
CA LEU C 4 -19.86 1.92 -26.26
C LEU C 4 -18.84 3.00 -26.54
N LYS C 5 -19.15 4.23 -26.14
CA LYS C 5 -18.29 5.38 -26.41
C LYS C 5 -18.16 6.19 -25.14
N GLU C 6 -16.98 6.13 -24.53
CA GLU C 6 -16.71 6.82 -23.28
C GLU C 6 -15.85 8.05 -23.51
N SER C 7 -16.13 9.10 -22.74
CA SER C 7 -15.44 10.37 -22.92
C SER C 7 -15.47 11.13 -21.61
N GLY C 8 -14.48 12.00 -21.43
CA GLY C 8 -14.38 12.81 -20.23
C GLY C 8 -12.99 13.38 -20.06
N PRO C 9 -12.76 14.02 -18.91
CA PRO C 9 -11.41 14.54 -18.63
C PRO C 9 -10.38 13.42 -18.60
N THR C 10 -9.20 13.71 -19.14
CA THR C 10 -8.11 12.76 -19.19
C THR C 10 -6.92 13.17 -18.33
N LEU C 11 -7.06 14.24 -17.56
CA LEU C 11 -6.00 14.66 -16.64
C LEU C 11 -6.65 15.47 -15.53
N VAL C 12 -6.66 14.92 -14.32
CA VAL C 12 -7.32 15.53 -13.18
C VAL C 12 -6.30 15.74 -12.08
N GLU C 13 -6.38 16.91 -11.42
CA GLU C 13 -5.50 17.21 -10.31
C GLU C 13 -5.77 16.26 -9.15
N ARG C 14 -4.76 16.08 -8.30
CA ARG C 14 -4.90 15.17 -7.18
C ARG C 14 -5.98 15.66 -6.22
N THR C 15 -6.62 14.70 -5.55
CA THR C 15 -7.70 14.98 -4.60
C THR C 15 -8.82 15.81 -5.24
N GLN C 16 -9.22 15.40 -6.44
CA GLN C 16 -10.31 16.06 -7.16
C GLN C 16 -11.15 15.01 -7.86
N THR C 17 -12.38 15.37 -8.17
CA THR C 17 -13.32 14.41 -8.73
C THR C 17 -13.03 14.12 -10.19
N LEU C 18 -13.53 12.99 -10.65
CA LEU C 18 -13.44 12.56 -12.04
C LEU C 18 -14.84 12.28 -12.54
N THR C 19 -15.13 12.64 -13.79
CA THR C 19 -16.52 12.66 -14.26
C THR C 19 -16.63 12.01 -15.63
N LEU C 20 -16.11 10.78 -15.75
CA LEU C 20 -16.27 10.03 -16.99
C LEU C 20 -17.75 9.77 -17.27
N THR C 21 -18.12 9.81 -18.55
CA THR C 21 -19.47 9.49 -18.99
C THR C 21 -19.41 8.53 -20.15
N CYS C 22 -20.43 7.67 -20.24
CA CYS C 22 -20.52 6.66 -21.29
C CYS C 22 -21.81 6.85 -22.07
N THR C 23 -21.72 6.87 -23.39
CA THR C 23 -22.87 6.99 -24.28
C THR C 23 -23.01 5.71 -25.07
N PHE C 24 -24.11 4.99 -24.87
CA PHE C 24 -24.31 3.70 -25.50
C PHE C 24 -25.37 3.79 -26.58
N SER C 25 -25.09 3.15 -27.71
CA SER C 25 -26.03 3.07 -28.81
C SER C 25 -26.13 1.63 -29.28
N GLY C 26 -27.36 1.18 -29.50
CA GLY C 26 -27.63 -0.17 -29.97
C GLY C 26 -28.47 -1.00 -29.04
N PHE C 27 -28.64 -0.61 -27.78
CA PHE C 27 -29.50 -1.34 -26.86
C PHE C 27 -30.20 -0.35 -25.94
N SER C 28 -31.36 -0.74 -25.44
CA SER C 28 -32.15 0.08 -24.55
C SER C 28 -32.01 -0.43 -23.13
N LEU C 29 -31.67 0.48 -22.21
CA LEU C 29 -31.44 0.08 -20.83
C LEU C 29 -32.73 -0.29 -20.11
N THR C 30 -33.89 -0.04 -20.72
CA THR C 30 -35.15 -0.40 -20.09
C THR C 30 -35.51 -1.87 -20.24
N THR C 31 -34.83 -2.61 -21.12
CA THR C 31 -35.12 -4.03 -21.28
C THR C 31 -34.59 -4.83 -20.10
N ASP C 32 -35.21 -5.98 -19.87
CA ASP C 32 -34.83 -6.81 -18.73
C ASP C 32 -33.48 -7.46 -18.95
N GLY C 33 -32.80 -7.74 -17.84
CA GLY C 33 -31.55 -8.48 -17.87
C GLY C 33 -30.42 -7.79 -18.61
N LEU C 34 -30.20 -6.51 -18.32
CA LEU C 34 -29.09 -5.77 -18.89
C LEU C 34 -28.48 -4.90 -17.82
N GLY C 35 -27.33 -4.31 -18.14
CA GLY C 35 -26.68 -3.42 -17.20
C GLY C 35 -25.40 -2.83 -17.73
N VAL C 36 -25.05 -1.63 -17.29
CA VAL C 36 -23.83 -0.96 -17.70
C VAL C 36 -22.95 -0.78 -16.48
N GLY C 37 -21.63 -0.77 -16.69
CA GLY C 37 -20.72 -0.64 -15.58
C GLY C 37 -19.38 -0.13 -16.05
N TRP C 38 -18.49 0.08 -15.08
CA TRP C 38 -17.16 0.64 -15.33
C TRP C 38 -16.10 -0.28 -14.77
N ILE C 39 -15.03 -0.45 -15.52
CA ILE C 39 -13.94 -1.35 -15.15
C ILE C 39 -12.62 -0.64 -15.37
N ARG C 40 -11.75 -0.66 -14.37
CA ARG C 40 -10.46 0.01 -14.39
C ARG C 40 -9.36 -0.98 -14.76
N GLN C 41 -8.24 -0.42 -15.23
CA GLN C 41 -7.06 -1.23 -15.45
C GLN C 41 -5.80 -0.38 -15.29
N PRO C 42 -5.05 -0.56 -14.21
CA PRO C 42 -3.77 0.14 -14.09
C PRO C 42 -2.82 -0.35 -15.17
N PRO C 43 -1.87 0.48 -15.59
CA PRO C 43 -0.97 0.08 -16.69
C PRO C 43 -0.14 -1.13 -16.31
N GLY C 44 -0.42 -2.25 -16.98
CA GLY C 44 0.29 -3.50 -16.76
C GLY C 44 -0.39 -4.49 -15.84
N LYS C 45 -1.09 -4.02 -14.82
CA LYS C 45 -1.68 -4.90 -13.83
C LYS C 45 -2.98 -5.51 -14.37
N ALA C 46 -3.71 -6.17 -13.49
CA ALA C 46 -4.95 -6.84 -13.85
C ALA C 46 -6.13 -5.87 -13.73
N LEU C 47 -7.27 -6.30 -14.27
CA LEU C 47 -8.47 -5.48 -14.22
C LEU C 47 -9.05 -5.46 -12.81
N GLU C 48 -9.93 -4.49 -12.56
CA GLU C 48 -10.67 -4.42 -11.31
C GLU C 48 -12.00 -3.75 -11.57
N TRP C 49 -13.05 -4.31 -10.98
CA TRP C 49 -14.41 -3.83 -11.21
C TRP C 49 -14.75 -2.71 -10.24
N LEU C 50 -15.49 -1.70 -10.72
CA LEU C 50 -15.79 -0.51 -9.93
C LEU C 50 -17.27 -0.29 -9.67
N ALA C 51 -18.10 -0.29 -10.70
CA ALA C 51 -19.50 0.06 -10.51
C ALA C 51 -20.35 -0.68 -11.53
N LEU C 52 -21.66 -0.69 -11.28
CA LEU C 52 -22.61 -1.33 -12.18
C LEU C 52 -24.00 -0.87 -11.82
N ILE C 53 -24.84 -0.68 -12.83
CA ILE C 53 -26.25 -0.33 -12.62
C ILE C 53 -27.10 -1.15 -13.59
N TYR C 54 -28.13 -1.78 -13.07
CA TYR C 54 -28.96 -2.69 -13.83
C TYR C 54 -30.17 -1.97 -14.41
N TYR C 55 -31.09 -2.73 -15.00
CA TYR C 55 -32.28 -2.11 -15.58
C TYR C 55 -33.12 -1.45 -14.50
N ASP C 56 -33.35 -2.13 -13.39
CA ASP C 56 -33.91 -1.48 -12.22
C ASP C 56 -32.82 -0.69 -11.53
N ASP C 57 -33.22 0.37 -10.83
CA ASP C 57 -32.24 1.30 -10.25
C ASP C 57 -31.58 0.63 -9.06
N VAL C 58 -30.62 -0.24 -9.36
CA VAL C 58 -29.81 -0.91 -8.36
C VAL C 58 -28.35 -0.64 -8.67
N ARG C 59 -27.60 -0.20 -7.65
CA ARG C 59 -26.21 0.18 -7.81
C ARG C 59 -25.34 -0.75 -6.98
N ARG C 60 -24.26 -1.23 -7.57
CA ARG C 60 -23.26 -2.00 -6.85
C ARG C 60 -21.90 -1.34 -7.01
N TYR C 61 -21.13 -1.30 -5.93
CA TYR C 61 -19.80 -0.73 -5.97
C TYR C 61 -18.81 -1.68 -5.32
N ARG C 62 -17.59 -1.67 -5.81
CA ARG C 62 -16.56 -2.51 -5.22
C ARG C 62 -16.40 -2.16 -3.75
N PRO C 63 -16.49 -3.13 -2.84
CA PRO C 63 -16.61 -2.80 -1.41
C PRO C 63 -15.48 -1.96 -0.88
N SER C 64 -14.27 -2.14 -1.39
CA SER C 64 -13.15 -1.33 -0.93
C SER C 64 -13.29 0.14 -1.34
N LEU C 65 -14.19 0.45 -2.28
CA LEU C 65 -14.37 1.80 -2.77
C LEU C 65 -15.82 2.26 -2.69
N LYS C 66 -16.62 1.66 -1.81
CA LYS C 66 -18.04 2.02 -1.78
C LYS C 66 -18.24 3.47 -1.36
N SER C 67 -17.29 4.03 -0.61
CA SER C 67 -17.48 5.38 -0.09
C SER C 67 -17.25 6.43 -1.18
N ARG C 68 -16.35 6.17 -2.11
CA ARG C 68 -15.97 7.21 -3.05
C ARG C 68 -16.79 7.17 -4.33
N LEU C 69 -17.00 6.00 -4.90
CA LEU C 69 -17.64 5.90 -6.20
C LEU C 69 -19.12 6.28 -6.12
N THR C 70 -19.67 6.64 -7.28
CA THR C 70 -21.09 6.92 -7.40
C THR C 70 -21.45 6.88 -8.88
N ILE C 71 -22.51 6.15 -9.21
CA ILE C 71 -22.94 5.99 -10.59
C ILE C 71 -24.39 6.46 -10.70
N THR C 72 -24.66 7.30 -11.69
CA THR C 72 -26.00 7.78 -11.97
C THR C 72 -26.35 7.47 -13.41
N LYS C 73 -27.63 7.18 -13.65
CA LYS C 73 -28.07 6.68 -14.93
C LYS C 73 -29.26 7.46 -15.44
N ASP C 74 -29.23 7.78 -16.73
CA ASP C 74 -30.33 8.45 -17.42
C ASP C 74 -30.73 7.61 -18.61
N THR C 75 -32.02 7.35 -18.76
CA THR C 75 -32.48 6.42 -19.77
C THR C 75 -32.72 7.11 -21.11
N SER C 76 -33.42 8.24 -21.10
CA SER C 76 -33.81 8.89 -22.35
C SER C 76 -32.59 9.37 -23.13
N LYS C 77 -31.65 10.01 -22.46
CA LYS C 77 -30.47 10.52 -23.13
C LYS C 77 -29.42 9.44 -23.40
N ASN C 78 -29.60 8.23 -22.85
CA ASN C 78 -28.65 7.14 -23.02
C ASN C 78 -27.25 7.53 -22.54
N ARG C 79 -27.15 7.81 -21.24
CA ARG C 79 -25.89 8.23 -20.66
C ARG C 79 -25.79 7.75 -19.23
N VAL C 80 -24.59 7.31 -18.84
CA VAL C 80 -24.29 6.93 -17.46
C VAL C 80 -23.03 7.67 -17.03
N VAL C 81 -23.01 8.12 -15.79
CA VAL C 81 -21.95 8.99 -15.28
C VAL C 81 -21.30 8.36 -14.07
N LEU C 82 -19.98 8.25 -14.08
CA LEU C 82 -19.20 7.79 -12.95
C LEU C 82 -18.42 8.96 -12.38
N THR C 83 -18.44 9.12 -11.06
CA THR C 83 -17.97 10.34 -10.43
C THR C 83 -17.06 10.04 -9.23
N VAL C 84 -16.03 9.22 -9.46
CA VAL C 84 -15.02 8.96 -8.43
C VAL C 84 -14.57 10.26 -7.79
N THR C 85 -14.57 10.30 -6.46
CA THR C 85 -14.43 11.57 -5.74
C THR C 85 -12.98 11.97 -5.52
N ASP C 86 -12.21 11.14 -4.82
CA ASP C 86 -10.83 11.44 -4.48
C ASP C 86 -9.90 10.65 -5.38
N MET C 87 -8.99 11.34 -6.06
CA MET C 87 -8.11 10.73 -7.06
C MET C 87 -6.65 10.89 -6.62
N ASP C 88 -6.17 9.97 -5.80
CA ASP C 88 -4.75 9.89 -5.54
C ASP C 88 -4.02 9.36 -6.77
N PRO C 89 -2.72 9.64 -6.92
CA PRO C 89 -2.03 9.32 -8.17
C PRO C 89 -1.78 7.83 -8.40
N VAL C 90 -2.42 6.95 -7.63
CA VAL C 90 -2.34 5.52 -7.88
C VAL C 90 -3.58 5.00 -8.57
N ASP C 91 -4.49 5.88 -8.99
CA ASP C 91 -5.70 5.51 -9.69
C ASP C 91 -5.61 5.73 -11.19
N ALA C 92 -4.44 6.04 -11.71
CA ALA C 92 -4.27 6.23 -13.14
C ALA C 92 -4.43 4.90 -13.87
N GLY C 93 -4.85 4.98 -15.13
CA GLY C 93 -5.02 3.80 -15.94
C GLY C 93 -6.22 3.90 -16.85
N THR C 94 -6.38 2.91 -17.73
CA THR C 94 -7.49 2.93 -18.66
C THR C 94 -8.79 2.58 -17.96
N TYR C 95 -9.87 3.25 -18.34
CA TYR C 95 -11.20 3.03 -17.77
C TYR C 95 -12.12 2.56 -18.89
N PHE C 96 -12.64 1.34 -18.75
CA PHE C 96 -13.50 0.78 -19.79
C PHE C 96 -14.97 0.94 -19.41
N CYS C 97 -15.81 0.93 -20.43
CA CYS C 97 -17.26 0.93 -20.26
C CYS C 97 -17.79 -0.37 -20.82
N VAL C 98 -18.57 -1.10 -20.01
CA VAL C 98 -18.95 -2.46 -20.36
C VAL C 98 -20.47 -2.56 -20.39
N HIS C 99 -20.95 -3.65 -20.99
CA HIS C 99 -22.38 -3.88 -21.18
C HIS C 99 -22.74 -5.21 -20.53
N ALA C 100 -23.01 -5.17 -19.23
CA ALA C 100 -23.21 -6.37 -18.43
C ALA C 100 -24.58 -6.97 -18.66
N SER C 101 -24.64 -8.29 -18.69
CA SER C 101 -25.89 -9.02 -18.81
C SER C 101 -25.99 -10.07 -17.73
N LEU C 102 -27.17 -10.22 -17.14
CA LEU C 102 -27.37 -11.19 -16.09
C LEU C 102 -27.44 -12.60 -16.66
N PHE C 103 -27.00 -13.57 -15.84
CA PHE C 103 -27.12 -14.97 -16.24
C PHE C 103 -28.56 -15.44 -16.06
N ASN C 104 -29.04 -15.42 -14.82
CA ASN C 104 -30.40 -15.81 -14.51
C ASN C 104 -30.85 -14.98 -13.32
N LEU C 105 -32.15 -14.94 -13.11
CA LEU C 105 -32.66 -14.06 -12.07
C LEU C 105 -32.31 -14.53 -10.68
N GLY C 106 -31.48 -15.56 -10.51
CA GLY C 106 -31.17 -16.07 -9.19
C GLY C 106 -30.18 -15.23 -8.42
N SER C 107 -29.07 -14.86 -9.05
CA SER C 107 -28.04 -14.07 -8.38
C SER C 107 -27.53 -12.99 -9.33
N ARG C 108 -27.32 -11.79 -8.79
CA ARG C 108 -26.93 -10.64 -9.60
C ARG C 108 -25.46 -10.77 -10.01
N ASN C 109 -25.19 -11.79 -10.81
CA ASN C 109 -23.87 -12.03 -11.35
C ASN C 109 -23.93 -11.89 -12.87
N VAL C 110 -23.00 -11.13 -13.45
CA VAL C 110 -23.10 -10.75 -14.85
C VAL C 110 -21.80 -11.06 -15.57
N TYR C 111 -21.90 -11.17 -16.89
CA TYR C 111 -20.76 -11.36 -17.77
C TYR C 111 -20.71 -10.22 -18.77
N PHE C 112 -19.55 -9.59 -18.90
CA PHE C 112 -19.39 -8.40 -19.73
C PHE C 112 -19.06 -8.82 -21.15
N ARG C 113 -19.99 -8.60 -22.07
CA ARG C 113 -19.84 -9.06 -23.45
C ARG C 113 -19.26 -7.99 -24.37
N TYR C 114 -19.91 -6.84 -24.47
CA TYR C 114 -19.50 -5.78 -25.37
C TYR C 114 -18.74 -4.72 -24.59
N TRP C 115 -17.43 -4.67 -24.80
CA TRP C 115 -16.59 -3.72 -24.09
C TRP C 115 -16.46 -2.42 -24.89
N GLY C 116 -15.98 -1.40 -24.21
CA GLY C 116 -15.74 -0.11 -24.83
C GLY C 116 -14.34 -0.04 -25.41
N GLN C 117 -13.77 1.16 -25.39
CA GLN C 117 -12.41 1.36 -25.87
C GLN C 117 -11.46 1.79 -24.75
N GLY C 118 -11.84 2.77 -23.95
CA GLY C 118 -11.05 3.16 -22.80
C GLY C 118 -10.33 4.49 -22.99
N THR C 119 -10.42 5.35 -21.97
CA THR C 119 -9.75 6.65 -21.99
C THR C 119 -8.66 6.68 -20.93
N LEU C 120 -7.44 6.98 -21.36
CA LEU C 120 -6.35 7.11 -20.41
C LEU C 120 -6.64 8.24 -19.43
N VAL C 121 -6.45 7.96 -18.15
CA VAL C 121 -6.63 8.94 -17.09
C VAL C 121 -5.32 9.05 -16.33
N SER C 122 -4.81 10.28 -16.20
CA SER C 122 -3.56 10.54 -15.51
C SER C 122 -3.80 11.54 -14.39
N VAL C 123 -3.10 11.35 -13.28
CA VAL C 123 -3.27 12.16 -12.09
C VAL C 123 -1.93 12.84 -11.78
N SER C 124 -1.97 14.15 -11.57
CA SER C 124 -0.76 14.90 -11.24
C SER C 124 -0.18 14.40 -9.92
N SER C 125 1.14 14.23 -9.89
CA SER C 125 1.80 13.65 -8.73
C SER C 125 1.64 14.54 -7.50
N GLY C 126 1.80 15.83 -7.65
CA GLY C 126 1.74 16.77 -6.54
C GLY C 126 2.84 17.80 -6.68
N VAL C 127 2.59 18.98 -6.12
CA VAL C 127 3.51 20.10 -6.24
C VAL C 127 4.16 20.37 -4.88
N SER C 128 5.35 20.94 -4.91
CA SER C 128 6.10 21.29 -3.72
C SER C 128 6.19 22.80 -3.64
N LYS C 129 5.54 23.39 -2.63
CA LYS C 129 5.57 24.84 -2.50
C LYS C 129 6.98 25.34 -2.20
N LYS C 130 7.75 24.58 -1.44
CA LYS C 130 9.09 25.02 -1.07
C LYS C 130 10.01 25.04 -2.28
N PRO C 131 10.66 26.16 -2.57
CA PRO C 131 11.70 26.16 -3.60
C PRO C 131 12.93 25.43 -3.11
N SER C 132 13.75 25.01 -4.07
CA SER C 132 15.01 24.34 -3.78
C SER C 132 16.16 25.26 -4.16
N LEU C 133 17.07 25.49 -3.23
CA LEU C 133 18.21 26.37 -3.45
C LEU C 133 19.49 25.53 -3.47
N SER C 134 20.09 25.42 -4.66
CA SER C 134 21.33 24.68 -4.84
C SER C 134 22.35 25.58 -5.50
N VAL C 135 23.62 25.36 -5.19
CA VAL C 135 24.71 26.21 -5.63
C VAL C 135 25.70 25.38 -6.43
N GLN C 136 26.21 25.96 -7.52
CA GLN C 136 27.24 25.36 -8.35
C GLN C 136 28.45 26.27 -8.41
N PRO C 137 29.68 25.73 -8.35
CA PRO C 137 30.03 24.31 -8.25
C PRO C 137 29.87 23.72 -6.86
N GLY C 138 30.24 24.49 -5.83
CA GLY C 138 30.17 24.02 -4.46
C GLY C 138 30.12 25.15 -3.46
N PRO C 139 29.72 24.82 -2.22
CA PRO C 139 29.61 25.87 -1.18
C PRO C 139 30.92 26.54 -0.87
N ILE C 140 32.05 25.92 -1.16
CA ILE C 140 33.35 26.54 -0.94
C ILE C 140 33.73 27.31 -2.19
N VAL C 141 34.10 28.57 -2.02
CA VAL C 141 34.36 29.45 -3.14
C VAL C 141 35.70 30.17 -2.94
N ALA C 142 36.36 30.48 -4.05
CA ALA C 142 37.59 31.25 -4.01
C ALA C 142 37.30 32.70 -3.62
N PRO C 143 38.32 33.43 -3.14
CA PRO C 143 38.09 34.84 -2.81
C PRO C 143 37.70 35.70 -4.00
N GLU C 144 38.01 35.28 -5.22
CA GLU C 144 37.70 36.05 -6.43
C GLU C 144 37.09 35.11 -7.47
N GLU C 145 35.78 34.96 -7.44
CA GLU C 145 35.09 34.05 -8.34
C GLU C 145 33.63 34.44 -8.36
N THR C 146 32.97 34.16 -9.49
CA THR C 146 31.56 34.50 -9.68
C THR C 146 30.70 33.29 -9.39
N LEU C 147 29.96 33.34 -8.29
CA LEU C 147 29.07 32.24 -7.90
C LEU C 147 27.82 32.24 -8.77
N THR C 148 27.01 31.20 -8.61
CA THR C 148 25.74 31.09 -9.33
C THR C 148 24.79 30.25 -8.49
N LEU C 149 23.91 30.91 -7.74
CA LEU C 149 22.90 30.21 -6.97
C LEU C 149 21.73 29.83 -7.86
N GLN C 150 21.17 28.65 -7.64
CA GLN C 150 20.10 28.10 -8.46
C GLN C 150 18.87 27.88 -7.58
N CYS C 151 18.01 28.88 -7.49
CA CYS C 151 16.74 28.74 -6.77
C CYS C 151 15.71 28.19 -7.74
N GLY C 152 15.33 26.93 -7.54
CA GLY C 152 14.42 26.28 -8.45
C GLY C 152 13.20 25.73 -7.74
N SER C 153 12.12 25.60 -8.49
CA SER C 153 10.85 25.15 -7.94
C SER C 153 10.05 24.43 -9.01
N ASP C 154 9.04 23.68 -8.57
CA ASP C 154 8.17 22.95 -9.48
C ASP C 154 6.70 23.24 -9.19
N ALA C 155 6.40 24.46 -8.75
CA ALA C 155 5.04 24.86 -8.42
C ALA C 155 4.51 25.93 -9.37
N GLY C 156 5.13 26.11 -10.52
CA GLY C 156 4.70 27.15 -11.43
C GLY C 156 4.91 28.55 -10.90
N TYR C 157 6.06 28.83 -10.29
CA TYR C 157 6.35 30.16 -9.79
C TYR C 157 6.91 31.03 -10.89
N ASN C 158 6.43 32.27 -10.94
CA ASN C 158 6.81 33.17 -12.01
C ASN C 158 8.03 34.02 -11.65
N ARG C 159 8.32 34.20 -10.36
CA ARG C 159 9.39 35.08 -9.95
C ARG C 159 9.91 34.68 -8.58
N PHE C 160 11.21 34.86 -8.38
CA PHE C 160 11.90 34.47 -7.15
C PHE C 160 12.69 35.64 -6.60
N VAL C 161 12.84 35.66 -5.28
CA VAL C 161 13.57 36.71 -4.57
C VAL C 161 14.57 36.07 -3.64
N LEU C 162 15.74 36.67 -3.51
CA LEU C 162 16.85 36.12 -2.73
C LEU C 162 17.14 37.01 -1.54
N TYR C 163 17.11 36.42 -0.34
CA TYR C 163 17.38 37.13 0.90
C TYR C 163 18.65 36.60 1.54
N LYS C 164 19.50 37.50 1.99
CA LYS C 164 20.65 37.11 2.80
C LYS C 164 20.29 37.31 4.28
N ASP C 165 20.59 36.31 5.09
CA ASP C 165 20.24 36.38 6.51
C ASP C 165 21.01 37.50 7.18
N GLY C 166 20.32 38.23 8.05
CA GLY C 166 20.90 39.37 8.72
C GLY C 166 20.68 40.71 8.04
N GLU C 167 20.05 40.73 6.87
CA GLU C 167 19.80 41.96 6.14
C GLU C 167 18.30 42.14 5.93
N ARG C 168 17.82 43.37 6.09
CA ARG C 168 16.40 43.66 6.00
C ARG C 168 15.90 43.87 4.58
N ASP C 169 16.80 44.08 3.62
CA ASP C 169 16.40 44.38 2.26
C ASP C 169 16.81 43.23 1.34
N PHE C 170 15.89 42.86 0.44
CA PHE C 170 16.14 41.75 -0.46
C PHE C 170 17.36 42.03 -1.34
N LEU C 171 18.20 41.01 -1.50
CA LEU C 171 19.41 41.18 -2.29
C LEU C 171 19.09 41.35 -3.77
N GLN C 172 18.28 40.46 -4.33
CA GLN C 172 17.98 40.48 -5.76
C GLN C 172 16.57 39.96 -5.99
N LEU C 173 16.03 40.29 -7.16
CA LEU C 173 14.72 39.82 -7.58
C LEU C 173 14.80 39.41 -9.04
N ALA C 174 14.26 38.23 -9.35
CA ALA C 174 14.36 37.69 -10.70
C ALA C 174 13.01 37.13 -11.13
N GLY C 175 12.98 36.52 -12.31
CA GLY C 175 11.79 35.90 -12.84
C GLY C 175 12.15 34.75 -13.75
N ALA C 176 11.15 33.92 -14.04
CA ALA C 176 11.36 32.76 -14.91
C ALA C 176 10.03 32.36 -15.49
N GLN C 177 10.09 31.55 -16.55
CA GLN C 177 8.88 31.12 -17.24
C GLN C 177 8.41 29.77 -16.71
N PRO C 178 7.12 29.60 -16.49
CA PRO C 178 6.61 28.31 -16.02
C PRO C 178 6.68 27.26 -17.11
N GLN C 179 7.87 26.79 -17.42
CA GLN C 179 8.06 25.81 -18.49
C GLN C 179 7.55 24.46 -18.03
N ALA C 180 6.32 24.13 -18.45
CA ALA C 180 5.65 22.88 -18.07
C ALA C 180 5.49 22.76 -16.56
N GLY C 181 5.38 23.89 -15.87
CA GLY C 181 5.19 23.90 -14.44
C GLY C 181 6.46 23.92 -13.62
N LEU C 182 7.62 23.76 -14.25
CA LEU C 182 8.90 23.80 -13.56
C LEU C 182 9.59 25.13 -13.84
N SER C 183 10.02 25.80 -12.79
CA SER C 183 10.68 27.09 -12.90
C SER C 183 12.07 27.02 -12.29
N GLN C 184 12.99 27.82 -12.84
CA GLN C 184 14.35 27.86 -12.33
C GLN C 184 14.92 29.24 -12.60
N ALA C 185 15.67 29.76 -11.64
CA ALA C 185 16.34 31.04 -11.78
C ALA C 185 17.78 30.89 -11.30
N ASN C 186 18.68 31.68 -11.88
CA ASN C 186 20.10 31.62 -11.56
C ASN C 186 20.58 33.02 -11.18
N PHE C 187 20.46 33.37 -9.91
CA PHE C 187 21.04 34.61 -9.44
C PHE C 187 22.55 34.52 -9.57
N THR C 188 23.16 35.59 -10.08
CA THR C 188 24.60 35.65 -10.26
C THR C 188 25.19 36.54 -9.17
N LEU C 189 26.13 36.01 -8.41
CA LEU C 189 26.91 36.82 -7.50
C LEU C 189 28.17 37.30 -8.20
N GLY C 190 28.45 38.59 -8.12
CA GLY C 190 29.59 39.16 -8.79
C GLY C 190 30.89 38.74 -8.13
N PRO C 191 31.92 39.57 -8.27
CA PRO C 191 33.19 39.29 -7.58
C PRO C 191 32.96 39.20 -6.08
N VAL C 192 33.16 38.00 -5.54
CA VAL C 192 32.92 37.76 -4.12
C VAL C 192 34.02 38.43 -3.30
N SER C 193 33.73 38.67 -2.03
CA SER C 193 34.67 39.29 -1.12
C SER C 193 34.40 38.73 0.28
N ARG C 194 35.00 39.36 1.28
CA ARG C 194 34.87 38.86 2.64
C ARG C 194 33.43 38.91 3.14
N SER C 195 32.64 39.86 2.65
CA SER C 195 31.31 40.09 3.19
C SER C 195 30.20 39.33 2.48
N TYR C 196 30.52 38.50 1.49
CA TYR C 196 29.49 37.73 0.78
C TYR C 196 29.17 36.40 1.44
N GLY C 197 29.86 36.02 2.49
CA GLY C 197 29.49 34.80 3.20
C GLY C 197 28.23 35.00 4.02
N GLY C 198 27.52 33.90 4.24
CA GLY C 198 26.32 33.93 5.05
C GLY C 198 25.37 32.83 4.66
N GLN C 199 24.11 32.99 5.08
CA GLN C 199 23.05 32.03 4.85
C GLN C 199 22.06 32.62 3.86
N TYR C 200 22.17 32.24 2.59
CA TYR C 200 21.28 32.74 1.56
C TYR C 200 20.01 31.91 1.50
N ARG C 201 18.88 32.59 1.33
CA ARG C 201 17.56 31.99 1.39
C ARG C 201 16.70 32.60 0.30
N CYS C 202 15.98 31.78 -0.45
CA CYS C 202 15.21 32.26 -1.59
C CYS C 202 13.75 31.85 -1.46
N TYR C 203 12.86 32.73 -1.92
CA TYR C 203 11.41 32.55 -1.85
C TYR C 203 10.84 32.45 -3.26
N GLY C 204 9.51 32.40 -3.35
CA GLY C 204 8.85 32.34 -4.64
C GLY C 204 7.44 32.89 -4.57
N ALA C 205 6.87 33.15 -5.75
CA ALA C 205 5.53 33.72 -5.83
C ALA C 205 4.96 33.47 -7.21
N HIS C 206 3.66 33.69 -7.33
CA HIS C 206 2.97 33.58 -8.62
C HIS C 206 3.04 34.86 -9.43
N ASN C 207 3.03 36.01 -8.75
CA ASN C 207 3.27 37.30 -9.39
C ASN C 207 3.57 38.31 -8.29
N LEU C 208 4.02 39.49 -8.70
CA LEU C 208 4.47 40.47 -7.72
C LEU C 208 3.34 40.94 -6.80
N SER C 209 2.09 40.69 -7.16
CA SER C 209 0.94 41.06 -6.35
C SER C 209 0.41 39.91 -5.51
N SER C 210 1.09 38.76 -5.50
CA SER C 210 0.66 37.61 -4.75
C SER C 210 1.34 37.58 -3.38
N GLU C 211 1.18 36.48 -2.67
CA GLU C 211 1.86 36.26 -1.40
C GLU C 211 3.01 35.29 -1.61
N TRP C 212 4.13 35.57 -0.96
CA TRP C 212 5.33 34.77 -1.14
C TRP C 212 5.22 33.46 -0.38
N SER C 213 5.83 32.42 -0.93
CA SER C 213 5.69 31.06 -0.43
C SER C 213 6.55 30.86 0.81
N ALA C 214 6.66 29.60 1.24
CA ALA C 214 7.48 29.27 2.40
C ALA C 214 8.96 29.45 2.06
N PRO C 215 9.77 29.82 3.04
CA PRO C 215 11.21 29.99 2.77
C PRO C 215 11.84 28.68 2.34
N SER C 216 12.82 28.78 1.45
CA SER C 216 13.59 27.61 1.06
C SER C 216 14.55 27.23 2.18
N ASP C 217 15.14 26.05 2.04
CA ASP C 217 16.11 25.60 3.03
C ASP C 217 17.33 26.52 2.99
N PRO C 218 17.84 26.96 4.13
CA PRO C 218 19.00 27.86 4.12
C PRO C 218 20.20 27.19 3.48
N LEU C 219 20.98 28.00 2.77
CA LEU C 219 22.20 27.55 2.12
C LEU C 219 23.37 28.40 2.63
N ASP C 220 24.47 27.74 2.96
CA ASP C 220 25.65 28.41 3.51
C ASP C 220 26.70 28.56 2.43
N ILE C 221 27.24 29.76 2.30
CA ILE C 221 28.34 30.05 1.37
C ILE C 221 29.54 30.49 2.20
N LEU C 222 30.65 29.77 2.05
CA LEU C 222 31.83 29.99 2.86
C LEU C 222 32.95 30.58 2.01
N ILE C 223 33.55 31.65 2.49
CA ILE C 223 34.64 32.32 1.79
C ILE C 223 35.96 31.73 2.27
N ALA C 224 36.85 31.43 1.32
CA ALA C 224 38.11 30.76 1.62
C ALA C 224 39.28 31.73 1.41
N GLY C 225 40.28 31.63 2.29
CA GLY C 225 41.50 32.39 2.14
C GLY C 225 41.57 33.68 2.93
N GLN C 226 40.63 33.93 3.83
CA GLN C 226 40.63 35.20 4.55
C GLN C 226 41.71 35.26 5.63
N PHE C 227 41.96 34.15 6.32
CA PHE C 227 42.90 34.14 7.42
C PHE C 227 44.33 34.12 6.90
N TYR C 228 45.28 34.10 7.83
CA TYR C 228 46.70 34.05 7.50
C TYR C 228 47.33 32.70 7.78
N ASP C 229 46.86 31.99 8.80
CA ASP C 229 47.46 30.72 9.18
C ASP C 229 47.22 29.67 8.12
N ARG C 230 48.21 28.80 7.91
CA ARG C 230 48.14 27.72 6.94
C ARG C 230 47.87 26.41 7.67
N VAL C 231 47.09 25.54 7.05
CA VAL C 231 46.80 24.23 7.61
C VAL C 231 47.36 23.17 6.68
N SER C 232 47.69 22.02 7.26
CA SER C 232 48.24 20.90 6.51
C SER C 232 47.47 19.64 6.84
N LEU C 233 47.34 18.77 5.84
CA LEU C 233 46.60 17.53 5.99
C LEU C 233 47.58 16.36 5.93
N SER C 234 47.54 15.51 6.95
CA SER C 234 48.44 14.36 7.04
C SER C 234 47.62 13.15 7.42
N VAL C 235 47.77 12.07 6.66
CA VAL C 235 47.06 10.82 6.91
C VAL C 235 47.97 9.89 7.70
N GLN C 236 47.44 9.33 8.80
CA GLN C 236 48.26 8.51 9.67
C GLN C 236 48.71 7.22 8.98
N PRO C 237 47.85 6.43 8.33
CA PRO C 237 48.35 5.33 7.50
C PRO C 237 49.00 5.85 6.23
N GLY C 238 49.49 4.95 5.38
CA GLY C 238 50.12 5.36 4.14
C GLY C 238 49.08 5.99 3.20
N PRO C 239 49.52 6.85 2.29
CA PRO C 239 48.58 7.41 1.30
C PRO C 239 47.86 6.36 0.49
N THR C 240 48.49 5.23 0.22
CA THR C 240 47.82 4.09 -0.38
C THR C 240 47.34 3.15 0.72
N VAL C 241 46.08 2.75 0.65
CA VAL C 241 45.45 1.97 1.70
C VAL C 241 44.74 0.78 1.09
N ALA C 242 45.10 -0.43 1.55
CA ALA C 242 44.33 -1.60 1.18
C ALA C 242 42.99 -1.58 1.90
N SER C 243 41.94 -2.02 1.21
CA SER C 243 40.58 -1.89 1.73
C SER C 243 40.43 -2.59 3.08
N GLY C 244 39.79 -1.91 4.02
CA GLY C 244 39.51 -2.50 5.31
C GLY C 244 40.11 -1.79 6.51
N GLU C 245 41.38 -1.40 6.41
CA GLU C 245 42.05 -0.71 7.50
C GLU C 245 41.52 0.71 7.63
N ASN C 246 41.20 1.13 8.85
CA ASN C 246 40.33 2.31 8.97
C ASN C 246 41.20 3.55 8.92
N VAL C 247 41.05 4.34 7.86
CA VAL C 247 41.85 5.53 7.65
C VAL C 247 41.48 6.57 8.69
N THR C 248 42.46 7.38 9.09
CA THR C 248 42.25 8.45 10.07
C THR C 248 42.97 9.70 9.57
N LEU C 249 42.25 10.52 8.80
CA LEU C 249 42.82 11.76 8.33
C LEU C 249 43.02 12.72 9.49
N LEU C 250 44.10 13.49 9.44
CA LEU C 250 44.46 14.37 10.53
C LEU C 250 44.77 15.76 9.98
N CYS C 251 44.29 16.78 10.68
CA CYS C 251 44.52 18.17 10.31
C CYS C 251 45.32 18.84 11.41
N GLN C 252 46.41 19.52 11.03
CA GLN C 252 47.25 20.21 11.98
C GLN C 252 47.39 21.67 11.56
N SER C 253 47.53 22.55 12.54
CA SER C 253 47.70 23.97 12.27
C SER C 253 48.61 24.57 13.33
N GLN C 254 49.32 25.62 12.93
CA GLN C 254 50.23 26.30 13.84
C GLN C 254 49.57 27.43 14.62
N GLY C 255 48.33 27.77 14.30
CA GLY C 255 47.63 28.87 14.93
C GLY C 255 46.49 28.41 15.80
N TRP C 256 45.85 29.40 16.42
CA TRP C 256 44.70 29.15 17.30
C TRP C 256 43.46 28.97 16.43
N MET C 257 43.14 27.72 16.14
CA MET C 257 42.07 27.37 15.23
C MET C 257 41.00 26.63 16.02
N GLN C 258 39.74 26.80 15.66
CA GLN C 258 38.67 26.12 16.37
C GLN C 258 38.05 24.96 15.59
N THR C 259 37.55 25.23 14.39
CA THR C 259 36.84 24.22 13.61
C THR C 259 37.58 23.95 12.31
N PHE C 260 37.65 22.68 11.95
CA PHE C 260 38.34 22.24 10.74
C PHE C 260 37.34 21.59 9.80
N LEU C 261 37.26 22.09 8.57
CA LEU C 261 36.40 21.52 7.55
C LEU C 261 37.21 20.62 6.64
N LEU C 262 36.67 19.44 6.35
CA LEU C 262 37.32 18.48 5.47
C LEU C 262 36.37 18.16 4.32
N THR C 263 36.78 18.47 3.09
CA THR C 263 35.94 18.32 1.92
C THR C 263 36.56 17.36 0.93
N LYS C 264 35.73 16.54 0.29
CA LYS C 264 36.17 15.70 -0.80
C LYS C 264 36.07 16.48 -2.10
N GLU C 265 37.11 16.41 -2.93
CA GLU C 265 37.19 17.28 -4.09
C GLU C 265 36.04 17.02 -5.06
N GLY C 266 35.72 15.75 -5.30
CA GLY C 266 34.57 15.45 -6.11
C GLY C 266 33.27 15.84 -5.45
N ALA C 267 32.20 15.87 -6.25
CA ALA C 267 30.88 16.21 -5.70
C ALA C 267 30.50 15.23 -4.61
N ALA C 268 30.45 15.71 -3.37
CA ALA C 268 30.19 14.88 -2.21
C ALA C 268 28.93 15.35 -1.50
N ASP C 269 28.61 14.68 -0.39
CA ASP C 269 27.44 15.05 0.40
C ASP C 269 27.59 16.44 0.97
N ASP C 270 28.54 16.62 1.89
CA ASP C 270 28.74 17.87 2.59
C ASP C 270 30.06 17.87 3.34
N PRO C 271 30.65 19.03 3.59
CA PRO C 271 31.87 19.08 4.41
C PRO C 271 31.59 18.67 5.84
N TRP C 272 32.59 18.05 6.46
CA TRP C 272 32.51 17.69 7.87
C TRP C 272 33.03 18.82 8.73
N ARG C 273 32.66 18.80 10.01
CA ARG C 273 33.15 19.76 10.98
C ARG C 273 33.57 19.04 12.24
N LEU C 274 34.62 19.54 12.87
CA LEU C 274 35.05 19.04 14.17
C LEU C 274 35.71 20.17 14.93
N ARG C 275 35.77 20.03 16.25
CA ARG C 275 36.43 21.00 17.10
C ARG C 275 37.88 20.60 17.30
N SER C 276 38.74 21.60 17.46
CA SER C 276 40.17 21.38 17.61
C SER C 276 40.52 21.23 19.08
N THR C 277 41.26 20.17 19.40
CA THR C 277 41.76 19.93 20.74
C THR C 277 43.25 20.22 20.73
N TYR C 278 43.70 21.04 21.68
CA TYR C 278 45.12 21.36 21.75
C TYR C 278 45.93 20.11 22.01
N GLN C 279 47.06 19.99 21.32
CA GLN C 279 47.92 18.83 21.45
C GLN C 279 49.33 19.34 21.77
N SER C 280 50.32 18.44 21.68
CA SER C 280 51.68 18.69 22.12
C SER C 280 52.16 20.10 21.80
N GLN C 281 52.16 20.47 20.52
CA GLN C 281 52.55 21.82 20.15
C GLN C 281 51.69 22.40 19.03
N LYS C 282 50.65 21.70 18.59
CA LYS C 282 49.81 22.16 17.50
C LYS C 282 48.35 21.93 17.83
N TYR C 283 47.49 22.81 17.33
CA TYR C 283 46.06 22.59 17.35
C TYR C 283 45.68 21.61 16.26
N GLN C 284 44.89 20.60 16.61
CA GLN C 284 44.59 19.54 15.65
C GLN C 284 43.24 18.93 15.96
N ALA C 285 42.68 18.25 14.95
CA ALA C 285 41.44 17.51 15.08
C ALA C 285 41.41 16.44 14.01
N GLU C 286 41.24 15.19 14.42
CA GLU C 286 41.36 14.05 13.52
C GLU C 286 39.98 13.48 13.19
N PHE C 287 39.78 13.12 11.93
CA PHE C 287 38.51 12.59 11.47
C PHE C 287 38.61 11.09 11.31
N PRO C 288 38.02 10.29 12.19
CA PRO C 288 38.02 8.84 11.98
C PRO C 288 37.10 8.45 10.83
N MET C 289 37.67 7.96 9.74
CA MET C 289 36.89 7.62 8.56
C MET C 289 36.34 6.20 8.60
N GLY C 290 36.71 5.39 9.57
CA GLY C 290 36.19 4.05 9.68
C GLY C 290 36.70 3.15 8.57
N PRO C 291 36.12 1.97 8.44
CA PRO C 291 36.57 1.04 7.39
C PRO C 291 36.37 1.58 6.00
N VAL C 292 37.46 1.93 5.33
CA VAL C 292 37.41 2.54 4.02
C VAL C 292 37.02 1.49 2.99
N THR C 293 36.46 1.94 1.87
CA THR C 293 36.11 1.07 0.76
C THR C 293 36.46 1.81 -0.53
N SER C 294 35.98 1.29 -1.66
CA SER C 294 36.27 1.93 -2.94
C SER C 294 35.58 3.27 -3.09
N ALA C 295 34.59 3.58 -2.24
CA ALA C 295 33.88 4.85 -2.35
C ALA C 295 34.77 6.01 -1.89
N HIS C 296 35.43 5.85 -0.74
CA HIS C 296 36.26 6.92 -0.19
C HIS C 296 37.59 7.01 -0.95
N ALA C 297 37.48 7.37 -2.22
CA ALA C 297 38.66 7.60 -3.06
C ALA C 297 38.52 8.95 -3.72
N GLY C 298 39.62 9.68 -3.79
CA GLY C 298 39.62 10.99 -4.41
C GLY C 298 40.60 11.91 -3.73
N THR C 299 40.36 13.20 -3.89
CA THR C 299 41.24 14.24 -3.35
C THR C 299 40.57 14.89 -2.16
N TYR C 300 41.31 15.00 -1.05
CA TYR C 300 40.79 15.54 0.20
C TYR C 300 41.51 16.83 0.53
N ARG C 301 40.74 17.85 0.89
CA ARG C 301 41.29 19.14 1.26
C ARG C 301 40.78 19.51 2.64
N CYS C 302 41.67 19.98 3.50
CA CYS C 302 41.34 20.31 4.87
C CYS C 302 41.43 21.82 5.05
N TYR C 303 40.29 22.45 5.31
CA TYR C 303 40.24 23.89 5.54
C TYR C 303 40.39 24.18 7.03
N GLY C 304 40.36 25.45 7.37
CA GLY C 304 40.37 25.87 8.76
C GLY C 304 39.45 27.05 8.94
N SER C 305 38.74 27.04 10.07
CA SER C 305 37.72 28.07 10.29
C SER C 305 37.71 28.47 11.75
N GLN C 306 37.25 29.69 12.00
CA GLN C 306 37.16 30.25 13.34
C GLN C 306 35.77 30.80 13.57
N SER C 307 35.29 30.69 14.82
CA SER C 307 33.93 31.09 15.15
C SER C 307 33.80 32.58 15.44
N SER C 308 34.88 33.36 15.32
CA SER C 308 34.74 34.81 15.34
C SER C 308 33.85 35.28 14.20
N LYS C 309 34.08 34.74 13.00
CA LYS C 309 33.15 34.86 11.88
C LYS C 309 32.98 33.46 11.32
N PRO C 310 31.89 32.77 11.64
CA PRO C 310 31.80 31.32 11.36
C PRO C 310 31.82 30.97 9.89
N TYR C 311 31.60 31.94 8.99
CA TYR C 311 31.52 31.66 7.56
C TYR C 311 32.82 31.93 6.83
N LEU C 312 33.90 32.22 7.53
CA LEU C 312 35.21 32.45 6.92
C LEU C 312 36.06 31.19 6.98
N LEU C 313 37.13 31.18 6.20
CA LEU C 313 38.00 30.01 6.09
C LEU C 313 39.44 30.45 5.88
N THR C 314 40.35 29.52 6.14
CA THR C 314 41.77 29.74 5.81
C THR C 314 42.02 29.32 4.37
N HIS C 315 43.27 29.29 3.95
CA HIS C 315 43.54 28.77 2.62
C HIS C 315 43.35 27.26 2.59
N PRO C 316 42.98 26.70 1.45
CA PRO C 316 42.91 25.24 1.35
C PRO C 316 44.27 24.63 1.59
N SER C 317 44.27 23.49 2.28
CA SER C 317 45.51 22.77 2.53
C SER C 317 45.93 22.03 1.26
N ASP C 318 47.13 21.46 1.33
CA ASP C 318 47.65 20.73 0.18
C ASP C 318 46.78 19.52 -0.10
N PRO C 319 46.42 19.28 -1.36
CA PRO C 319 45.62 18.10 -1.69
C PRO C 319 46.35 16.83 -1.33
N LEU C 320 45.57 15.82 -0.93
CA LEU C 320 46.11 14.53 -0.50
C LEU C 320 45.23 13.43 -1.09
N GLU C 321 45.62 12.93 -2.26
CA GLU C 321 44.85 11.88 -2.91
C GLU C 321 44.90 10.61 -2.08
N LEU C 322 43.74 9.96 -1.94
CA LEU C 322 43.61 8.72 -1.18
C LEU C 322 43.18 7.62 -2.12
N VAL C 323 44.08 6.68 -2.38
CA VAL C 323 43.85 5.62 -3.36
C VAL C 323 43.58 4.32 -2.61
N VAL C 324 42.52 3.61 -3.04
CA VAL C 324 42.13 2.34 -2.44
C VAL C 324 42.14 1.28 -3.52
N SER C 325 42.81 0.16 -3.26
CA SER C 325 42.90 -0.94 -4.20
C SER C 325 42.65 -2.25 -3.49
N ALA C 326 41.93 -3.16 -4.15
CA ALA C 326 41.66 -4.48 -3.61
C ALA C 326 42.81 -5.41 -3.93
N SER C 327 43.52 -5.87 -2.91
CA SER C 327 44.71 -6.67 -3.11
C SER C 327 44.36 -8.02 -3.72
N THR C 328 45.26 -8.53 -4.56
CA THR C 328 45.07 -9.84 -5.16
C THR C 328 45.20 -10.94 -4.13
N LYS C 329 44.41 -12.00 -4.28
CA LYS C 329 44.39 -13.11 -3.35
C LYS C 329 44.49 -14.42 -4.12
N GLY C 330 45.07 -15.42 -3.47
CA GLY C 330 45.28 -16.71 -4.09
C GLY C 330 44.09 -17.64 -3.91
N PRO C 331 43.60 -18.24 -5.03
CA PRO C 331 42.48 -19.15 -4.95
C PRO C 331 42.78 -20.39 -4.15
N SER C 332 41.80 -20.93 -3.43
CA SER C 332 41.97 -22.17 -2.65
C SER C 332 41.11 -23.24 -3.29
N VAL C 333 41.66 -24.39 -3.69
CA VAL C 333 40.83 -25.37 -4.43
C VAL C 333 40.35 -26.43 -3.48
N PHE C 334 39.05 -26.55 -3.28
CA PHE C 334 38.50 -27.59 -2.38
C PHE C 334 37.83 -28.60 -3.28
N PRO C 335 37.83 -29.91 -2.98
CA PRO C 335 37.28 -30.88 -3.89
C PRO C 335 35.90 -31.39 -3.49
N LEU C 336 34.91 -31.28 -4.36
CA LEU C 336 33.54 -31.62 -3.96
C LEU C 336 33.16 -32.93 -4.62
N ALA C 337 32.48 -33.81 -3.91
CA ALA C 337 32.24 -35.18 -4.43
C ALA C 337 30.76 -35.48 -4.45
N PRO C 338 30.31 -36.49 -5.19
CA PRO C 338 28.89 -36.72 -5.32
C PRO C 338 28.30 -36.94 -3.95
N CYS C 339 28.98 -37.71 -3.12
CA CYS C 339 28.58 -38.02 -1.73
C CYS C 339 28.98 -39.48 -1.63
N SER C 340 28.85 -40.13 -0.48
CA SER C 340 29.37 -41.52 -0.42
C SER C 340 28.62 -42.43 -1.40
N ARG C 341 27.28 -42.35 -1.53
CA ARG C 341 26.62 -43.33 -2.43
C ARG C 341 25.93 -42.73 -3.65
N SER C 342 26.39 -43.14 -4.84
CA SER C 342 25.76 -42.74 -6.10
C SER C 342 25.59 -44.08 -6.81
N THR C 343 24.73 -44.94 -6.27
CA THR C 343 24.56 -46.30 -6.82
C THR C 343 23.34 -46.34 -7.75
N SER C 344 23.45 -47.06 -8.87
CA SER C 344 22.34 -47.21 -9.86
C SER C 344 22.26 -46.00 -10.79
N GLU C 345 23.20 -45.06 -10.70
CA GLU C 345 23.14 -43.96 -11.69
C GLU C 345 24.30 -44.14 -12.68
N SER C 346 23.99 -44.16 -13.98
CA SER C 346 25.05 -44.43 -14.99
C SER C 346 26.13 -43.36 -14.99
N THR C 347 25.78 -42.06 -14.90
CA THR C 347 26.82 -41.01 -14.99
C THR C 347 26.85 -40.19 -13.71
N ALA C 348 28.03 -39.97 -13.13
CA ALA C 348 28.10 -39.28 -11.83
C ALA C 348 28.90 -38.00 -11.98
N ALA C 349 28.75 -37.07 -11.05
CA ALA C 349 29.42 -35.77 -11.22
C ALA C 349 30.50 -35.57 -10.17
N LEU C 350 31.71 -35.13 -10.56
CA LEU C 350 32.80 -34.83 -9.61
C LEU C 350 33.20 -33.40 -9.94
N GLY C 351 33.73 -32.61 -9.00
CA GLY C 351 34.01 -31.19 -9.31
C GLY C 351 34.97 -30.45 -8.38
N CYS C 352 35.47 -29.28 -8.79
CA CYS C 352 36.40 -28.48 -7.97
C CYS C 352 35.74 -27.14 -7.69
N LEU C 353 35.75 -26.62 -6.46
CA LEU C 353 35.21 -25.27 -6.12
C LEU C 353 36.44 -24.42 -5.93
N VAL C 354 36.62 -23.35 -6.67
CA VAL C 354 37.76 -22.45 -6.44
C VAL C 354 37.18 -21.33 -5.61
N LYS C 355 37.67 -21.11 -4.39
CA LYS C 355 36.99 -20.13 -3.49
C LYS C 355 37.89 -18.98 -3.08
N ASP C 356 37.42 -17.75 -3.25
CA ASP C 356 38.15 -16.53 -2.84
C ASP C 356 39.30 -16.13 -3.79
N TYR C 357 39.02 -15.63 -5.00
CA TYR C 357 40.10 -15.16 -5.90
C TYR C 357 39.74 -13.75 -6.35
N PHE C 358 40.66 -12.77 -6.40
CA PHE C 358 40.25 -11.37 -6.77
C PHE C 358 40.51 -10.93 -8.20
N PRO C 359 41.69 -11.07 -8.79
CA PRO C 359 41.80 -10.68 -10.17
C PRO C 359 40.88 -11.66 -10.85
N GLU C 360 40.04 -11.26 -11.80
CA GLU C 360 38.98 -12.17 -12.32
C GLU C 360 39.35 -13.37 -13.20
N PRO C 361 40.43 -13.45 -14.00
CA PRO C 361 40.62 -14.62 -14.84
C PRO C 361 41.21 -15.85 -14.17
N VAL C 362 40.42 -16.89 -13.92
CA VAL C 362 40.96 -18.17 -13.36
C VAL C 362 40.56 -19.19 -14.41
N THR C 363 41.27 -20.31 -14.55
CA THR C 363 41.08 -21.20 -15.71
C THR C 363 41.24 -22.59 -15.16
N VAL C 364 40.25 -23.45 -15.29
CA VAL C 364 40.35 -24.79 -14.69
C VAL C 364 40.34 -25.82 -15.80
N SER C 365 41.33 -26.71 -15.90
CA SER C 365 41.27 -27.79 -16.91
C SER C 365 41.53 -29.13 -16.26
N TRP C 366 40.65 -30.09 -16.46
CA TRP C 366 40.78 -31.37 -15.73
C TRP C 366 41.83 -32.27 -16.38
N ASN C 367 42.67 -32.96 -15.59
CA ASN C 367 43.67 -33.92 -16.12
C ASN C 367 44.44 -33.26 -17.25
N SER C 368 45.12 -32.13 -16.99
CA SER C 368 45.81 -31.34 -18.04
C SER C 368 44.81 -30.92 -19.11
N GLY C 369 45.12 -31.19 -20.37
CA GLY C 369 44.25 -30.76 -21.48
C GLY C 369 43.30 -31.84 -21.96
N ALA C 370 43.29 -32.99 -21.31
CA ALA C 370 42.39 -34.10 -21.70
C ALA C 370 41.05 -33.94 -20.99
N LEU C 371 40.20 -34.97 -21.03
CA LEU C 371 38.94 -34.94 -20.28
C LEU C 371 38.19 -33.71 -20.71
N THR C 372 38.20 -33.42 -21.99
CA THR C 372 37.39 -32.28 -22.47
C THR C 372 36.03 -32.85 -22.86
N SER C 373 35.74 -34.05 -22.36
CA SER C 373 34.40 -34.63 -22.57
C SER C 373 33.42 -34.11 -21.52
N GLY C 374 32.91 -32.89 -21.71
CA GLY C 374 31.87 -32.40 -20.80
C GLY C 374 32.31 -31.45 -19.72
N VAL C 375 33.59 -31.15 -19.59
CA VAL C 375 33.92 -30.15 -18.55
C VAL C 375 33.07 -28.92 -18.81
N HIS C 376 32.30 -28.46 -17.83
CA HIS C 376 31.58 -27.18 -17.98
C HIS C 376 32.16 -26.30 -16.88
N THR C 377 32.66 -25.09 -17.16
CA THR C 377 33.18 -24.28 -16.04
C THR C 377 32.16 -23.21 -15.79
N PHE C 378 31.47 -23.25 -14.67
CA PHE C 378 30.33 -22.32 -14.47
C PHE C 378 30.84 -20.89 -14.38
N PRO C 379 29.99 -19.89 -14.58
CA PRO C 379 30.44 -18.54 -14.53
C PRO C 379 30.68 -18.25 -13.07
N ALA C 380 31.32 -17.13 -12.73
CA ALA C 380 31.70 -16.87 -11.33
C ALA C 380 30.76 -15.93 -10.60
N VAL C 381 30.60 -16.11 -9.29
CA VAL C 381 29.62 -15.32 -8.51
C VAL C 381 30.40 -14.31 -7.70
N LEU C 382 30.11 -13.04 -7.83
CA LEU C 382 30.93 -12.04 -7.13
C LEU C 382 30.41 -11.95 -5.71
N GLN C 383 31.11 -12.58 -4.77
CA GLN C 383 30.65 -12.61 -3.38
C GLN C 383 30.66 -11.19 -2.82
N SER C 384 29.85 -10.94 -1.80
CA SER C 384 29.73 -9.59 -1.18
C SER C 384 31.05 -9.17 -0.54
N SER C 385 31.90 -10.13 -0.17
CA SER C 385 33.22 -9.77 0.39
C SER C 385 34.06 -9.07 -0.67
N GLY C 386 33.72 -9.25 -1.94
CA GLY C 386 34.50 -8.64 -3.03
C GLY C 386 35.46 -9.62 -3.61
N LEU C 387 35.37 -10.88 -3.21
CA LEU C 387 36.23 -11.92 -3.79
C LEU C 387 35.37 -12.87 -4.61
N TYR C 388 35.73 -13.17 -5.86
CA TYR C 388 34.96 -14.05 -6.77
C TYR C 388 35.11 -15.53 -6.40
N SER C 389 34.22 -16.43 -6.85
CA SER C 389 34.35 -17.90 -6.68
C SER C 389 33.74 -18.59 -7.92
N LEU C 390 34.17 -19.77 -8.34
CA LEU C 390 33.72 -20.40 -9.61
C LEU C 390 33.77 -21.91 -9.43
N SER C 391 33.04 -22.71 -10.15
CA SER C 391 33.17 -24.17 -9.95
C SER C 391 33.16 -24.87 -11.29
N SER C 392 33.59 -26.12 -11.36
CA SER C 392 33.48 -26.85 -12.63
C SER C 392 33.10 -28.30 -12.37
N VAL C 393 32.30 -28.91 -13.21
CA VAL C 393 31.83 -30.29 -12.93
C VAL C 393 32.13 -31.12 -14.15
N VAL C 394 32.63 -32.34 -13.97
CA VAL C 394 32.92 -33.25 -15.09
C VAL C 394 31.97 -34.41 -14.97
N THR C 395 31.11 -34.62 -15.95
CA THR C 395 30.24 -35.80 -15.85
C THR C 395 31.08 -37.01 -16.25
N VAL C 396 31.02 -38.10 -15.49
CA VAL C 396 31.89 -39.28 -15.79
C VAL C 396 31.04 -40.54 -15.79
N PRO C 397 31.32 -41.59 -16.60
CA PRO C 397 30.60 -42.89 -16.52
C PRO C 397 30.86 -43.49 -15.14
N SER C 398 29.86 -44.09 -14.50
CA SER C 398 30.01 -44.46 -13.08
C SER C 398 31.09 -45.46 -12.70
N SER C 399 31.20 -46.58 -13.42
CA SER C 399 32.16 -47.62 -12.97
C SER C 399 33.53 -46.99 -13.02
N SER C 400 33.71 -46.09 -13.97
CA SER C 400 35.03 -45.48 -14.17
C SER C 400 35.49 -44.78 -12.88
N LEU C 401 34.55 -44.27 -12.08
CA LEU C 401 34.94 -43.50 -10.86
C LEU C 401 35.76 -44.45 -9.99
N GLY C 402 35.46 -45.73 -10.07
CA GLY C 402 36.32 -46.64 -9.31
C GLY C 402 37.75 -46.64 -9.80
N THR C 403 37.98 -46.68 -11.12
CA THR C 403 39.38 -46.83 -11.63
C THR C 403 39.93 -45.53 -12.22
N LYS C 404 39.18 -44.87 -13.09
CA LYS C 404 39.75 -43.69 -13.78
C LYS C 404 40.07 -42.62 -12.75
N THR C 405 41.25 -42.01 -12.82
CA THR C 405 41.60 -41.03 -11.75
C THR C 405 41.38 -39.61 -12.27
N TYR C 406 40.36 -38.91 -11.77
CA TYR C 406 40.09 -37.58 -12.33
C TYR C 406 40.72 -36.56 -11.39
N THR C 407 41.60 -35.65 -11.83
CA THR C 407 42.12 -34.59 -10.93
C THR C 407 42.12 -33.23 -11.62
N CYS C 408 42.02 -32.11 -10.89
CA CYS C 408 41.83 -30.79 -11.55
C CYS C 408 42.94 -29.79 -11.28
N ASN C 409 43.27 -28.97 -12.28
CA ASN C 409 44.37 -27.98 -12.15
C ASN C 409 43.85 -26.56 -12.32
N VAL C 410 44.20 -25.65 -11.40
CA VAL C 410 43.72 -24.25 -11.45
C VAL C 410 44.89 -23.35 -11.77
N ASP C 411 44.66 -22.28 -12.51
CA ASP C 411 45.81 -21.47 -12.98
C ASP C 411 45.26 -20.09 -12.67
N HIS C 412 45.79 -19.40 -11.68
CA HIS C 412 45.31 -18.01 -11.47
C HIS C 412 46.59 -17.30 -11.86
N LYS C 413 46.62 -16.67 -13.03
CA LYS C 413 47.86 -16.04 -13.48
C LYS C 413 48.31 -14.86 -12.62
N PRO C 414 47.43 -13.89 -12.29
CA PRO C 414 47.92 -12.70 -11.59
C PRO C 414 48.60 -12.98 -10.26
N SER C 415 48.19 -14.01 -9.53
CA SER C 415 48.83 -14.33 -8.27
C SER C 415 49.92 -15.39 -8.40
N ASN C 416 50.19 -15.86 -9.62
CA ASN C 416 51.25 -16.85 -9.88
C ASN C 416 51.08 -18.08 -9.00
N THR C 417 49.91 -18.72 -9.16
CA THR C 417 49.60 -19.94 -8.38
C THR C 417 49.03 -21.04 -9.28
N LYS C 418 49.54 -22.26 -9.16
CA LYS C 418 48.98 -23.42 -9.90
C LYS C 418 48.71 -24.49 -8.86
N VAL C 419 47.47 -24.89 -8.68
CA VAL C 419 47.15 -25.86 -7.60
C VAL C 419 46.49 -27.04 -8.27
N ASP C 420 46.80 -28.25 -7.84
CA ASP C 420 46.14 -29.45 -8.40
C ASP C 420 45.42 -30.16 -7.25
N LYS C 421 44.20 -30.67 -7.43
CA LYS C 421 43.57 -31.44 -6.34
C LYS C 421 43.03 -32.75 -6.91
N ARG C 422 43.27 -33.88 -6.26
CA ARG C 422 42.82 -35.17 -6.76
C ARG C 422 41.50 -35.52 -6.07
N VAL C 423 40.39 -35.29 -6.75
CA VAL C 423 39.08 -35.53 -6.18
C VAL C 423 38.73 -37.01 -6.27
N GLU C 424 38.01 -37.50 -5.26
CA GLU C 424 37.64 -38.91 -5.22
C GLU C 424 36.33 -39.06 -4.44
N SER C 425 35.66 -40.17 -4.68
CA SER C 425 34.41 -40.52 -4.00
C SER C 425 34.64 -41.76 -3.15
N LYS C 426 34.39 -41.65 -1.86
CA LYS C 426 34.59 -42.79 -0.96
C LYS C 426 33.43 -42.89 0.03
N SER D 1 10.77 1.74 -2.09
CA SER D 1 10.94 2.34 -0.76
C SER D 1 12.02 1.62 0.03
N TYR D 2 11.66 1.14 1.22
CA TYR D 2 12.61 0.41 2.04
C TYR D 2 13.03 -0.88 1.35
N ASP D 3 14.29 -1.25 1.54
CA ASP D 3 14.82 -2.46 0.94
C ASP D 3 15.06 -3.58 1.95
N LEU D 4 14.92 -3.30 3.25
CA LEU D 4 15.21 -4.30 4.27
C LEU D 4 13.97 -5.12 4.57
N THR D 5 14.08 -6.44 4.43
CA THR D 5 12.97 -7.35 4.61
C THR D 5 13.22 -8.25 5.81
N GLN D 6 12.14 -8.55 6.53
CA GLN D 6 12.18 -9.38 7.72
C GLN D 6 11.07 -10.41 7.65
N PRO D 7 11.20 -11.52 8.36
CA PRO D 7 10.09 -12.47 8.47
C PRO D 7 8.88 -11.78 9.09
N PRO D 8 7.68 -12.05 8.58
CA PRO D 8 6.48 -11.43 9.17
C PRO D 8 6.31 -11.75 10.64
N SER D 9 6.66 -12.97 11.07
CA SER D 9 6.47 -13.36 12.46
C SER D 9 7.34 -14.55 12.79
N VAL D 10 7.71 -14.66 14.06
CA VAL D 10 8.45 -15.81 14.59
C VAL D 10 7.82 -16.20 15.92
N SER D 11 7.56 -17.49 16.09
CA SER D 11 7.02 -18.02 17.34
C SER D 11 7.98 -19.08 17.88
N VAL D 12 8.18 -19.08 19.18
CA VAL D 12 9.14 -19.99 19.81
C VAL D 12 8.65 -20.36 21.21
N SER D 13 8.84 -21.62 21.57
CA SER D 13 8.48 -22.08 22.91
C SER D 13 9.47 -21.55 23.93
N PRO D 14 9.04 -21.37 25.18
CA PRO D 14 9.96 -20.84 26.20
C PRO D 14 11.16 -21.73 26.40
N GLY D 15 12.31 -21.10 26.61
CA GLY D 15 13.56 -21.79 26.84
C GLY D 15 14.40 -22.02 25.61
N GLN D 16 13.82 -21.92 24.41
CA GLN D 16 14.56 -22.14 23.19
C GLN D 16 15.23 -20.84 22.74
N THR D 17 15.86 -20.88 21.56
CA THR D 17 16.51 -19.72 20.98
C THR D 17 15.79 -19.32 19.71
N ALA D 18 15.53 -18.03 19.56
CA ALA D 18 14.85 -17.48 18.39
C ALA D 18 15.85 -16.68 17.55
N ARG D 19 15.81 -16.89 16.24
CA ARG D 19 16.71 -16.21 15.32
C ARG D 19 15.91 -15.31 14.39
N ILE D 20 16.26 -14.04 14.36
CA ILE D 20 15.66 -13.06 13.46
C ILE D 20 16.74 -12.55 12.52
N THR D 21 16.46 -12.59 11.22
CA THR D 21 17.40 -12.14 10.21
C THR D 21 16.72 -11.14 9.30
N CYS D 22 17.37 -10.00 9.07
CA CYS D 22 16.93 -9.04 8.08
C CYS D 22 18.05 -8.84 7.07
N SER D 23 17.69 -8.82 5.79
CA SER D 23 18.65 -8.81 4.71
C SER D 23 18.33 -7.70 3.72
N GLY D 24 19.38 -7.18 3.10
CA GLY D 24 19.23 -6.12 2.12
C GLY D 24 20.52 -5.97 1.34
N ASP D 25 20.49 -5.06 0.37
CA ASP D 25 21.65 -4.80 -0.46
C ASP D 25 22.53 -3.70 0.08
N SER D 26 22.14 -3.05 1.17
CA SER D 26 22.95 -1.99 1.78
C SER D 26 23.65 -2.43 3.04
N LEU D 27 23.37 -3.62 3.56
CA LEU D 27 24.04 -4.12 4.75
C LEU D 27 25.51 -4.43 4.50
N ALA D 28 25.94 -4.47 3.24
CA ALA D 28 27.33 -4.83 2.95
C ALA D 28 28.29 -3.76 3.45
N ARG D 29 27.98 -2.49 3.23
CA ARG D 29 28.89 -1.40 3.54
C ARG D 29 28.51 -0.60 4.77
N GLN D 30 27.22 -0.55 5.12
CA GLN D 30 26.76 0.26 6.24
C GLN D 30 26.37 -0.65 7.40
N PHE D 31 26.59 -0.16 8.62
CA PHE D 31 26.33 -0.95 9.81
C PHE D 31 24.82 -1.12 10.00
N ALA D 32 24.46 -1.76 11.12
CA ALA D 32 23.07 -2.03 11.44
C ALA D 32 22.88 -1.94 12.95
N SER D 33 21.62 -1.83 13.36
CA SER D 33 21.29 -1.86 14.76
C SER D 33 19.91 -2.45 14.93
N TRP D 34 19.64 -2.98 16.11
CA TRP D 34 18.40 -3.71 16.40
C TRP D 34 17.62 -2.99 17.49
N TYR D 35 16.32 -2.82 17.27
CA TYR D 35 15.46 -2.13 18.21
C TYR D 35 14.36 -3.07 18.70
N GLN D 36 13.94 -2.87 19.94
CA GLN D 36 12.89 -3.68 20.56
C GLN D 36 11.78 -2.76 21.02
N GLN D 37 10.56 -3.02 20.56
CA GLN D 37 9.40 -2.20 20.90
C GLN D 37 8.33 -3.09 21.53
N LYS D 38 8.21 -3.03 22.85
CA LYS D 38 7.11 -3.70 23.53
C LYS D 38 5.82 -2.95 23.21
N PRO D 39 4.66 -3.63 23.30
CA PRO D 39 3.41 -3.01 22.87
C PRO D 39 3.12 -1.73 23.65
N GLY D 40 2.83 -0.67 22.91
CA GLY D 40 2.53 0.63 23.51
C GLY D 40 3.72 1.52 23.82
N GLN D 41 4.73 0.97 24.46
CA GLN D 41 5.91 1.74 24.84
C GLN D 41 6.68 2.20 23.61
N SER D 42 7.78 2.89 23.87
CA SER D 42 8.73 3.38 22.89
C SER D 42 9.85 2.38 22.68
N PRO D 43 10.38 2.30 21.46
CA PRO D 43 11.45 1.33 21.18
C PRO D 43 12.71 1.62 21.98
N VAL D 44 13.46 0.57 22.25
CA VAL D 44 14.69 0.64 23.01
C VAL D 44 15.82 0.02 22.20
N LEU D 45 16.96 0.68 22.16
CA LEU D 45 18.12 0.16 21.43
C LEU D 45 18.64 -1.09 22.11
N LEU D 46 18.98 -2.11 21.31
CA LEU D 46 19.51 -3.37 21.82
C LEU D 46 20.95 -3.61 21.41
N ILE D 47 21.23 -3.59 20.11
CA ILE D 47 22.56 -3.89 19.59
C ILE D 47 22.90 -2.86 18.53
N TYR D 48 24.12 -2.33 18.58
CA TYR D 48 24.56 -1.37 17.58
C TYR D 48 25.93 -1.76 17.06
N LYS D 49 26.19 -1.42 15.80
CA LYS D 49 27.40 -1.79 15.07
C LYS D 49 27.54 -3.30 14.91
N ASN D 50 26.43 -4.02 14.97
CA ASN D 50 26.28 -5.42 14.60
C ASN D 50 26.92 -6.42 15.57
N ILE D 51 27.72 -5.95 16.52
CA ILE D 51 28.45 -6.87 17.37
C ILE D 51 28.27 -6.51 18.83
N GLU D 52 28.00 -5.25 19.11
CA GLU D 52 28.10 -4.73 20.46
C GLU D 52 26.71 -4.55 21.07
N ARG D 53 26.62 -4.78 22.38
CA ARG D 53 25.40 -4.56 23.14
C ARG D 53 25.58 -3.36 24.04
N LEU D 54 24.46 -2.85 24.54
CA LEU D 54 24.51 -1.80 25.55
C LEU D 54 24.89 -2.40 26.89
N SER D 55 25.24 -1.53 27.84
CA SER D 55 25.68 -2.00 29.14
C SER D 55 24.53 -2.44 30.03
N ALA D 56 23.30 -2.11 29.68
CA ALA D 56 22.13 -2.42 30.51
C ALA D 56 21.13 -3.29 29.76
N ILE D 57 21.64 -4.29 29.04
CA ILE D 57 20.80 -5.20 28.28
C ILE D 57 21.11 -6.62 28.70
N PRO D 58 20.12 -7.50 28.85
CA PRO D 58 20.39 -8.86 29.33
C PRO D 58 21.36 -9.59 28.42
N GLU D 59 22.17 -10.45 29.02
CA GLU D 59 23.23 -11.13 28.29
C GLU D 59 22.70 -12.09 27.23
N ARG D 60 21.41 -12.40 27.25
CA ARG D 60 20.88 -13.37 26.31
C ARG D 60 20.94 -12.84 24.87
N PHE D 61 20.72 -11.55 24.68
CA PHE D 61 20.73 -10.98 23.34
C PHE D 61 22.14 -10.94 22.78
N SER D 62 22.28 -11.39 21.54
CA SER D 62 23.56 -11.30 20.84
C SER D 62 23.28 -11.21 19.35
N GLY D 63 24.23 -10.64 18.62
CA GLY D 63 24.05 -10.43 17.20
C GLY D 63 25.32 -10.78 16.44
N SER D 64 25.14 -10.99 15.13
CA SER D 64 26.26 -11.28 14.27
C SER D 64 25.88 -10.91 12.84
N THR D 65 26.89 -10.74 12.01
CA THR D 65 26.72 -10.38 10.61
C THR D 65 27.13 -11.53 9.72
N SER D 66 26.37 -11.75 8.64
CA SER D 66 26.66 -12.79 7.66
C SER D 66 26.48 -12.19 6.28
N GLY D 67 27.54 -11.59 5.74
CA GLY D 67 27.48 -10.98 4.43
C GLY D 67 26.49 -9.83 4.37
N THR D 68 25.39 -10.02 3.64
CA THR D 68 24.36 -9.01 3.50
C THR D 68 23.15 -9.28 4.39
N SER D 69 23.37 -9.91 5.54
CA SER D 69 22.29 -10.14 6.50
C SER D 69 22.86 -10.08 7.90
N VAL D 70 22.03 -9.64 8.84
CA VAL D 70 22.41 -9.57 10.24
C VAL D 70 21.38 -10.34 11.05
N THR D 71 21.85 -11.12 12.02
CA THR D 71 21.00 -12.00 12.80
C THR D 71 21.08 -11.64 14.27
N LEU D 72 19.92 -11.54 14.91
CA LEU D 72 19.81 -11.31 16.35
C LEU D 72 19.23 -12.55 16.99
N THR D 73 19.95 -13.13 17.95
CA THR D 73 19.56 -14.38 18.57
C THR D 73 19.20 -14.13 20.03
N ILE D 74 17.97 -14.49 20.41
CA ILE D 74 17.53 -14.36 21.80
C ILE D 74 17.69 -15.74 22.41
N SER D 75 18.85 -15.99 23.01
CA SER D 75 19.09 -17.29 23.61
C SER D 75 18.30 -17.41 24.91
N GLY D 76 17.52 -18.49 25.03
CA GLY D 76 16.71 -18.71 26.21
C GLY D 76 15.62 -17.67 26.40
N VAL D 77 14.82 -17.44 25.36
CA VAL D 77 13.76 -16.44 25.43
C VAL D 77 12.83 -16.76 26.59
N GLN D 78 12.55 -15.76 27.42
CA GLN D 78 11.65 -15.89 28.54
C GLN D 78 10.28 -15.36 28.15
N ALA D 79 9.39 -15.24 29.13
CA ALA D 79 8.05 -14.72 28.86
C ALA D 79 8.02 -13.22 28.67
N GLU D 80 9.06 -12.50 29.09
CA GLU D 80 9.05 -11.04 28.95
C GLU D 80 9.33 -10.61 27.52
N ASP D 81 10.12 -11.37 26.78
CA ASP D 81 10.58 -10.95 25.45
C ASP D 81 9.52 -11.31 24.40
N GLU D 82 8.40 -10.60 24.48
CA GLU D 82 7.34 -10.69 23.49
C GLU D 82 7.10 -9.28 22.96
N ALA D 83 7.74 -8.95 21.84
CA ALA D 83 7.65 -7.60 21.31
C ALA D 83 7.95 -7.65 19.81
N ASP D 84 8.19 -6.49 19.22
CA ASP D 84 8.52 -6.37 17.82
C ASP D 84 9.97 -5.90 17.69
N TYR D 85 10.69 -6.44 16.72
CA TYR D 85 12.11 -6.17 16.58
C TYR D 85 12.38 -5.59 15.20
N PHE D 86 12.96 -4.39 15.16
CA PHE D 86 13.27 -3.70 13.92
C PHE D 86 14.77 -3.53 13.78
N CYS D 87 15.28 -3.73 12.57
CA CYS D 87 16.67 -3.45 12.25
C CYS D 87 16.73 -2.25 11.33
N GLN D 88 17.73 -1.40 11.51
CA GLN D 88 17.85 -0.18 10.72
C GLN D 88 19.26 -0.03 10.18
N SER D 89 19.35 0.58 9.01
CA SER D 89 20.63 0.78 8.33
C SER D 89 20.45 1.85 7.28
N ALA D 90 21.57 2.39 6.81
CA ALA D 90 21.52 3.37 5.75
C ALA D 90 21.27 2.68 4.41
N ASP D 91 21.03 3.50 3.39
CA ASP D 91 20.94 2.98 2.03
C ASP D 91 22.34 2.77 1.48
N ASP D 92 22.45 2.59 0.16
CA ASP D 92 23.76 2.36 -0.44
C ASP D 92 24.67 3.56 -0.26
N SER D 93 24.15 4.77 -0.45
CA SER D 93 24.97 5.97 -0.42
C SER D 93 25.29 6.45 0.98
N GLY D 94 24.65 5.88 2.01
CA GLY D 94 24.96 6.25 3.38
C GLY D 94 24.42 7.58 3.82
N SER D 95 23.39 8.10 3.16
CA SER D 95 22.78 9.36 3.55
C SER D 95 21.49 9.15 4.33
N TYR D 96 20.53 8.45 3.75
CA TYR D 96 19.25 8.24 4.40
C TYR D 96 19.29 6.98 5.26
N SER D 97 18.30 6.85 6.13
CA SER D 97 18.18 5.70 7.02
C SER D 97 16.91 4.92 6.69
N LEU D 98 16.99 3.60 6.78
CA LEU D 98 15.88 2.73 6.42
C LEU D 98 15.61 1.79 7.58
N PHE D 99 14.35 1.68 7.99
CA PHE D 99 13.98 0.70 8.99
C PHE D 99 13.51 -0.57 8.29
N GLY D 100 13.23 -1.60 9.09
CA GLY D 100 12.76 -2.87 8.56
C GLY D 100 11.28 -3.05 8.80
N THR D 101 10.74 -4.12 8.19
CA THR D 101 9.35 -4.46 8.42
C THR D 101 9.11 -4.84 9.87
N GLY D 102 10.01 -5.62 10.46
CA GLY D 102 9.92 -5.95 11.87
C GLY D 102 9.12 -7.18 12.17
N THR D 103 9.74 -8.15 12.84
CA THR D 103 9.09 -9.41 13.18
C THR D 103 8.24 -9.22 14.43
N ARG D 104 7.78 -10.33 15.00
CA ARG D 104 6.99 -10.30 16.23
C ARG D 104 7.24 -11.62 16.95
N VAL D 105 8.14 -11.61 17.92
CA VAL D 105 8.48 -12.82 18.65
C VAL D 105 7.39 -13.07 19.68
N SER D 106 6.77 -14.25 19.62
CA SER D 106 5.71 -14.63 20.54
C SER D 106 6.04 -15.97 21.15
N VAL D 107 5.75 -16.12 22.45
CA VAL D 107 6.01 -17.35 23.18
C VAL D 107 4.71 -18.14 23.30
N LEU D 108 4.78 -19.43 22.97
CA LEU D 108 3.59 -20.28 22.96
C LEU D 108 3.34 -20.86 24.35
N GLY D 109 2.07 -21.05 24.67
CA GLY D 109 1.71 -21.68 25.93
C GLY D 109 2.13 -23.13 26.00
N GLN D 110 1.94 -23.87 24.91
CA GLN D 110 2.28 -25.28 24.85
C GLN D 110 3.42 -25.51 23.86
N PRO D 111 4.32 -26.45 24.15
CA PRO D 111 5.45 -26.68 23.25
C PRO D 111 5.00 -27.06 21.85
N LYS D 112 5.74 -26.58 20.85
CA LYS D 112 5.39 -26.79 19.47
C LYS D 112 5.58 -28.25 19.06
N ALA D 113 4.74 -28.70 18.13
CA ALA D 113 4.82 -30.05 17.60
C ALA D 113 4.73 -30.00 16.08
N ASN D 114 5.38 -30.96 15.43
CA ASN D 114 5.42 -30.95 13.98
C ASN D 114 4.40 -31.93 13.39
N PRO D 115 3.86 -31.63 12.22
CA PRO D 115 2.84 -32.50 11.62
C PRO D 115 3.41 -33.85 11.23
N THR D 116 2.55 -34.86 11.26
CA THR D 116 2.85 -36.19 10.77
C THR D 116 2.00 -36.43 9.54
N VAL D 117 2.62 -36.39 8.37
CA VAL D 117 1.91 -36.41 7.10
C VAL D 117 2.04 -37.80 6.50
N THR D 118 0.90 -38.42 6.20
CA THR D 118 0.86 -39.70 5.50
C THR D 118 -0.05 -39.56 4.30
N LEU D 119 0.43 -39.97 3.14
CA LEU D 119 -0.30 -39.85 1.88
C LEU D 119 -0.60 -41.23 1.33
N PHE D 120 -1.79 -41.39 0.77
CA PHE D 120 -2.26 -42.68 0.29
C PHE D 120 -2.62 -42.61 -1.18
N PRO D 121 -2.14 -43.52 -2.00
CA PRO D 121 -2.51 -43.53 -3.41
C PRO D 121 -3.93 -44.03 -3.58
N PRO D 122 -4.54 -43.83 -4.75
CA PRO D 122 -5.87 -44.39 -4.98
C PRO D 122 -5.81 -45.91 -4.97
N SER D 123 -6.92 -46.52 -4.55
CA SER D 123 -6.94 -47.98 -4.44
C SER D 123 -6.83 -48.61 -5.81
N SER D 124 -6.35 -49.85 -5.84
CA SER D 124 -6.26 -50.56 -7.10
C SER D 124 -7.63 -50.83 -7.70
N GLU D 125 -8.70 -50.72 -6.92
CA GLU D 125 -10.04 -50.97 -7.43
C GLU D 125 -10.77 -49.69 -7.82
N GLU D 126 -10.17 -48.52 -7.59
CA GLU D 126 -10.72 -47.26 -8.05
C GLU D 126 -10.48 -47.00 -9.52
N LEU D 127 -9.37 -47.48 -10.07
CA LEU D 127 -9.13 -47.38 -11.50
C LEU D 127 -10.19 -48.16 -12.27
N GLN D 128 -10.70 -49.25 -11.71
CA GLN D 128 -11.80 -49.96 -12.36
C GLN D 128 -13.06 -49.10 -12.37
N ALA D 129 -13.27 -48.31 -11.33
CA ALA D 129 -14.44 -47.46 -11.19
C ALA D 129 -14.28 -46.11 -11.86
N ASN D 130 -13.16 -45.85 -12.50
CA ASN D 130 -12.89 -44.63 -13.28
C ASN D 130 -12.85 -43.36 -12.45
N LYS D 131 -12.65 -43.47 -11.14
CA LYS D 131 -12.49 -42.31 -10.26
C LYS D 131 -11.25 -42.52 -9.41
N ALA D 132 -10.39 -41.52 -9.34
CA ALA D 132 -9.16 -41.60 -8.55
C ALA D 132 -9.09 -40.42 -7.61
N THR D 133 -8.70 -40.68 -6.37
CA THR D 133 -8.58 -39.64 -5.34
C THR D 133 -7.36 -39.92 -4.48
N LEU D 134 -6.42 -38.99 -4.46
CA LEU D 134 -5.34 -39.04 -3.47
C LEU D 134 -5.84 -38.49 -2.15
N VAL D 135 -5.23 -38.97 -1.06
CA VAL D 135 -5.60 -38.54 0.29
C VAL D 135 -4.33 -38.13 1.02
N CYS D 136 -4.37 -36.95 1.65
CA CYS D 136 -3.28 -36.46 2.48
C CYS D 136 -3.84 -36.19 3.87
N LEU D 137 -3.26 -36.81 4.88
CA LEU D 137 -3.76 -36.73 6.25
C LEU D 137 -2.70 -36.12 7.15
N ILE D 138 -3.07 -35.05 7.85
CA ILE D 138 -2.17 -34.32 8.74
C ILE D 138 -2.65 -34.51 10.17
N SER D 139 -1.75 -34.89 11.06
CA SER D 139 -2.13 -35.21 12.43
C SER D 139 -1.14 -34.60 13.41
N ASP D 140 -1.66 -34.21 14.58
CA ASP D 140 -0.86 -33.88 15.75
C ASP D 140 0.08 -32.71 15.49
N PHE D 141 -0.50 -31.55 15.21
CA PHE D 141 0.29 -30.33 15.03
C PHE D 141 -0.31 -29.20 15.84
N TYR D 142 0.56 -28.30 16.32
CA TYR D 142 0.19 -27.17 17.15
C TYR D 142 1.15 -26.01 16.88
N PRO D 143 0.66 -24.79 16.65
CA PRO D 143 -0.74 -24.37 16.57
C PRO D 143 -1.38 -24.78 15.26
N GLY D 144 -2.70 -24.58 15.13
CA GLY D 144 -3.38 -25.01 13.93
C GLY D 144 -3.37 -23.98 12.82
N ALA D 145 -2.43 -24.11 11.90
CA ALA D 145 -2.41 -23.29 10.69
C ALA D 145 -1.60 -24.07 9.66
N VAL D 146 -2.29 -24.74 8.74
CA VAL D 146 -1.63 -25.55 7.73
C VAL D 146 -2.22 -25.21 6.37
N THR D 147 -1.37 -25.14 5.35
CA THR D 147 -1.77 -24.78 4.00
C THR D 147 -1.28 -25.86 3.06
N VAL D 148 -2.12 -26.87 2.82
CA VAL D 148 -1.77 -27.94 1.91
C VAL D 148 -1.63 -27.38 0.50
N ALA D 149 -0.54 -27.72 -0.17
CA ALA D 149 -0.28 -27.26 -1.53
C ALA D 149 0.12 -28.46 -2.38
N TRP D 150 -0.85 -29.04 -3.07
CA TRP D 150 -0.57 -30.21 -3.90
C TRP D 150 0.32 -29.84 -5.07
N LYS D 151 1.25 -30.74 -5.39
CA LYS D 151 2.13 -30.56 -6.53
C LYS D 151 2.21 -31.87 -7.30
N ALA D 152 2.04 -31.79 -8.62
CA ALA D 152 2.15 -32.93 -9.50
C ALA D 152 3.28 -32.68 -10.48
N ASP D 153 4.23 -33.61 -10.55
CA ASP D 153 5.38 -33.51 -11.45
C ASP D 153 6.17 -32.23 -11.19
N GLY D 154 6.13 -31.71 -9.97
CA GLY D 154 6.82 -30.50 -9.63
C GLY D 154 6.08 -29.22 -9.97
N SER D 155 4.93 -29.31 -10.62
CA SER D 155 4.16 -28.11 -10.93
C SER D 155 2.91 -28.04 -10.06
N PRO D 156 2.50 -26.85 -9.64
CA PRO D 156 1.35 -26.74 -8.74
C PRO D 156 0.07 -27.23 -9.42
N VAL D 157 -0.80 -27.82 -8.61
CA VAL D 157 -2.11 -28.27 -9.06
C VAL D 157 -3.15 -27.71 -8.09
N LYS D 158 -4.17 -27.03 -8.65
CA LYS D 158 -5.22 -26.45 -7.83
C LYS D 158 -6.61 -26.79 -8.37
N ALA D 159 -6.72 -27.84 -9.18
CA ALA D 159 -7.98 -28.21 -9.81
C ALA D 159 -8.47 -29.51 -9.17
N GLY D 160 -9.20 -29.38 -8.07
CA GLY D 160 -9.77 -30.54 -7.41
C GLY D 160 -9.46 -30.61 -5.93
N VAL D 161 -8.57 -29.74 -5.46
CA VAL D 161 -8.16 -29.77 -4.06
C VAL D 161 -9.33 -29.34 -3.18
N GLU D 162 -9.59 -30.13 -2.14
CA GLU D 162 -10.64 -29.82 -1.17
C GLU D 162 -10.04 -30.03 0.22
N THR D 163 -10.10 -29.00 1.07
CA THR D 163 -9.45 -29.03 2.36
C THR D 163 -10.40 -28.52 3.44
N THR D 164 -10.30 -29.10 4.63
CA THR D 164 -11.07 -28.64 5.77
C THR D 164 -10.22 -27.77 6.67
N LYS D 165 -10.91 -26.94 7.46
CA LYS D 165 -10.23 -26.14 8.45
C LYS D 165 -9.68 -27.04 9.55
N PRO D 166 -8.56 -26.67 10.16
CA PRO D 166 -8.07 -27.44 11.30
C PRO D 166 -9.10 -27.50 12.40
N SER D 167 -9.22 -28.65 13.03
CA SER D 167 -10.26 -28.89 14.02
C SER D 167 -9.64 -29.38 15.31
N LYS D 168 -10.37 -29.15 16.40
CA LYS D 168 -9.97 -29.64 17.70
C LYS D 168 -9.96 -31.17 17.71
N GLN D 169 -9.02 -31.72 18.47
CA GLN D 169 -8.88 -33.16 18.61
C GLN D 169 -9.06 -33.54 20.06
N SER D 170 -9.29 -34.83 20.31
CA SER D 170 -9.43 -35.31 21.68
C SER D 170 -8.19 -34.97 22.50
N ASN D 171 -7.01 -35.28 21.97
CA ASN D 171 -5.80 -34.73 22.52
C ASN D 171 -5.70 -33.25 22.15
N ASN D 172 -4.95 -32.49 22.95
CA ASN D 172 -4.88 -31.05 22.74
C ASN D 172 -3.90 -30.68 21.62
N LYS D 173 -4.05 -31.29 20.46
CA LYS D 173 -3.28 -30.94 19.26
C LYS D 173 -4.20 -31.08 18.06
N TYR D 174 -4.21 -30.08 17.19
CA TYR D 174 -5.21 -29.99 16.14
C TYR D 174 -4.96 -31.07 15.08
N ALA D 175 -5.87 -31.15 14.10
CA ALA D 175 -5.76 -32.11 13.01
C ALA D 175 -6.55 -31.60 11.81
N ALA D 176 -6.25 -32.15 10.64
CA ALA D 176 -6.90 -31.74 9.40
C ALA D 176 -6.68 -32.84 8.35
N SER D 177 -7.20 -32.60 7.15
CA SER D 177 -7.05 -33.53 6.04
C SER D 177 -7.28 -32.77 4.75
N SER D 178 -6.89 -33.39 3.64
CA SER D 178 -7.05 -32.78 2.32
C SER D 178 -7.16 -33.86 1.26
N TYR D 179 -8.03 -33.64 0.28
CA TYR D 179 -8.33 -34.63 -0.74
C TYR D 179 -8.14 -34.02 -2.12
N LEU D 180 -7.57 -34.80 -3.03
CA LEU D 180 -7.43 -34.41 -4.43
C LEU D 180 -8.17 -35.42 -5.28
N SER D 181 -8.99 -34.94 -6.20
CA SER D 181 -9.76 -35.79 -7.10
C SER D 181 -9.16 -35.74 -8.49
N LEU D 182 -8.91 -36.91 -9.08
CA LEU D 182 -8.24 -37.00 -10.37
C LEU D 182 -9.01 -37.92 -11.30
N THR D 183 -9.00 -37.58 -12.59
CA THR D 183 -9.39 -38.55 -13.59
C THR D 183 -8.30 -39.61 -13.71
N PRO D 184 -8.68 -40.88 -13.93
CA PRO D 184 -7.66 -41.94 -13.96
C PRO D 184 -6.58 -41.72 -14.98
N GLU D 185 -6.92 -41.17 -16.16
CA GLU D 185 -5.89 -40.91 -17.17
C GLU D 185 -4.88 -39.90 -16.66
N GLN D 186 -5.33 -38.84 -16.00
CA GLN D 186 -4.40 -37.89 -15.41
C GLN D 186 -3.56 -38.54 -14.33
N TRP D 187 -4.15 -39.44 -13.55
CA TRP D 187 -3.40 -40.11 -12.50
C TRP D 187 -2.28 -40.96 -13.08
N LYS D 188 -2.55 -41.67 -14.17
CA LYS D 188 -1.51 -42.48 -14.80
C LYS D 188 -0.59 -41.68 -15.71
N SER D 189 -0.92 -40.42 -15.99
CA SER D 189 -0.10 -39.63 -16.90
C SER D 189 1.20 -39.18 -16.23
N HIS D 190 1.09 -38.43 -15.15
CA HIS D 190 2.27 -37.88 -14.50
C HIS D 190 3.06 -38.98 -13.82
N ARG D 191 4.25 -38.61 -13.31
CA ARG D 191 5.16 -39.59 -12.73
C ARG D 191 5.24 -39.50 -11.21
N SER D 192 4.89 -38.38 -10.61
CA SER D 192 5.00 -38.25 -9.16
C SER D 192 4.04 -37.18 -8.66
N TYR D 193 3.33 -37.50 -7.59
CA TYR D 193 2.47 -36.55 -6.89
C TYR D 193 2.99 -36.36 -5.47
N SER D 194 2.80 -35.16 -4.93
CA SER D 194 3.40 -34.84 -3.64
C SER D 194 2.49 -33.89 -2.88
N CYS D 195 2.06 -34.32 -1.70
CA CYS D 195 1.40 -33.41 -0.76
C CYS D 195 2.46 -32.57 -0.06
N GLN D 196 2.18 -31.27 0.07
CA GLN D 196 3.14 -30.36 0.68
C GLN D 196 2.43 -29.59 1.78
N VAL D 197 3.01 -29.61 2.98
CA VAL D 197 2.38 -29.05 4.17
C VAL D 197 3.28 -27.96 4.75
N THR D 198 2.70 -26.80 4.99
CA THR D 198 3.40 -25.66 5.58
C THR D 198 2.84 -25.43 6.98
N HIS D 199 3.70 -25.47 7.99
CA HIS D 199 3.29 -25.29 9.37
C HIS D 199 4.30 -24.41 10.08
N GLU D 200 3.94 -23.14 10.30
CA GLU D 200 4.80 -22.18 10.98
C GLU D 200 6.18 -22.12 10.32
N GLY D 201 6.17 -21.97 9.01
CA GLY D 201 7.40 -21.90 8.24
C GLY D 201 7.94 -23.22 7.75
N SER D 202 8.04 -24.20 8.63
CA SER D 202 8.60 -25.49 8.25
C SER D 202 7.72 -26.17 7.21
N THR D 203 8.36 -26.89 6.30
CA THR D 203 7.67 -27.55 5.20
C THR D 203 8.03 -29.03 5.19
N VAL D 204 7.01 -29.88 5.11
CA VAL D 204 7.19 -31.32 5.04
C VAL D 204 6.49 -31.83 3.79
N GLU D 205 7.01 -32.92 3.22
CA GLU D 205 6.53 -33.39 1.93
C GLU D 205 6.60 -34.90 1.88
N LYS D 206 5.56 -35.52 1.32
CA LYS D 206 5.54 -36.95 1.08
C LYS D 206 5.09 -37.21 -0.35
N THR D 207 5.80 -38.10 -1.05
CA THR D 207 5.62 -38.31 -2.47
C THR D 207 5.27 -39.77 -2.75
N VAL D 208 4.43 -39.98 -3.75
CA VAL D 208 4.12 -41.31 -4.26
C VAL D 208 4.15 -41.27 -5.78
N ALA D 209 4.32 -42.42 -6.41
CA ALA D 209 4.39 -42.48 -7.86
C ALA D 209 3.42 -43.52 -8.41
N PRO D 210 2.82 -43.27 -9.57
CA PRO D 210 1.95 -44.29 -10.18
C PRO D 210 2.68 -45.58 -10.51
N THR D 211 3.95 -45.51 -10.88
CA THR D 211 4.67 -46.72 -11.27
C THR D 211 4.91 -47.64 -10.09
N GLU D 212 5.05 -47.10 -8.88
CA GLU D 212 5.20 -47.96 -7.71
C GLU D 212 3.94 -48.80 -7.50
N CYS D 213 2.78 -48.19 -7.63
CA CYS D 213 1.51 -48.88 -7.46
C CYS D 213 0.45 -48.13 -8.25
N SER D 214 -0.36 -48.86 -9.00
CA SER D 214 -1.40 -48.25 -9.82
C SER D 214 -2.76 -48.38 -9.15
N ALA E 14 9.54 79.77 -28.89
CA ALA E 14 9.29 78.81 -27.81
C ALA E 14 8.20 77.83 -28.20
N ALA E 15 7.91 77.75 -29.50
CA ALA E 15 6.87 76.84 -29.98
C ALA E 15 7.22 75.39 -29.73
N ARG E 16 8.52 75.09 -29.62
CA ARG E 16 8.95 73.73 -29.33
C ARG E 16 8.54 73.31 -27.91
N ILE E 17 8.43 74.27 -27.00
CA ILE E 17 8.20 73.93 -25.59
C ILE E 17 6.88 73.19 -25.39
N PRO E 18 5.73 73.69 -25.90
CA PRO E 18 4.51 72.86 -25.79
C PRO E 18 4.65 71.51 -26.46
N ALA E 19 5.28 71.47 -27.62
CA ALA E 19 5.46 70.20 -28.33
C ALA E 19 6.36 69.26 -27.55
N ALA E 20 7.47 69.76 -27.02
CA ALA E 20 8.37 68.90 -26.25
C ALA E 20 7.69 68.38 -25.00
N ILE E 21 6.99 69.25 -24.27
CA ILE E 21 6.30 68.84 -23.05
C ILE E 21 5.26 67.79 -23.36
N ASP E 22 4.44 68.04 -24.39
CA ASP E 22 3.40 67.09 -24.74
C ASP E 22 3.99 65.75 -25.16
N ALA E 23 5.06 65.77 -25.96
CA ALA E 23 5.68 64.53 -26.42
C ALA E 23 6.24 63.73 -25.25
N VAL E 24 6.94 64.41 -24.32
CA VAL E 24 7.57 63.66 -23.24
C VAL E 24 6.53 63.10 -22.29
N ILE E 25 5.49 63.89 -21.96
CA ILE E 25 4.46 63.35 -21.09
C ILE E 25 3.71 62.24 -21.79
N GLU E 26 3.54 62.33 -23.11
CA GLU E 26 2.92 61.26 -23.87
C GLU E 26 3.74 59.97 -23.77
N GLY E 27 5.05 60.09 -23.95
CA GLY E 27 5.89 58.90 -23.87
C GLY E 27 5.86 58.26 -22.49
N ILE E 28 5.99 59.08 -21.44
CA ILE E 28 5.99 58.54 -20.09
C ILE E 28 4.64 57.92 -19.76
N LYS E 29 3.54 58.57 -20.15
CA LYS E 29 2.22 58.02 -19.88
C LYS E 29 2.00 56.72 -20.64
N SER E 30 2.49 56.63 -21.87
CA SER E 30 2.29 55.43 -22.68
C SER E 30 3.10 54.27 -22.13
N LYS E 31 4.36 54.50 -21.79
CA LYS E 31 5.22 53.39 -21.39
C LYS E 31 4.79 52.80 -20.06
N PHE E 32 4.52 53.65 -19.07
CA PHE E 32 4.32 53.20 -17.70
C PHE E 32 2.85 53.12 -17.31
N SER E 33 1.94 53.29 -18.26
CA SER E 33 0.50 53.29 -17.98
C SER E 33 0.16 54.31 -16.90
N ILE E 34 0.74 55.51 -17.04
CA ILE E 34 0.54 56.56 -16.05
C ILE E 34 -0.92 56.99 -16.04
N ASP E 35 -1.44 57.24 -14.84
CA ASP E 35 -2.81 57.66 -14.67
C ASP E 35 -3.02 59.03 -15.31
N THR E 36 -4.27 59.30 -15.71
CA THR E 36 -4.56 60.54 -16.42
C THR E 36 -4.25 61.76 -15.57
N LEU E 37 -4.64 61.74 -14.30
CA LEU E 37 -4.31 62.83 -13.40
C LEU E 37 -2.81 62.98 -13.24
N GLY E 38 -2.08 61.86 -13.33
CA GLY E 38 -0.63 61.93 -13.25
C GLY E 38 0.00 62.76 -14.35
N GLY E 39 -0.63 62.79 -15.52
CA GLY E 39 -0.12 63.63 -16.59
C GLY E 39 -0.09 65.09 -16.22
N GLU E 40 -1.19 65.59 -15.65
CA GLU E 40 -1.22 66.98 -15.20
C GLU E 40 -0.36 67.19 -13.97
N ALA E 41 -0.25 66.18 -13.10
CA ALA E 41 0.65 66.29 -11.96
C ALA E 41 2.09 66.50 -12.43
N LEU E 42 2.50 65.74 -13.44
CA LEU E 42 3.82 65.94 -14.03
C LEU E 42 3.93 67.31 -14.70
N LYS E 43 2.91 67.68 -15.48
CA LYS E 43 2.94 68.97 -16.17
C LYS E 43 3.10 70.11 -15.19
N SER E 44 2.65 69.93 -13.95
CA SER E 44 2.92 70.91 -12.91
C SER E 44 4.39 70.97 -12.52
N VAL E 45 5.16 69.91 -12.80
CA VAL E 45 6.54 69.82 -12.33
C VAL E 45 7.51 69.65 -13.50
N ILE E 46 7.04 69.07 -14.61
CA ILE E 46 7.91 68.71 -15.71
C ILE E 46 8.15 69.96 -16.58
N ASP E 47 7.73 71.12 -16.06
CA ASP E 47 7.79 72.39 -16.77
C ASP E 47 9.13 72.61 -17.47
N GLY E 48 9.11 73.34 -18.58
CA GLY E 48 10.23 73.44 -19.50
C GLY E 48 11.58 73.78 -18.90
N THR E 49 11.61 74.13 -17.62
CA THR E 49 12.87 74.35 -16.95
C THR E 49 13.70 73.07 -16.89
N ASN E 50 13.08 71.90 -17.01
CA ASN E 50 13.76 70.65 -16.69
C ASN E 50 13.57 69.53 -17.70
N TYR E 51 13.04 69.80 -18.90
CA TYR E 51 12.92 68.70 -19.86
C TYR E 51 14.27 68.30 -20.43
N TYR E 52 15.29 69.15 -20.25
CA TYR E 52 16.61 68.87 -20.82
C TYR E 52 17.17 67.57 -20.27
N ASP E 53 17.05 67.35 -18.97
CA ASP E 53 17.68 66.23 -18.28
C ASP E 53 16.69 65.11 -18.04
N ALA E 54 17.22 63.88 -17.94
CA ALA E 54 16.42 62.71 -17.68
C ALA E 54 16.51 62.23 -16.23
N SER E 55 17.60 62.55 -15.53
CA SER E 55 17.72 62.13 -14.14
C SER E 55 16.66 62.78 -13.26
N TYR E 56 16.39 64.07 -13.49
CA TYR E 56 15.40 64.76 -12.67
C TYR E 56 14.02 64.15 -12.84
N ILE E 57 13.60 63.92 -14.08
CA ILE E 57 12.29 63.33 -14.32
C ILE E 57 12.26 61.89 -13.83
N THR E 58 13.38 61.17 -13.95
CA THR E 58 13.42 59.80 -13.44
C THR E 58 13.15 59.78 -11.93
N THR E 59 13.88 60.61 -11.18
CA THR E 59 13.67 60.66 -9.74
C THR E 59 12.28 61.17 -9.41
N ALA E 60 11.77 62.12 -10.20
CA ALA E 60 10.43 62.66 -9.96
C ALA E 60 9.37 61.58 -10.11
N ILE E 61 9.47 60.77 -11.17
CA ILE E 61 8.56 59.65 -11.32
C ILE E 61 8.71 58.69 -10.14
N TYR E 62 9.97 58.37 -9.82
CA TYR E 62 10.27 57.32 -8.87
C TYR E 62 9.79 57.67 -7.46
N ASN E 63 9.68 58.97 -7.16
CA ASN E 63 9.18 59.39 -5.84
C ASN E 63 7.73 59.83 -5.85
N LYS E 64 7.22 60.35 -6.97
CA LYS E 64 5.82 60.76 -7.03
C LYS E 64 4.89 59.56 -7.13
N PHE E 65 5.24 58.58 -7.95
CA PHE E 65 4.42 57.41 -8.15
C PHE E 65 4.79 56.26 -7.22
N GLN E 66 5.68 56.52 -6.26
CA GLN E 66 6.09 55.56 -5.23
C GLN E 66 6.36 54.19 -5.83
N VAL E 67 7.20 54.18 -6.88
CA VAL E 67 7.65 52.92 -7.47
C VAL E 67 8.41 52.09 -6.45
N SER E 68 9.07 52.76 -5.49
CA SER E 68 9.81 52.05 -4.45
C SER E 68 8.92 51.17 -3.60
N SER E 69 7.61 51.42 -3.60
CA SER E 69 6.69 50.57 -2.84
C SER E 69 6.31 49.29 -3.58
N CYS E 70 6.61 49.19 -4.87
CA CYS E 70 6.25 48.00 -5.62
C CYS E 70 7.00 46.77 -5.11
N LEU E 71 8.28 46.92 -4.81
CA LEU E 71 9.09 45.80 -4.40
C LEU E 71 8.70 45.35 -2.99
N PRO E 72 8.79 44.06 -2.70
CA PRO E 72 8.36 43.55 -1.39
C PRO E 72 9.34 43.94 -0.29
N SER E 73 8.85 43.87 0.94
CA SER E 73 9.66 44.18 2.12
C SER E 73 9.13 43.39 3.31
N VAL E 74 9.97 43.31 4.35
CA VAL E 74 9.67 42.49 5.53
C VAL E 74 9.46 43.34 6.76
N PRO E 75 8.54 42.97 7.64
CA PRO E 75 8.38 43.71 8.90
C PRO E 75 9.54 43.54 9.87
N PHE E 76 9.91 42.29 10.18
CA PHE E 76 10.96 42.03 11.15
C PHE E 76 12.32 42.19 10.49
N LEU E 77 13.38 41.82 11.22
CA LEU E 77 14.67 41.60 10.58
C LEU E 77 14.60 40.40 9.65
N GLY E 78 13.92 39.33 10.06
CA GLY E 78 13.64 38.21 9.20
C GLY E 78 12.21 38.26 8.70
N GLY E 79 11.47 37.17 8.86
CA GLY E 79 10.07 37.15 8.51
C GLY E 79 9.84 37.07 7.02
N PRO E 80 8.82 36.32 6.61
CA PRO E 80 8.57 36.14 5.17
C PRO E 80 8.26 37.46 4.51
N PRO E 81 8.75 37.67 3.29
CA PRO E 81 8.41 38.90 2.56
C PRO E 81 6.94 38.93 2.19
N VAL E 82 6.39 40.14 2.16
CA VAL E 82 5.00 40.36 1.80
C VAL E 82 4.94 41.49 0.80
N PRO E 83 3.96 41.50 -0.11
CA PRO E 83 3.90 42.57 -1.11
C PRO E 83 3.69 43.93 -0.48
N GLY E 84 4.25 44.95 -1.11
CA GLY E 84 4.23 46.29 -0.57
C GLY E 84 2.91 46.99 -0.80
N ALA E 85 2.90 48.29 -0.49
CA ALA E 85 1.69 49.09 -0.61
C ALA E 85 1.22 49.21 -2.06
N GLY E 86 2.12 49.08 -3.02
CA GLY E 86 1.72 49.11 -4.41
C GLY E 86 1.18 47.78 -4.88
N ALA E 87 0.22 47.22 -4.12
CA ALA E 87 -0.31 45.91 -4.44
C ALA E 87 -1.07 45.92 -5.76
N ASN E 88 -1.89 46.95 -5.98
CA ASN E 88 -2.78 46.97 -7.14
C ASN E 88 -2.66 48.25 -7.97
N LYS E 89 -1.69 49.11 -7.66
CA LYS E 89 -1.50 50.30 -8.46
C LYS E 89 -1.04 49.92 -9.87
N PRO E 90 -1.54 50.59 -10.90
CA PRO E 90 -1.14 50.23 -12.27
C PRO E 90 0.34 50.37 -12.54
N ILE E 91 1.01 51.29 -11.85
CA ILE E 91 2.43 51.53 -12.10
C ILE E 91 3.26 50.31 -11.70
N CYS E 92 2.93 49.68 -10.57
CA CYS E 92 3.68 48.50 -10.13
C CYS E 92 3.49 47.34 -11.10
N SER E 93 2.26 47.11 -11.55
CA SER E 93 2.02 46.06 -12.52
C SER E 93 2.75 46.35 -13.83
N ALA E 94 2.76 47.62 -14.25
CA ALA E 94 3.43 47.97 -15.49
C ALA E 94 4.93 47.71 -15.39
N VAL E 95 5.57 48.13 -14.29
CA VAL E 95 7.01 47.93 -14.17
C VAL E 95 7.33 46.45 -14.02
N ASP E 96 6.47 45.69 -13.32
CA ASP E 96 6.67 44.25 -13.21
C ASP E 96 6.63 43.59 -14.58
N LYS E 97 5.58 43.87 -15.35
CA LYS E 97 5.46 43.26 -16.67
C LYS E 97 6.50 43.79 -17.63
N LEU E 98 7.11 44.94 -17.35
CA LEU E 98 8.08 45.50 -18.27
C LEU E 98 9.50 45.00 -18.03
N TYR E 99 9.95 44.94 -16.79
CA TYR E 99 11.35 44.59 -16.50
C TYR E 99 11.52 43.12 -16.14
N LEU E 100 10.78 42.64 -15.14
CA LEU E 100 10.96 41.27 -14.68
C LEU E 100 10.37 40.29 -15.69
N GLY E 101 11.07 40.09 -16.80
CA GLY E 101 10.57 39.19 -17.83
C GLY E 101 10.99 37.76 -17.58
N SER E 102 11.70 37.17 -18.53
CA SER E 102 12.21 35.80 -18.41
C SER E 102 13.74 35.88 -18.45
N GLY E 103 14.35 36.11 -17.30
CA GLY E 103 15.80 36.15 -17.22
C GLY E 103 16.34 37.55 -17.02
N ASN E 104 15.55 38.43 -16.40
CA ASN E 104 15.98 39.78 -16.08
C ASN E 104 16.01 39.95 -14.57
N PHE E 105 17.10 40.52 -14.07
CA PHE E 105 17.28 40.74 -12.64
C PHE E 105 17.00 42.19 -12.29
N LEU E 106 16.66 42.43 -11.03
CA LEU E 106 16.32 43.77 -10.58
C LEU E 106 16.53 43.84 -9.07
N ASP E 107 17.57 44.54 -8.65
CA ASP E 107 17.79 44.80 -7.24
C ASP E 107 17.29 46.20 -6.90
N LYS E 108 17.56 46.65 -5.67
CA LYS E 108 17.16 48.00 -5.30
C LYS E 108 17.88 49.05 -6.13
N SER E 109 19.16 48.85 -6.40
CA SER E 109 19.97 49.84 -7.09
C SER E 109 20.03 49.63 -8.60
N SER E 110 19.26 48.68 -9.13
CA SER E 110 19.19 48.49 -10.58
C SER E 110 17.94 49.06 -11.21
N LEU E 111 16.84 49.15 -10.47
CA LEU E 111 15.63 49.73 -11.03
C LEU E 111 15.79 51.18 -11.44
N PRO E 112 16.35 52.08 -10.62
CA PRO E 112 16.53 53.46 -11.09
C PRO E 112 17.38 53.54 -12.34
N GLY E 113 18.41 52.71 -12.47
CA GLY E 113 19.22 52.75 -13.68
C GLY E 113 18.44 52.35 -14.92
N SER E 114 17.66 51.27 -14.82
CA SER E 114 16.87 50.83 -15.97
C SER E 114 15.82 51.87 -16.34
N ILE E 115 15.16 52.44 -15.34
CA ILE E 115 14.18 53.48 -15.60
C ILE E 115 14.84 54.68 -16.26
N GLN E 116 16.04 55.04 -15.80
CA GLN E 116 16.80 56.12 -16.41
C GLN E 116 17.06 55.81 -17.88
N LYS E 117 17.51 54.60 -18.17
CA LYS E 117 17.81 54.23 -19.56
C LYS E 117 16.57 54.36 -20.43
N ASP E 118 15.45 53.75 -20.01
CA ASP E 118 14.26 53.75 -20.84
C ASP E 118 13.70 55.17 -21.01
N VAL E 119 13.63 55.93 -19.92
CA VAL E 119 13.09 57.28 -20.00
C VAL E 119 13.97 58.14 -20.90
N ALA E 120 15.28 58.05 -20.76
CA ALA E 120 16.18 58.82 -21.61
C ALA E 120 15.99 58.44 -23.07
N LYS E 121 15.83 57.15 -23.35
CA LYS E 121 15.60 56.73 -24.73
C LYS E 121 14.32 57.34 -25.28
N ILE E 122 13.23 57.30 -24.51
CA ILE E 122 11.96 57.82 -25.00
C ILE E 122 12.04 59.33 -25.21
N VAL E 123 12.64 60.07 -24.27
CA VAL E 123 12.73 61.51 -24.43
C VAL E 123 13.61 61.88 -25.62
N ALA E 124 14.76 61.20 -25.78
CA ALA E 124 15.61 61.51 -26.92
C ALA E 124 14.88 61.23 -28.23
N GLY E 125 14.20 60.08 -28.31
CA GLY E 125 13.47 59.76 -29.52
C GLY E 125 12.39 60.78 -29.84
N ALA E 126 11.59 61.15 -28.82
CA ALA E 126 10.52 62.11 -29.04
C ALA E 126 11.07 63.47 -29.45
N GLU E 127 12.12 63.94 -28.77
CA GLU E 127 12.67 65.25 -29.09
C GLU E 127 13.23 65.28 -30.51
N GLN E 128 13.99 64.27 -30.88
CA GLN E 128 14.60 64.27 -32.20
C GLN E 128 13.61 63.92 -33.30
N ALA E 129 12.48 63.28 -32.97
CA ALA E 129 11.42 63.07 -33.94
C ALA E 129 10.63 64.34 -34.17
N ALA E 130 10.44 65.14 -33.12
CA ALA E 130 9.86 66.47 -33.32
C ALA E 130 10.82 67.38 -34.08
N LYS E 131 12.12 67.20 -33.90
CA LYS E 131 13.12 67.97 -34.64
C LYS E 131 13.08 67.62 -36.13
N ALA F 14 -45.80 43.00 46.71
CA ALA F 14 -45.55 42.57 45.35
C ALA F 14 -44.07 42.67 44.99
N ALA F 15 -43.23 42.04 45.81
CA ALA F 15 -41.80 42.02 45.59
C ALA F 15 -41.34 40.83 44.77
N ARG F 16 -42.27 40.03 44.25
CA ARG F 16 -41.91 38.89 43.41
C ARG F 16 -41.83 39.24 41.93
N ILE F 17 -42.39 40.37 41.51
CA ILE F 17 -42.33 40.79 40.12
C ILE F 17 -40.90 41.14 39.70
N PRO F 18 -39.99 41.63 40.59
CA PRO F 18 -38.59 41.67 40.17
C PRO F 18 -37.97 40.29 40.19
N ALA F 19 -38.37 39.47 41.17
CA ALA F 19 -37.85 38.12 41.25
C ALA F 19 -38.30 37.27 40.06
N ALA F 20 -39.54 37.43 39.64
CA ALA F 20 -40.06 36.62 38.55
C ALA F 20 -39.25 36.83 37.28
N ILE F 21 -38.88 38.08 36.98
CA ILE F 21 -38.09 38.31 35.79
C ILE F 21 -36.61 38.02 36.04
N ASP F 22 -36.11 38.26 37.26
CA ASP F 22 -34.70 38.00 37.53
C ASP F 22 -34.37 36.52 37.37
N ALA F 23 -35.23 35.65 37.91
CA ALA F 23 -34.95 34.22 37.83
C ALA F 23 -34.95 33.75 36.38
N VAL F 24 -35.91 34.22 35.58
CA VAL F 24 -35.98 33.75 34.20
C VAL F 24 -34.82 34.30 33.38
N ILE F 25 -34.43 35.56 33.61
CA ILE F 25 -33.32 36.09 32.82
C ILE F 25 -32.01 35.43 33.22
N GLU F 26 -31.90 34.96 34.46
CA GLU F 26 -30.73 34.17 34.82
C GLU F 26 -30.77 32.79 34.18
N GLY F 27 -31.94 32.13 34.24
CA GLY F 27 -32.05 30.77 33.76
C GLY F 27 -31.88 30.65 32.27
N ILE F 28 -32.42 31.62 31.51
CA ILE F 28 -32.26 31.60 30.07
C ILE F 28 -30.80 31.73 29.70
N LYS F 29 -30.09 32.63 30.39
CA LYS F 29 -28.66 32.79 30.14
C LYS F 29 -27.90 31.52 30.48
N SER F 30 -28.26 30.88 31.59
CA SER F 30 -27.53 29.70 32.04
C SER F 30 -27.77 28.51 31.11
N LYS F 31 -29.03 28.24 30.78
CA LYS F 31 -29.35 27.04 30.00
C LYS F 31 -28.90 27.18 28.56
N PHE F 32 -29.21 28.30 27.92
CA PHE F 32 -28.98 28.45 26.49
C PHE F 32 -27.71 29.24 26.18
N SER F 33 -26.85 29.47 27.16
CA SER F 33 -25.60 30.21 26.97
C SER F 33 -25.86 31.56 26.31
N ILE F 34 -26.88 32.26 26.79
CA ILE F 34 -27.27 33.53 26.21
C ILE F 34 -26.29 34.61 26.63
N ASP F 35 -25.88 35.44 25.67
CA ASP F 35 -24.99 36.56 25.96
C ASP F 35 -25.65 37.51 26.95
N THR F 36 -24.82 38.10 27.81
CA THR F 36 -25.34 38.94 28.89
C THR F 36 -26.02 40.19 28.35
N LEU F 37 -25.46 40.80 27.29
CA LEU F 37 -26.02 42.04 26.78
C LEU F 37 -27.36 41.81 26.07
N GLY F 38 -27.65 40.57 25.69
CA GLY F 38 -28.89 40.28 25.00
C GLY F 38 -29.99 39.66 25.83
N GLY F 39 -29.72 39.32 27.09
CA GLY F 39 -30.72 38.64 27.89
C GLY F 39 -31.92 39.51 28.24
N GLU F 40 -31.67 40.79 28.52
CA GLU F 40 -32.72 41.67 29.02
C GLU F 40 -33.78 41.99 27.97
N ALA F 41 -33.55 41.63 26.70
CA ALA F 41 -34.54 41.92 25.67
C ALA F 41 -35.86 41.22 25.95
N LEU F 42 -35.83 40.12 26.70
CA LEU F 42 -37.08 39.44 27.06
C LEU F 42 -37.91 40.27 28.02
N LYS F 43 -37.27 41.15 28.79
CA LYS F 43 -38.00 41.93 29.79
C LYS F 43 -39.05 42.82 29.14
N SER F 44 -38.71 43.43 28.00
CA SER F 44 -39.68 44.29 27.32
C SER F 44 -40.91 43.50 26.88
N VAL F 45 -40.72 42.25 26.50
CA VAL F 45 -41.79 41.43 25.98
C VAL F 45 -42.35 40.48 27.04
N ILE F 46 -42.13 40.78 28.32
CA ILE F 46 -42.71 40.01 29.42
C ILE F 46 -43.14 40.98 30.51
N ASP F 47 -44.09 40.55 31.34
CA ASP F 47 -44.55 41.34 32.47
C ASP F 47 -44.98 40.39 33.58
N GLY F 48 -45.76 40.90 34.52
CA GLY F 48 -46.13 40.21 35.74
C GLY F 48 -47.35 39.32 35.67
N THR F 49 -47.87 39.05 34.47
CA THR F 49 -48.97 38.10 34.31
C THR F 49 -48.70 37.03 33.27
N ASN F 50 -47.78 37.25 32.33
CA ASN F 50 -47.50 36.31 31.26
C ASN F 50 -46.23 35.50 31.50
N TYR F 51 -45.54 35.69 32.62
CA TYR F 51 -44.36 34.88 32.90
C TYR F 51 -44.71 33.50 33.40
N TYR F 52 -45.94 33.30 33.89
CA TYR F 52 -46.37 31.99 34.35
C TYR F 52 -46.38 30.99 33.20
N ASP F 53 -46.85 31.41 32.03
CA ASP F 53 -46.88 30.54 30.86
C ASP F 53 -45.55 30.62 30.13
N ALA F 54 -44.88 29.47 30.00
CA ALA F 54 -43.58 29.42 29.34
C ALA F 54 -43.69 29.54 27.82
N SER F 55 -44.87 29.27 27.25
CA SER F 55 -45.01 29.35 25.80
C SER F 55 -44.77 30.76 25.28
N TYR F 56 -45.12 31.78 26.06
CA TYR F 56 -44.80 33.15 25.66
C TYR F 56 -43.30 33.35 25.53
N ILE F 57 -42.54 32.85 26.50
CA ILE F 57 -41.09 32.93 26.43
C ILE F 57 -40.57 32.18 25.22
N THR F 58 -41.15 31.00 24.95
CA THR F 58 -40.73 30.24 23.78
C THR F 58 -40.97 31.01 22.49
N THR F 59 -42.14 31.65 22.37
CA THR F 59 -42.43 32.44 21.19
C THR F 59 -41.47 33.62 21.07
N ALA F 60 -41.19 34.29 22.18
CA ALA F 60 -40.28 35.43 22.12
C ALA F 60 -38.88 35.02 21.68
N ILE F 61 -38.38 33.89 22.22
CA ILE F 61 -37.07 33.39 21.80
C ILE F 61 -37.10 33.03 20.32
N TYR F 62 -38.12 32.29 19.90
CA TYR F 62 -38.24 31.84 18.52
C TYR F 62 -38.31 33.03 17.55
N ASN F 63 -38.86 34.15 18.01
CA ASN F 63 -39.00 35.31 17.14
C ASN F 63 -37.73 36.16 17.11
N LYS F 64 -37.16 36.48 18.28
CA LYS F 64 -36.06 37.42 18.33
C LYS F 64 -34.71 36.76 18.18
N PHE F 65 -34.46 35.67 18.92
CA PHE F 65 -33.13 35.07 18.90
C PHE F 65 -32.82 34.36 17.60
N GLN F 66 -33.81 34.20 16.71
CA GLN F 66 -33.60 33.63 15.38
C GLN F 66 -33.09 32.19 15.46
N VAL F 67 -33.77 31.37 16.27
CA VAL F 67 -33.40 29.97 16.36
C VAL F 67 -33.69 29.24 15.05
N SER F 68 -34.58 29.79 14.22
CA SER F 68 -34.86 29.16 12.93
C SER F 68 -33.64 29.16 12.01
N SER F 69 -32.70 30.09 12.21
CA SER F 69 -31.53 30.16 11.34
C SER F 69 -30.52 29.06 11.65
N CYS F 70 -30.62 28.41 12.81
CA CYS F 70 -29.67 27.35 13.15
C CYS F 70 -29.77 26.17 12.19
N LEU F 71 -30.99 25.80 11.81
CA LEU F 71 -31.20 24.55 11.11
C LEU F 71 -30.73 24.65 9.66
N PRO F 72 -30.32 23.53 9.06
CA PRO F 72 -29.84 23.58 7.68
C PRO F 72 -30.94 23.95 6.71
N SER F 73 -30.54 24.62 5.63
CA SER F 73 -31.48 25.05 4.60
C SER F 73 -30.86 24.80 3.24
N VAL F 74 -31.70 24.47 2.28
CA VAL F 74 -31.26 24.16 0.91
C VAL F 74 -31.54 25.37 0.02
N PRO F 75 -30.59 25.78 -0.83
CA PRO F 75 -30.80 26.97 -1.66
C PRO F 75 -31.97 26.83 -2.63
N PHE F 76 -31.91 25.81 -3.47
CA PHE F 76 -32.95 25.54 -4.45
C PHE F 76 -33.33 24.08 -4.37
N LEU F 77 -34.57 23.77 -4.73
CA LEU F 77 -35.10 22.43 -4.51
C LEU F 77 -34.24 21.38 -5.17
N GLY F 78 -34.00 20.29 -4.46
CA GLY F 78 -33.08 19.27 -4.92
C GLY F 78 -31.64 19.72 -4.97
N GLY F 79 -31.18 20.42 -3.94
CA GLY F 79 -29.82 20.90 -3.90
C GLY F 79 -29.13 20.51 -2.61
N PRO F 80 -27.80 20.59 -2.58
CA PRO F 80 -27.06 20.21 -1.39
C PRO F 80 -27.35 21.18 -0.25
N PRO F 81 -27.58 20.67 0.96
CA PRO F 81 -27.81 21.57 2.09
C PRO F 81 -26.57 22.38 2.43
N VAL F 82 -26.81 23.58 2.93
CA VAL F 82 -25.74 24.43 3.45
C VAL F 82 -26.19 24.90 4.82
N PRO F 83 -25.26 25.18 5.74
CA PRO F 83 -25.66 25.58 7.10
C PRO F 83 -26.41 26.91 7.06
N GLY F 84 -27.25 27.11 8.07
CA GLY F 84 -28.09 28.28 8.11
C GLY F 84 -27.29 29.55 8.28
N ALA F 85 -28.01 30.68 8.23
CA ALA F 85 -27.37 31.98 8.29
C ALA F 85 -26.60 32.16 9.59
N GLY F 86 -27.30 32.17 10.71
CA GLY F 86 -26.65 32.43 11.99
C GLY F 86 -26.05 31.19 12.62
N ALA F 87 -25.30 30.41 11.85
CA ALA F 87 -24.76 29.15 12.36
C ALA F 87 -23.76 29.39 13.48
N ASN F 88 -22.93 30.42 13.36
CA ASN F 88 -21.87 30.67 14.32
C ASN F 88 -22.34 31.38 15.58
N LYS F 89 -23.60 31.78 15.65
CA LYS F 89 -24.10 32.45 16.83
C LYS F 89 -24.13 31.50 18.01
N PRO F 90 -23.99 32.00 19.24
CA PRO F 90 -23.93 31.11 20.41
C PRO F 90 -25.16 30.26 20.60
N ILE F 91 -26.34 30.76 20.22
CA ILE F 91 -27.58 30.02 20.46
C ILE F 91 -27.57 28.72 19.66
N CYS F 92 -27.02 28.75 18.45
CA CYS F 92 -26.90 27.53 17.67
C CYS F 92 -26.02 26.51 18.38
N SER F 93 -24.90 26.96 18.95
CA SER F 93 -24.03 26.05 19.68
C SER F 93 -24.75 25.47 20.88
N ALA F 94 -25.53 26.28 21.59
CA ALA F 94 -26.27 25.77 22.74
C ALA F 94 -27.29 24.71 22.32
N VAL F 95 -28.04 24.98 21.25
CA VAL F 95 -29.02 24.00 20.77
C VAL F 95 -28.32 22.72 20.34
N ASP F 96 -27.19 22.85 19.63
CA ASP F 96 -26.45 21.68 19.18
C ASP F 96 -25.98 20.84 20.35
N LYS F 97 -25.43 21.49 21.38
CA LYS F 97 -24.91 20.74 22.51
C LYS F 97 -26.03 20.13 23.35
N LEU F 98 -27.18 20.78 23.40
CA LEU F 98 -28.26 20.30 24.25
C LEU F 98 -29.10 19.21 23.59
N TYR F 99 -29.71 19.54 22.45
CA TYR F 99 -30.74 18.66 21.89
C TYR F 99 -30.15 17.56 21.01
N LEU F 100 -29.06 17.83 20.32
CA LEU F 100 -28.37 16.79 19.57
C LEU F 100 -27.50 15.96 20.51
N GLY F 101 -26.61 15.16 19.95
CA GLY F 101 -25.78 14.27 20.73
C GLY F 101 -26.20 12.83 20.52
N SER F 102 -25.57 11.94 21.29
CA SER F 102 -25.82 10.51 21.15
C SER F 102 -27.28 10.21 21.43
N GLY F 103 -27.90 9.46 20.52
CA GLY F 103 -29.27 9.01 20.71
C GLY F 103 -30.31 10.09 20.81
N ASN F 104 -30.28 11.05 19.89
CA ASN F 104 -31.28 12.11 19.87
C ASN F 104 -31.69 12.42 18.44
N PHE F 105 -32.93 12.86 18.29
CA PHE F 105 -33.46 13.31 17.00
C PHE F 105 -34.03 14.70 17.18
N LEU F 106 -34.12 15.43 16.06
CA LEU F 106 -34.58 16.81 16.09
C LEU F 106 -35.34 17.08 14.80
N ASP F 107 -36.66 17.02 14.87
CA ASP F 107 -37.50 17.39 13.73
C ASP F 107 -37.70 18.90 13.71
N LYS F 108 -38.30 19.38 12.63
CA LYS F 108 -38.63 20.81 12.56
C LYS F 108 -39.65 21.18 13.61
N SER F 109 -40.68 20.34 13.81
CA SER F 109 -41.70 20.64 14.81
C SER F 109 -41.22 20.35 16.23
N SER F 110 -40.31 19.39 16.40
CA SER F 110 -39.91 18.98 17.74
C SER F 110 -39.10 20.06 18.45
N LEU F 111 -38.40 20.90 17.69
CA LEU F 111 -37.55 21.91 18.32
C LEU F 111 -38.35 22.91 19.15
N PRO F 112 -39.43 23.53 18.66
CA PRO F 112 -40.24 24.36 19.55
C PRO F 112 -40.81 23.58 20.72
N GLY F 113 -41.19 22.32 20.51
CA GLY F 113 -41.71 21.53 21.61
C GLY F 113 -40.67 21.30 22.69
N SER F 114 -39.46 20.92 22.30
CA SER F 114 -38.40 20.69 23.27
C SER F 114 -38.00 21.99 23.97
N ILE F 115 -37.95 23.09 23.22
CA ILE F 115 -37.64 24.38 23.81
C ILE F 115 -38.68 24.75 24.85
N GLN F 116 -39.96 24.57 24.53
CA GLN F 116 -41.03 24.89 25.46
C GLN F 116 -40.95 24.00 26.70
N LYS F 117 -40.69 22.71 26.51
CA LYS F 117 -40.57 21.80 27.64
C LYS F 117 -39.42 22.20 28.55
N ASP F 118 -38.31 22.66 27.97
CA ASP F 118 -37.18 23.07 28.78
C ASP F 118 -37.44 24.40 29.49
N VAL F 119 -38.15 25.33 28.83
CA VAL F 119 -38.47 26.60 29.46
C VAL F 119 -39.50 26.45 30.56
N ALA F 120 -40.33 25.40 30.49
CA ALA F 120 -41.31 25.18 31.56
C ALA F 120 -40.63 24.98 32.90
N LYS F 121 -39.55 24.21 32.93
CA LYS F 121 -38.86 23.95 34.19
C LYS F 121 -38.22 25.23 34.73
N ILE F 122 -37.62 26.04 33.85
CA ILE F 122 -37.05 27.31 34.28
C ILE F 122 -38.13 28.20 34.86
N VAL F 123 -39.29 28.25 34.22
CA VAL F 123 -40.39 29.08 34.72
C VAL F 123 -40.84 28.59 36.10
N ALA F 124 -40.98 27.27 36.24
CA ALA F 124 -41.43 26.73 37.52
C ALA F 124 -40.40 26.95 38.62
N GLY F 125 -39.13 27.10 38.25
CA GLY F 125 -38.10 27.30 39.26
C GLY F 125 -38.31 28.57 40.07
N ALA F 126 -38.68 29.66 39.40
CA ALA F 126 -38.92 30.92 40.11
C ALA F 126 -40.09 30.79 41.08
N GLU F 127 -41.17 30.14 40.64
CA GLU F 127 -42.32 29.95 41.52
C GLU F 127 -41.95 29.11 42.73
N GLN F 128 -41.18 28.05 42.51
CA GLN F 128 -40.77 27.20 43.63
C GLN F 128 -39.87 27.97 44.60
N ALA F 129 -38.96 28.78 44.07
CA ALA F 129 -37.98 29.45 44.92
C ALA F 129 -38.55 30.65 45.67
N ALA F 130 -39.50 31.37 45.07
CA ALA F 130 -39.93 32.65 45.63
C ALA F 130 -40.56 32.51 47.01
N LYS F 131 -41.71 31.86 47.09
CA LYS F 131 -42.47 31.74 48.33
C LYS F 131 -42.65 33.07 49.06
C1 NAG G . -28.85 1.99 15.55
C2 NAG G . -28.18 1.74 16.89
C3 NAG G . -27.31 0.47 16.82
C4 NAG G . -28.14 -0.70 16.31
C5 NAG G . -28.80 -0.33 14.98
C6 NAG G . -29.72 -1.41 14.45
C7 NAG G . -27.84 3.87 18.04
C8 NAG G . -26.87 4.97 18.36
N2 NAG G . -27.37 2.88 17.29
O3 NAG G . -26.79 0.19 18.11
O4 NAG G . -27.30 -1.84 16.13
O5 NAG G . -29.61 0.83 15.17
O6 NAG G . -30.63 -1.86 15.43
O7 NAG G . -28.99 3.88 18.47
C1 NAG G . -27.82 -2.95 16.90
C2 NAG G . -26.82 -3.32 17.99
C3 NAG G . -27.36 -4.47 18.84
C4 NAG G . -28.75 -4.14 19.36
C5 NAG G . -29.67 -3.73 18.22
C6 NAG G . -31.03 -3.26 18.71
C7 NAG G . -24.36 -3.33 17.99
C8 NAG G . -23.13 -3.76 17.26
N2 NAG G . -25.53 -3.66 17.42
O3 NAG G . -26.47 -4.73 19.91
O4 NAG G . -29.30 -5.29 20.01
O5 NAG G . -29.09 -2.64 17.50
O6 NAG G . -31.56 -2.25 17.87
O7 NAG G . -24.31 -2.71 19.05
C1 NAG H . -33.73 -24.45 -16.60
C2 NAG H . -32.83 -24.03 -17.75
C3 NAG H . -33.21 -22.64 -18.25
C4 NAG H . -34.68 -22.63 -18.65
C5 NAG H . -35.53 -23.06 -17.45
C6 NAG H . -37.01 -23.15 -17.77
C7 NAG H . -30.54 -24.89 -17.87
C8 NAG H . -29.14 -24.77 -17.34
N2 NAG H . -31.43 -24.05 -17.34
O3 NAG H . -32.41 -22.31 -19.37
O4 NAG H . -35.08 -21.33 -19.08
O5 NAG H . -35.12 -24.36 -17.02
O6 NAG H . -37.23 -23.67 -19.07
O7 NAG H . -30.83 -25.70 -18.74
C1 NAG H . -35.23 -21.36 -20.51
C2 NAG H . -35.79 -20.02 -20.99
C3 NAG H . -35.89 -20.00 -22.51
C4 NAG H . -34.55 -20.34 -23.14
C5 NAG H . -34.05 -21.67 -22.59
C6 NAG H . -32.67 -22.03 -23.08
C7 NAG H . -37.51 -18.52 -20.10
C8 NAG H . -38.88 -18.42 -19.49
N2 NAG H . -37.09 -19.75 -20.39
O3 NAG H . -36.31 -18.70 -22.93
O4 NAG H . -34.69 -20.45 -24.56
O5 NAG H . -33.97 -21.61 -21.16
O6 NAG H . -32.63 -22.10 -24.50
O7 NAG H . -36.83 -17.52 -20.32
C1 NAG I . 19.39 29.00 -15.47
C2 NAG I . 19.27 29.33 -16.96
C3 NAG I . 19.09 28.06 -17.75
C4 NAG I . 20.38 27.24 -17.70
C5 NAG I . 20.92 27.17 -16.26
C6 NAG I . 22.22 27.92 -16.08
C7 NAG I . 16.89 30.02 -16.97
C8 NAG I . 15.94 31.13 -17.31
N2 NAG I . 18.19 30.27 -17.22
O3 NAG I . 18.79 28.37 -19.10
O4 NAG I . 20.11 25.91 -18.14
O5 NAG I . 19.98 27.67 -15.29
O6 NAG I . 23.24 27.42 -16.93
O7 NAG I . 16.50 28.96 -16.50
C1 NAG I . 21.13 25.54 -19.09
C2 NAG I . 21.11 24.01 -19.32
C3 NAG I . 19.82 23.55 -20.00
C4 NAG I . 19.16 24.69 -20.77
C5 NAG I . 20.24 25.55 -21.41
C6 NAG I . 19.67 26.61 -22.33
C7 NAG I . 23.26 22.84 -19.51
C8 NAG I . 23.10 22.49 -18.06
N2 NAG I . 22.27 23.56 -20.05
O3 NAG I . 18.91 23.04 -19.03
O4 NAG I . 18.30 24.17 -21.78
O5 NAG I . 20.97 26.24 -20.39
O6 NAG I . 18.85 27.53 -21.63
O7 NAG I . 24.24 22.47 -20.15
C1 NAG J . 39.47 1.37 12.98
C2 NAG J . 38.68 1.01 14.24
C3 NAG J . 38.67 2.19 15.18
C4 NAG J . 40.09 2.66 15.48
C5 NAG J . 40.93 2.79 14.19
C6 NAG J . 42.40 2.97 14.49
C7 NAG J . 36.97 -0.70 13.82
C8 NAG J . 35.55 -0.97 13.44
N2 NAG J . 37.32 0.59 13.90
O3 NAG J . 37.98 1.81 16.36
O4 NAG J . 40.06 3.92 16.13
O5 NAG J . 40.83 1.63 13.34
O6 NAG J . 42.62 4.12 15.29
O7 NAG J . 37.77 -1.60 14.01
C1 NAG J . 39.86 3.92 17.57
C2 NAG J . 38.81 5.00 17.88
C3 NAG J . 38.51 5.06 19.38
C4 NAG J . 38.14 3.67 19.90
C5 NAG J . 39.21 2.66 19.53
C6 NAG J . 38.85 1.25 19.92
C7 NAG J . 40.27 6.99 17.80
C8 NAG J . 40.49 8.34 17.17
N2 NAG J . 39.20 6.31 17.38
O3 NAG J . 37.46 5.98 19.64
O4 NAG J . 38.03 3.71 21.32
O5 NAG J . 39.43 2.66 18.10
O6 NAG J . 38.08 1.24 21.11
O7 NAG J . 41.03 6.55 18.66
C1 NAG K . -17.48 23.01 13.19
C2 NAG K . -16.81 23.98 14.14
C3 NAG K . -15.85 24.88 13.39
C4 NAG K . -14.87 24.05 12.57
C5 NAG K . -15.62 23.07 11.68
C6 NAG K . -14.71 22.13 10.93
C7 NAG K . -17.56 25.25 16.10
C8 NAG K . -18.68 26.04 16.70
N2 NAG K . -17.79 24.76 14.88
O3 NAG K . -15.14 25.70 14.31
O4 NAG K . -14.06 24.91 11.76
O5 NAG K . -16.49 22.26 12.47
O6 NAG K . -14.37 21.01 11.73
O7 NAG K . -16.50 25.08 16.68
C1 NAG L . -1.59 37.32 -9.55
C2 NAG L . -2.73 37.72 -10.48
C3 NAG L . -4.05 37.77 -9.72
C4 NAG L . -4.29 36.44 -9.01
C5 NAG L . -3.08 36.04 -8.17
C6 NAG L . -3.21 34.65 -7.59
C7 NAG L . -2.28 40.16 -10.50
C8 NAG L . -2.01 41.34 -11.38
N2 NAG L . -2.45 39.00 -11.15
O3 NAG L . -5.11 38.05 -10.62
O4 NAG L . -5.43 36.57 -8.16
O5 NAG L . -1.89 36.04 -8.98
O6 NAG L . -3.33 33.67 -8.62
O7 NAG L . -2.35 40.25 -9.28
#